data_4Z9N
#
_entry.id   4Z9N
#
_cell.length_a   93.990
_cell.length_b   76.930
_cell.length_c   131.470
_cell.angle_alpha   90.00
_cell.angle_beta   94.07
_cell.angle_gamma   90.00
#
_symmetry.space_group_name_H-M   'P 1 21 1'
#
loop_
_entity.id
_entity.type
_entity.pdbx_description
1 polymer 'Amino acid ABC transporter, periplasmic amino acid-binding protein'
2 non-polymer GLUTATHIONE
3 non-polymer 'SODIUM ION'
4 non-polymer 1,2-ETHANEDIOL
5 water water
#
_entity_poly.entity_id   1
_entity_poly.type   'polypeptide(L)'
_entity_poly.pdbx_seq_one_letter_code
;MAHHHHHHADTLSDVKAKGFLQCGVNTGLLGFASPNDKGEWSGFDVDYCRAVASAIFGDPTKVKFTPLNAKERFTALQSG
EVDVLIRNTTWTISRDTSLGLDFAGINYYDGQGFMINSKKLAGINSALQLSGASICVQAGTTTELNMADYFRANKMEYNP
VVFEKIEEANAAYDSGRCDAYTTDQSSLYGVRLALANPDDHVILPEIISKEPFGLTVRQGDARWADVVRWTHNALLNAEE
YGITQANVEEMKKSDNPDIKRLLGAEADTKIGTDLGLDKDWVVKIIKGVGNYGEIFERNIGSGSPLKIARGLNAQWNKGG
LQYGIPVR
;
_entity_poly.pdbx_strand_id   A,B,C,D,E,F
#
# COMPACT_ATOMS: atom_id res chain seq x y z
N ALA A 9 -45.88 0.18 -22.37
CA ALA A 9 -46.37 1.56 -22.23
C ALA A 9 -45.88 2.43 -23.38
N ASP A 10 -46.78 3.26 -23.90
CA ASP A 10 -46.44 4.23 -24.94
C ASP A 10 -47.15 5.55 -24.66
N THR A 11 -46.68 6.27 -23.66
CA THR A 11 -47.26 7.53 -23.26
C THR A 11 -47.27 8.56 -24.39
N LEU A 12 -46.20 8.61 -25.18
CA LEU A 12 -46.16 9.57 -26.27
C LEU A 12 -47.33 9.39 -27.25
N SER A 13 -47.59 8.15 -27.63
CA SER A 13 -48.69 7.85 -28.56
C SER A 13 -50.03 8.21 -27.94
N ASP A 14 -50.18 7.93 -26.65
CA ASP A 14 -51.40 8.26 -25.93
C ASP A 14 -51.62 9.75 -25.90
N VAL A 15 -50.55 10.48 -25.62
CA VAL A 15 -50.62 11.92 -25.56
C VAL A 15 -50.97 12.49 -26.94
N LYS A 16 -50.32 12.00 -28.00
CA LYS A 16 -50.64 12.48 -29.34
C LYS A 16 -52.12 12.25 -29.67
N ALA A 17 -52.64 11.11 -29.23
CA ALA A 17 -54.01 10.72 -29.59
C ALA A 17 -55.06 11.58 -28.89
N LYS A 18 -54.78 12.01 -27.66
CA LYS A 18 -55.78 12.77 -26.93
C LYS A 18 -55.62 14.26 -27.24
N GLY A 19 -54.47 14.62 -27.79
CA GLY A 19 -54.29 15.96 -28.31
C GLY A 19 -53.87 17.02 -27.31
N PHE A 20 -53.52 16.59 -26.10
CA PHE A 20 -53.04 17.51 -25.08
C PHE A 20 -52.19 16.74 -24.09
N LEU A 21 -51.42 17.49 -23.30
CA LEU A 21 -50.59 16.92 -22.27
C LEU A 21 -51.21 17.18 -20.91
N GLN A 22 -51.32 16.15 -20.06
CA GLN A 22 -51.81 16.33 -18.69
C GLN A 22 -50.63 16.41 -17.74
N CYS A 23 -50.51 17.53 -17.05
CA CYS A 23 -49.34 17.79 -16.21
C CYS A 23 -49.67 17.97 -14.75
N GLY A 24 -48.89 17.36 -13.88
CA GLY A 24 -49.04 17.59 -12.45
C GLY A 24 -48.20 18.82 -12.07
N VAL A 25 -48.85 19.83 -11.49
CA VAL A 25 -48.17 21.07 -11.09
C VAL A 25 -48.52 21.46 -9.67
N ASN A 26 -47.93 22.55 -9.20
CA ASN A 26 -48.19 23.03 -7.83
C ASN A 26 -49.64 23.47 -7.64
N THR A 27 -50.12 23.52 -6.39
CA THR A 27 -51.43 24.12 -6.13
C THR A 27 -51.41 25.64 -6.22
N GLY A 28 -50.24 26.23 -6.03
CA GLY A 28 -50.12 27.68 -6.09
C GLY A 28 -48.85 28.19 -5.44
N LEU A 29 -47.86 28.45 -6.26
CA LEU A 29 -46.56 28.91 -5.78
C LEU A 29 -46.08 29.94 -6.77
N LEU A 30 -46.05 31.21 -6.36
CA LEU A 30 -45.72 32.29 -7.27
C LEU A 30 -44.34 32.11 -7.90
N GLY A 31 -44.27 32.32 -9.20
CA GLY A 31 -43.04 32.16 -9.95
C GLY A 31 -42.91 30.80 -10.59
N PHE A 32 -43.48 29.78 -9.95
CA PHE A 32 -43.31 28.41 -10.42
C PHE A 32 -44.54 27.80 -11.05
N ALA A 33 -45.70 27.96 -10.40
CA ALA A 33 -46.96 27.47 -10.95
C ALA A 33 -48.10 28.08 -10.16
N SER A 34 -48.81 29.02 -10.76
CA SER A 34 -49.92 29.68 -10.08
C SER A 34 -51.01 30.02 -11.08
N PRO A 35 -52.28 29.78 -10.69
CA PRO A 35 -53.40 30.12 -11.56
C PRO A 35 -53.91 31.55 -11.32
N ASN A 36 -54.43 32.18 -12.37
CA ASN A 36 -55.13 33.46 -12.18
C ASN A 36 -56.59 33.22 -11.85
N ASP A 37 -57.40 34.29 -11.90
CA ASP A 37 -58.83 34.19 -11.62
C ASP A 37 -59.55 33.24 -12.58
N LYS A 38 -59.10 33.21 -13.83
CA LYS A 38 -59.75 32.41 -14.88
C LYS A 38 -59.25 30.96 -14.88
N GLY A 39 -58.34 30.64 -13.97
CA GLY A 39 -57.79 29.31 -13.92
C GLY A 39 -56.71 29.09 -14.97
N GLU A 40 -56.19 30.20 -15.49
CA GLU A 40 -55.05 30.16 -16.41
C GLU A 40 -53.75 30.07 -15.62
N TRP A 41 -52.84 29.23 -16.09
CA TRP A 41 -51.64 28.92 -15.33
C TRP A 41 -50.38 29.59 -15.87
N SER A 42 -49.51 30.06 -14.98
CA SER A 42 -48.21 30.60 -15.38
C SER A 42 -47.13 30.28 -14.37
N GLY A 43 -45.87 30.43 -14.76
CA GLY A 43 -44.77 30.04 -13.89
C GLY A 43 -43.69 29.28 -14.64
N PHE A 44 -42.55 29.13 -13.98
CA PHE A 44 -41.39 28.40 -14.49
C PHE A 44 -41.70 26.94 -14.81
N ASP A 45 -42.29 26.24 -13.85
CA ASP A 45 -42.61 24.84 -14.03
C ASP A 45 -43.77 24.72 -15.04
N VAL A 46 -44.70 25.66 -15.00
CA VAL A 46 -45.77 25.69 -15.99
C VAL A 46 -45.22 25.81 -17.41
N ASP A 47 -44.25 26.70 -17.60
CA ASP A 47 -43.67 26.90 -18.92
C ASP A 47 -42.91 25.65 -19.36
N TYR A 48 -42.35 24.88 -18.42
CA TYR A 48 -41.71 23.62 -18.76
C TYR A 48 -42.76 22.65 -19.30
N CYS A 49 -43.95 22.64 -18.68
CA CYS A 49 -45.06 21.86 -19.21
C CYS A 49 -45.41 22.32 -20.64
N ARG A 50 -45.46 23.63 -20.85
CA ARG A 50 -45.83 24.16 -22.15
C ARG A 50 -44.75 23.85 -23.17
N ALA A 51 -43.50 23.75 -22.71
CA ALA A 51 -42.41 23.39 -23.62
C ALA A 51 -42.59 21.98 -24.18
N VAL A 52 -42.94 21.03 -23.31
CA VAL A 52 -43.19 19.66 -23.78
C VAL A 52 -44.39 19.66 -24.74
N ALA A 53 -45.45 20.40 -24.42
CA ALA A 53 -46.61 20.45 -25.29
C ALA A 53 -46.22 21.07 -26.62
N SER A 54 -45.33 22.07 -26.57
CA SER A 54 -44.89 22.71 -27.80
C SER A 54 -44.10 21.74 -28.67
N ALA A 55 -43.22 20.95 -28.04
CA ALA A 55 -42.43 19.96 -28.77
C ALA A 55 -43.33 18.97 -29.51
N ILE A 56 -44.44 18.60 -28.88
CA ILE A 56 -45.32 17.57 -29.45
C ILE A 56 -46.35 18.14 -30.42
N PHE A 57 -47.00 19.24 -30.04
CA PHE A 57 -48.16 19.75 -30.78
C PHE A 57 -47.89 21.07 -31.51
N GLY A 58 -46.77 21.71 -31.24
CA GLY A 58 -46.53 23.03 -31.84
C GLY A 58 -47.46 24.09 -31.27
N ASP A 59 -47.94 23.87 -30.06
CA ASP A 59 -48.93 24.74 -29.44
C ASP A 59 -48.84 24.62 -27.93
N PRO A 60 -48.34 25.68 -27.27
CA PRO A 60 -48.11 25.63 -25.82
C PRO A 60 -49.38 25.70 -24.99
N THR A 61 -50.54 25.86 -25.64
CA THR A 61 -51.79 25.90 -24.89
C THR A 61 -52.40 24.51 -24.74
N LYS A 62 -51.78 23.50 -25.37
CA LYS A 62 -52.35 22.15 -25.35
C LYS A 62 -51.95 21.38 -24.10
N VAL A 63 -52.26 21.96 -22.94
N VAL A 63 -52.31 21.94 -22.95
CA VAL A 63 -51.93 21.38 -21.63
CA VAL A 63 -51.98 21.38 -21.66
C VAL A 63 -53.17 21.41 -20.74
C VAL A 63 -53.20 21.40 -20.76
N LYS A 64 -53.33 20.37 -19.94
CA LYS A 64 -54.36 20.38 -18.90
C LYS A 64 -53.59 20.28 -17.59
N PHE A 65 -53.81 21.25 -16.70
CA PHE A 65 -53.07 21.30 -15.44
C PHE A 65 -53.82 20.64 -14.28
N THR A 66 -53.12 19.75 -13.59
CA THR A 66 -53.66 19.15 -12.38
C THR A 66 -52.87 19.61 -11.17
N PRO A 67 -53.46 20.48 -10.34
CA PRO A 67 -52.74 20.96 -9.17
C PRO A 67 -52.63 19.83 -8.13
N LEU A 68 -51.46 19.67 -7.55
CA LEU A 68 -51.21 18.58 -6.59
C LEU A 68 -50.47 19.08 -5.37
N ASN A 69 -50.90 18.66 -4.18
CA ASN A 69 -50.13 19.05 -3.01
C ASN A 69 -48.97 18.08 -2.77
N ALA A 70 -48.20 18.32 -1.72
CA ALA A 70 -46.98 17.57 -1.53
C ALA A 70 -47.25 16.09 -1.26
N LYS A 71 -48.41 15.77 -0.69
CA LYS A 71 -48.73 14.39 -0.33
C LYS A 71 -49.29 13.58 -1.50
N GLU A 72 -50.00 14.23 -2.41
CA GLU A 72 -50.68 13.48 -3.47
C GLU A 72 -49.92 13.43 -4.79
N ARG A 73 -48.86 14.23 -4.91
CA ARG A 73 -48.17 14.41 -6.19
C ARG A 73 -47.65 13.10 -6.84
N PHE A 74 -47.10 12.20 -6.04
CA PHE A 74 -46.49 11.00 -6.63
C PHE A 74 -47.56 10.01 -7.07
N THR A 75 -48.59 9.86 -6.25
N THR A 75 -48.61 9.88 -6.27
CA THR A 75 -49.70 8.99 -6.56
CA THR A 75 -49.68 8.94 -6.60
C THR A 75 -50.34 9.37 -7.90
C THR A 75 -50.43 9.36 -7.86
N ALA A 76 -50.50 10.66 -8.13
CA ALA A 76 -51.13 11.15 -9.37
C ALA A 76 -50.32 10.75 -10.61
N LEU A 77 -48.99 10.78 -10.50
CA LEU A 77 -48.15 10.28 -11.59
C LEU A 77 -48.18 8.75 -11.69
N GLN A 78 -48.10 8.03 -10.57
CA GLN A 78 -48.07 6.57 -10.59
C GLN A 78 -49.30 5.96 -11.24
N SER A 79 -50.44 6.58 -10.99
CA SER A 79 -51.75 6.06 -11.40
C SER A 79 -52.09 6.43 -12.84
N GLY A 80 -51.28 7.30 -13.42
CA GLY A 80 -51.50 7.76 -14.78
C GLY A 80 -52.45 8.93 -14.91
N GLU A 81 -52.88 9.51 -13.78
CA GLU A 81 -53.72 10.69 -13.82
C GLU A 81 -53.00 11.84 -14.54
N VAL A 82 -51.70 11.99 -14.30
CA VAL A 82 -50.91 12.95 -15.07
C VAL A 82 -49.82 12.21 -15.84
N ASP A 83 -49.40 12.80 -16.96
CA ASP A 83 -48.37 12.22 -17.82
C ASP A 83 -46.96 12.57 -17.34
N VAL A 84 -46.82 13.70 -16.67
CA VAL A 84 -45.51 14.14 -16.20
C VAL A 84 -45.73 15.00 -14.97
N LEU A 85 -44.78 14.97 -14.05
CA LEU A 85 -44.86 15.80 -12.85
C LEU A 85 -43.73 16.83 -12.90
N ILE A 86 -44.10 18.11 -13.01
CA ILE A 86 -43.12 19.19 -13.04
C ILE A 86 -43.55 20.17 -11.95
N ARG A 87 -42.97 20.04 -10.76
CA ARG A 87 -43.59 20.64 -9.58
C ARG A 87 -42.60 20.69 -8.43
N ASN A 88 -41.54 21.46 -8.61
CA ASN A 88 -40.52 21.71 -7.58
C ASN A 88 -40.25 20.46 -6.72
N THR A 89 -40.09 19.32 -7.41
CA THR A 89 -39.97 18.03 -6.75
C THR A 89 -38.55 17.49 -6.81
N THR A 90 -37.96 17.26 -5.64
CA THR A 90 -36.55 16.91 -5.54
C THR A 90 -36.30 15.48 -5.97
N TRP A 91 -35.31 15.29 -6.83
CA TRP A 91 -34.79 13.98 -7.19
C TRP A 91 -33.96 13.44 -6.03
N THR A 92 -34.37 12.29 -5.46
CA THR A 92 -33.62 11.63 -4.39
C THR A 92 -33.52 10.14 -4.71
N ILE A 93 -32.61 9.43 -4.05
CA ILE A 93 -32.45 8.02 -4.40
C ILE A 93 -33.75 7.24 -4.10
N SER A 94 -34.38 7.53 -2.97
N SER A 94 -34.37 7.53 -2.95
CA SER A 94 -35.55 6.75 -2.57
CA SER A 94 -35.57 6.81 -2.54
C SER A 94 -36.73 6.98 -3.53
C SER A 94 -36.70 6.98 -3.54
N ARG A 95 -36.86 8.20 -4.05
CA ARG A 95 -37.91 8.48 -5.03
C ARG A 95 -37.58 7.86 -6.39
N ASP A 96 -36.30 7.61 -6.62
CA ASP A 96 -35.83 7.03 -7.88
C ASP A 96 -35.97 5.49 -7.86
N THR A 97 -35.86 4.90 -6.66
CA THR A 97 -35.82 3.45 -6.53
C THR A 97 -37.10 2.77 -6.00
N SER A 98 -37.93 3.49 -5.26
CA SER A 98 -38.98 2.81 -4.51
C SER A 98 -40.40 3.17 -4.94
N LEU A 99 -40.51 4.04 -5.94
CA LEU A 99 -41.82 4.58 -6.33
C LEU A 99 -42.24 4.23 -7.74
N GLY A 100 -41.39 3.52 -8.48
CA GLY A 100 -41.67 3.19 -9.87
C GLY A 100 -41.56 4.41 -10.77
N LEU A 101 -40.71 5.36 -10.37
CA LEU A 101 -40.53 6.64 -11.08
C LEU A 101 -39.11 6.83 -11.57
N ASP A 102 -38.95 7.67 -12.59
CA ASP A 102 -37.64 8.08 -13.10
C ASP A 102 -37.62 9.59 -13.25
N PHE A 103 -36.44 10.13 -13.46
CA PHE A 103 -36.30 11.57 -13.62
C PHE A 103 -35.59 11.86 -14.92
N ALA A 104 -36.19 12.74 -15.72
CA ALA A 104 -35.71 12.98 -17.07
C ALA A 104 -34.73 14.16 -17.15
N GLY A 105 -34.50 14.84 -16.03
CA GLY A 105 -33.61 15.99 -16.04
C GLY A 105 -33.84 16.85 -14.81
N ILE A 106 -32.96 17.82 -14.61
CA ILE A 106 -33.07 18.72 -13.46
C ILE A 106 -33.31 20.13 -14.01
N ASN A 107 -34.50 20.69 -13.85
CA ASN A 107 -34.72 22.00 -14.47
C ASN A 107 -34.39 23.14 -13.54
N TYR A 108 -34.13 22.84 -12.27
CA TYR A 108 -33.76 23.90 -11.32
C TYR A 108 -33.04 23.30 -10.12
N TYR A 109 -31.75 23.65 -9.96
CA TYR A 109 -31.00 23.23 -8.79
C TYR A 109 -31.29 24.18 -7.64
N ASP A 110 -31.83 23.66 -6.54
CA ASP A 110 -32.11 24.50 -5.36
C ASP A 110 -31.51 23.88 -4.09
N GLY A 111 -31.78 24.50 -2.95
CA GLY A 111 -31.38 23.95 -1.68
C GLY A 111 -32.29 24.52 -0.61
N GLN A 112 -32.38 23.83 0.52
CA GLN A 112 -33.34 24.22 1.56
C GLN A 112 -32.83 25.38 2.41
N GLY A 113 -33.70 26.33 2.73
CA GLY A 113 -33.34 27.44 3.60
C GLY A 113 -34.42 27.78 4.60
N PHE A 114 -34.23 28.88 5.33
CA PHE A 114 -35.15 29.33 6.37
C PHE A 114 -35.47 30.81 6.17
N MET A 115 -36.72 31.20 6.40
CA MET A 115 -37.13 32.60 6.27
C MET A 115 -37.73 33.06 7.59
N ILE A 116 -37.44 34.30 7.97
CA ILE A 116 -38.00 34.87 9.20
C ILE A 116 -38.53 36.27 8.92
N ASN A 117 -39.33 36.79 9.84
CA ASN A 117 -39.77 38.18 9.80
C ASN A 117 -38.81 39.02 10.62
N SER A 118 -38.07 39.90 9.95
CA SER A 118 -36.96 40.60 10.60
C SER A 118 -37.44 41.63 11.62
N LYS A 119 -38.68 42.09 11.51
CA LYS A 119 -39.23 42.98 12.54
C LYS A 119 -39.54 42.21 13.81
N LYS A 120 -40.07 41.01 13.65
CA LYS A 120 -40.48 40.21 14.81
C LYS A 120 -39.29 39.50 15.45
N LEU A 121 -38.36 39.04 14.63
CA LEU A 121 -37.19 38.34 15.13
C LEU A 121 -35.93 39.20 14.94
N ALA A 122 -35.87 40.30 15.66
CA ALA A 122 -34.70 41.16 15.60
C ALA A 122 -33.49 40.38 16.09
N GLY A 123 -32.32 40.70 15.56
CA GLY A 123 -31.11 40.01 15.98
C GLY A 123 -30.90 38.60 15.48
N ILE A 124 -31.82 38.07 14.69
CA ILE A 124 -31.63 36.74 14.10
C ILE A 124 -31.12 36.92 12.68
N ASN A 125 -29.91 36.43 12.42
CA ASN A 125 -29.29 36.58 11.12
C ASN A 125 -28.75 35.28 10.56
N SER A 126 -28.88 34.21 11.34
CA SER A 126 -28.38 32.87 10.96
C SER A 126 -29.34 31.77 11.40
N ALA A 127 -29.50 30.73 10.58
CA ALA A 127 -30.31 29.57 10.96
C ALA A 127 -29.80 28.91 12.24
N LEU A 128 -28.51 29.10 12.55
CA LEU A 128 -27.96 28.52 13.76
C LEU A 128 -28.42 29.24 15.02
N GLN A 129 -29.18 30.32 14.86
CA GLN A 129 -29.75 31.02 16.02
C GLN A 129 -31.20 30.60 16.28
N LEU A 130 -31.68 29.56 15.60
CA LEU A 130 -33.10 29.26 15.65
C LEU A 130 -33.52 28.21 16.69
N SER A 131 -32.60 27.83 17.57
CA SER A 131 -32.94 26.85 18.61
C SER A 131 -34.14 27.35 19.45
N GLY A 132 -35.17 26.52 19.55
CA GLY A 132 -36.39 26.89 20.25
C GLY A 132 -37.51 27.41 19.36
N ALA A 133 -37.19 27.68 18.10
CA ALA A 133 -38.18 28.25 17.17
C ALA A 133 -39.27 27.25 16.82
N SER A 134 -40.49 27.78 16.68
CA SER A 134 -41.55 27.04 15.98
C SER A 134 -41.39 27.27 14.49
N ILE A 135 -41.24 26.18 13.74
CA ILE A 135 -40.93 26.26 12.31
C ILE A 135 -41.96 25.50 11.50
N CYS A 136 -42.59 26.17 10.55
CA CYS A 136 -43.59 25.48 9.78
C CYS A 136 -42.94 24.75 8.62
N VAL A 137 -43.47 23.58 8.31
CA VAL A 137 -42.95 22.76 7.23
C VAL A 137 -44.11 21.90 6.76
N GLN A 138 -44.06 21.47 5.51
CA GLN A 138 -45.12 20.59 5.03
C GLN A 138 -44.75 19.13 5.16
N ALA A 139 -45.76 18.31 5.47
CA ALA A 139 -45.62 16.86 5.44
C ALA A 139 -45.34 16.36 4.03
N GLY A 140 -44.72 15.20 3.92
CA GLY A 140 -44.49 14.58 2.63
C GLY A 140 -43.43 15.27 1.81
N THR A 141 -42.46 15.89 2.48
CA THR A 141 -41.38 16.59 1.80
C THR A 141 -40.01 16.13 2.25
N THR A 142 -39.01 16.33 1.39
CA THR A 142 -37.62 16.23 1.83
C THR A 142 -37.36 17.22 2.96
N THR A 143 -38.03 18.36 2.85
CA THR A 143 -37.83 19.51 3.75
C THR A 143 -37.97 19.13 5.21
N GLU A 144 -38.99 18.35 5.52
CA GLU A 144 -39.24 17.95 6.89
C GLU A 144 -38.08 17.14 7.45
N LEU A 145 -37.59 16.19 6.64
CA LEU A 145 -36.52 15.30 7.06
C LEU A 145 -35.18 16.03 7.18
N ASN A 146 -34.85 16.88 6.20
CA ASN A 146 -33.60 17.63 6.26
C ASN A 146 -33.56 18.55 7.45
N MET A 147 -34.69 19.21 7.76
CA MET A 147 -34.69 20.08 8.93
C MET A 147 -34.36 19.29 10.21
N ALA A 148 -34.95 18.10 10.32
CA ALA A 148 -34.68 17.25 11.47
C ALA A 148 -33.18 16.95 11.56
N ASP A 149 -32.57 16.61 10.41
CA ASP A 149 -31.12 16.33 10.36
C ASP A 149 -30.32 17.54 10.82
N TYR A 150 -30.62 18.70 10.26
CA TYR A 150 -29.84 19.93 10.53
C TYR A 150 -29.88 20.34 11.99
N PHE A 151 -31.06 20.28 12.60
CA PHE A 151 -31.16 20.67 13.99
C PHE A 151 -30.49 19.63 14.88
N ARG A 152 -30.62 18.35 14.53
CA ARG A 152 -29.93 17.31 15.29
C ARG A 152 -28.41 17.50 15.21
N ALA A 153 -27.90 17.71 13.99
CA ALA A 153 -26.45 17.83 13.78
C ALA A 153 -25.89 19.03 14.54
N ASN A 154 -26.66 20.11 14.59
CA ASN A 154 -26.17 21.33 15.22
C ASN A 154 -26.67 21.50 16.65
N LYS A 155 -27.15 20.39 17.22
CA LYS A 155 -27.52 20.32 18.63
C LYS A 155 -28.51 21.42 19.00
N MET A 156 -29.45 21.71 18.11
CA MET A 156 -30.48 22.73 18.34
C MET A 156 -31.85 22.11 18.61
N GLU A 157 -32.61 22.72 19.52
CA GLU A 157 -34.01 22.36 19.75
C GLU A 157 -34.91 23.04 18.73
N TYR A 158 -36.03 22.42 18.39
CA TYR A 158 -37.02 23.11 17.58
C TYR A 158 -38.38 22.46 17.65
N ASN A 159 -39.40 23.26 17.36
CA ASN A 159 -40.78 22.80 17.41
C ASN A 159 -41.30 22.80 15.99
N PRO A 160 -41.25 21.63 15.32
CA PRO A 160 -41.78 21.63 13.96
C PRO A 160 -43.29 21.74 14.02
N VAL A 161 -43.87 22.57 13.17
CA VAL A 161 -45.31 22.61 13.01
C VAL A 161 -45.58 22.12 11.61
N VAL A 162 -46.22 20.96 11.51
CA VAL A 162 -46.33 20.27 10.24
C VAL A 162 -47.71 20.50 9.65
N PHE A 163 -47.74 20.93 8.38
CA PHE A 163 -48.98 21.23 7.68
C PHE A 163 -49.16 20.33 6.46
N GLU A 164 -50.41 20.13 6.06
CA GLU A 164 -50.70 19.42 4.83
C GLU A 164 -51.03 20.37 3.68
N LYS A 165 -51.42 21.60 4.01
CA LYS A 165 -51.77 22.57 2.99
C LYS A 165 -50.81 23.77 3.04
N ILE A 166 -50.29 24.19 1.89
CA ILE A 166 -49.37 25.31 1.89
C ILE A 166 -50.04 26.59 2.40
N GLU A 167 -51.33 26.76 2.11
CA GLU A 167 -52.07 27.96 2.54
C GLU A 167 -52.10 28.09 4.07
N GLU A 168 -52.26 26.97 4.75
CA GLU A 168 -52.24 26.93 6.21
C GLU A 168 -50.83 27.22 6.77
N ALA A 169 -49.80 26.67 6.11
CA ALA A 169 -48.44 26.95 6.54
C ALA A 169 -48.13 28.44 6.38
N ASN A 170 -48.49 28.99 5.22
CA ASN A 170 -48.26 30.40 4.94
C ASN A 170 -48.93 31.29 5.98
N ALA A 171 -50.18 30.96 6.30
CA ALA A 171 -50.96 31.73 7.26
C ALA A 171 -50.37 31.66 8.66
N ALA A 172 -49.96 30.47 9.07
CA ALA A 172 -49.43 30.29 10.43
C ALA A 172 -48.09 30.99 10.58
N TYR A 173 -47.29 31.01 9.52
CA TYR A 173 -46.03 31.74 9.56
C TYR A 173 -46.30 33.25 9.52
N ASP A 174 -47.19 33.70 8.64
CA ASP A 174 -47.42 35.13 8.52
C ASP A 174 -48.00 35.73 9.80
N SER A 175 -48.82 34.95 10.51
CA SER A 175 -49.45 35.44 11.73
C SER A 175 -48.47 35.56 12.89
N GLY A 176 -47.34 34.88 12.79
CA GLY A 176 -46.41 34.84 13.91
C GLY A 176 -46.53 33.57 14.74
N ARG A 177 -47.52 32.73 14.41
CA ARG A 177 -47.69 31.45 15.10
C ARG A 177 -46.42 30.61 14.96
N CYS A 178 -45.86 30.60 13.76
CA CYS A 178 -44.53 30.03 13.55
C CYS A 178 -43.48 31.14 13.40
N ASP A 179 -42.30 30.91 13.97
CA ASP A 179 -41.21 31.89 13.98
C ASP A 179 -40.41 31.87 12.68
N ALA A 180 -40.41 30.73 12.02
CA ALA A 180 -39.70 30.60 10.76
C ALA A 180 -40.45 29.69 9.79
N TYR A 181 -40.15 29.87 8.51
CA TYR A 181 -40.72 29.06 7.43
C TYR A 181 -39.55 28.29 6.80
N THR A 182 -39.69 26.99 6.57
CA THR A 182 -38.63 26.30 5.81
C THR A 182 -39.18 25.57 4.59
N THR A 183 -38.47 25.76 3.48
CA THR A 183 -38.69 25.04 2.23
C THR A 183 -37.50 25.38 1.31
N ASP A 184 -37.61 25.01 0.05
CA ASP A 184 -36.57 25.34 -0.92
C ASP A 184 -36.43 26.85 -1.09
N GLN A 185 -35.20 27.34 -1.29
CA GLN A 185 -34.97 28.78 -1.29
C GLN A 185 -35.79 29.50 -2.37
N SER A 186 -35.90 28.93 -3.56
CA SER A 186 -36.66 29.56 -4.63
C SER A 186 -38.14 29.63 -4.25
N SER A 187 -38.61 28.64 -3.48
CA SER A 187 -39.99 28.65 -3.00
C SER A 187 -40.20 29.74 -1.95
N LEU A 188 -39.19 29.96 -1.12
CA LEU A 188 -39.31 31.02 -0.11
C LEU A 188 -39.52 32.39 -0.79
N TYR A 189 -38.89 32.60 -1.94
CA TYR A 189 -39.12 33.83 -2.68
C TYR A 189 -40.58 33.95 -3.06
N GLY A 190 -41.15 32.86 -3.58
CA GLY A 190 -42.54 32.86 -4.00
C GLY A 190 -43.51 33.02 -2.84
N VAL A 191 -43.24 32.30 -1.75
CA VAL A 191 -44.07 32.38 -0.56
C VAL A 191 -44.06 33.80 -0.02
N ARG A 192 -42.87 34.40 0.05
CA ARG A 192 -42.71 35.76 0.56
C ARG A 192 -43.62 36.77 -0.16
N LEU A 193 -43.73 36.65 -1.48
CA LEU A 193 -44.55 37.58 -2.26
C LEU A 193 -46.05 37.46 -1.94
N ALA A 194 -46.46 36.35 -1.32
CA ALA A 194 -47.88 36.17 -0.96
C ALA A 194 -48.21 36.64 0.46
N LEU A 195 -47.18 37.00 1.21
CA LEU A 195 -47.39 37.44 2.61
C LEU A 195 -47.90 38.87 2.70
N ALA A 196 -48.34 39.26 3.89
CA ALA A 196 -48.93 40.57 4.14
C ALA A 196 -47.96 41.71 3.82
N ASN A 197 -46.72 41.56 4.29
CA ASN A 197 -45.71 42.58 4.06
C ASN A 197 -44.42 41.92 3.64
N PRO A 198 -44.31 41.57 2.35
CA PRO A 198 -43.17 40.84 1.82
C PRO A 198 -41.82 41.44 2.21
N ASP A 199 -41.71 42.76 2.28
CA ASP A 199 -40.41 43.38 2.54
C ASP A 199 -39.88 43.07 3.95
N ASP A 200 -40.76 42.63 4.85
CA ASP A 200 -40.36 42.40 6.23
C ASP A 200 -39.68 41.06 6.41
N HIS A 201 -39.61 40.26 5.35
CA HIS A 201 -39.14 38.88 5.47
C HIS A 201 -37.76 38.67 4.86
N VAL A 202 -36.90 38.00 5.63
CA VAL A 202 -35.51 37.79 5.25
C VAL A 202 -35.23 36.30 5.12
N ILE A 203 -34.68 35.90 3.97
CA ILE A 203 -34.19 34.55 3.79
C ILE A 203 -32.77 34.48 4.35
N LEU A 204 -32.58 33.65 5.37
CA LEU A 204 -31.30 33.53 6.06
C LEU A 204 -30.26 32.86 5.14
N PRO A 205 -28.97 33.04 5.44
CA PRO A 205 -27.92 32.63 4.49
C PRO A 205 -27.76 31.12 4.31
N GLU A 206 -28.08 30.35 5.34
CA GLU A 206 -27.77 28.93 5.33
C GLU A 206 -28.56 28.14 4.29
N ILE A 207 -27.87 27.27 3.57
N ILE A 207 -27.86 27.26 3.58
CA ILE A 207 -28.54 26.32 2.69
CA ILE A 207 -28.46 26.31 2.67
C ILE A 207 -28.16 24.95 3.21
C ILE A 207 -28.15 24.93 3.21
N ILE A 208 -29.16 24.16 3.58
CA ILE A 208 -28.89 22.95 4.36
C ILE A 208 -29.06 21.64 3.61
N SER A 209 -29.34 21.70 2.31
CA SER A 209 -29.55 20.48 1.54
C SER A 209 -29.35 20.75 0.06
N LYS A 210 -29.15 19.68 -0.69
CA LYS A 210 -29.30 19.73 -2.15
C LYS A 210 -30.73 19.35 -2.53
N GLU A 211 -31.37 20.19 -3.34
CA GLU A 211 -32.74 19.95 -3.78
C GLU A 211 -32.81 20.13 -5.30
N PRO A 212 -32.30 19.15 -6.06
CA PRO A 212 -32.41 19.28 -7.52
C PRO A 212 -33.85 18.98 -7.94
N PHE A 213 -34.54 19.98 -8.48
CA PHE A 213 -35.91 19.77 -8.95
C PHE A 213 -35.91 18.92 -10.21
N GLY A 214 -36.65 17.82 -10.18
CA GLY A 214 -36.61 16.86 -11.26
C GLY A 214 -37.85 16.82 -12.14
N LEU A 215 -37.64 16.56 -13.42
CA LEU A 215 -38.74 16.34 -14.35
C LEU A 215 -39.17 14.88 -14.20
N THR A 216 -40.31 14.66 -13.59
CA THR A 216 -40.57 13.32 -13.03
C THR A 216 -41.56 12.56 -13.91
N VAL A 217 -41.21 11.32 -14.27
CA VAL A 217 -42.03 10.45 -15.12
C VAL A 217 -42.13 9.04 -14.53
N ARG A 218 -43.05 8.22 -15.05
CA ARG A 218 -43.07 6.82 -14.63
C ARG A 218 -41.89 6.05 -15.23
N GLN A 219 -41.41 5.04 -14.51
CA GLN A 219 -40.49 4.06 -15.10
C GLN A 219 -41.22 3.26 -16.17
N GLY A 220 -40.47 2.59 -17.04
CA GLY A 220 -41.06 1.64 -17.96
C GLY A 220 -41.52 2.21 -19.29
N ASP A 221 -41.10 3.42 -19.60
CA ASP A 221 -41.46 4.04 -20.88
C ASP A 221 -40.35 4.99 -21.32
N ALA A 222 -39.29 4.40 -21.86
CA ALA A 222 -38.08 5.14 -22.18
C ALA A 222 -38.32 6.17 -23.28
N ARG A 223 -39.19 5.83 -24.23
CA ARG A 223 -39.54 6.77 -25.29
C ARG A 223 -40.14 8.07 -24.69
N TRP A 224 -41.02 7.93 -23.69
CA TRP A 224 -41.62 9.10 -23.09
C TRP A 224 -40.59 9.89 -22.29
N ALA A 225 -39.77 9.20 -21.50
CA ALA A 225 -38.71 9.87 -20.76
C ALA A 225 -37.79 10.64 -21.71
N ASP A 226 -37.53 10.04 -22.88
CA ASP A 226 -36.67 10.66 -23.87
C ASP A 226 -37.25 11.99 -24.32
N VAL A 227 -38.56 12.02 -24.56
CA VAL A 227 -39.21 13.24 -25.02
C VAL A 227 -39.07 14.33 -23.97
N VAL A 228 -39.32 14.00 -22.71
CA VAL A 228 -39.24 15.00 -21.66
C VAL A 228 -37.79 15.48 -21.46
N ARG A 229 -36.87 14.52 -21.40
CA ARG A 229 -35.44 14.83 -21.23
C ARG A 229 -34.92 15.73 -22.34
N TRP A 230 -35.31 15.44 -23.58
CA TRP A 230 -34.74 16.20 -24.68
C TRP A 230 -35.45 17.54 -24.91
N THR A 231 -36.68 17.71 -24.43
CA THR A 231 -37.28 19.02 -24.37
C THR A 231 -36.43 19.93 -23.46
N HIS A 232 -36.08 19.40 -22.30
CA HIS A 232 -35.22 20.12 -21.35
C HIS A 232 -33.86 20.45 -21.99
N ASN A 233 -33.22 19.46 -22.59
CA ASN A 233 -31.87 19.71 -23.11
C ASN A 233 -31.93 20.60 -24.35
N ALA A 234 -33.05 20.60 -25.05
CA ALA A 234 -33.21 21.54 -26.15
C ALA A 234 -33.29 22.99 -25.65
N LEU A 235 -34.02 23.21 -24.55
CA LEU A 235 -34.11 24.54 -23.97
C LEU A 235 -32.72 25.06 -23.57
N LEU A 236 -31.91 24.15 -23.03
CA LEU A 236 -30.56 24.50 -22.63
C LEU A 236 -29.67 24.80 -23.83
N ASN A 237 -29.67 23.92 -24.83
CA ASN A 237 -28.82 24.13 -26.01
C ASN A 237 -29.20 25.42 -26.71
N ALA A 238 -30.50 25.69 -26.79
CA ALA A 238 -30.95 26.89 -27.47
C ALA A 238 -30.38 28.14 -26.79
N GLU A 239 -30.46 28.21 -25.46
CA GLU A 239 -29.89 29.38 -24.79
C GLU A 239 -28.37 29.47 -25.01
N GLU A 240 -27.69 28.34 -24.93
CA GLU A 240 -26.24 28.34 -25.11
C GLU A 240 -25.85 28.88 -26.49
N TYR A 241 -26.65 28.52 -27.50
CA TYR A 241 -26.38 28.94 -28.87
C TYR A 241 -27.00 30.30 -29.24
N GLY A 242 -27.63 30.97 -28.30
CA GLY A 242 -28.16 32.31 -28.57
C GLY A 242 -29.46 32.30 -29.38
N ILE A 243 -30.17 31.18 -29.32
CA ILE A 243 -31.44 31.02 -30.03
C ILE A 243 -32.59 31.40 -29.10
N THR A 244 -33.38 32.38 -29.53
CA THR A 244 -34.47 32.91 -28.71
C THR A 244 -35.81 32.79 -29.39
N GLN A 245 -36.88 33.01 -28.62
CA GLN A 245 -38.21 33.01 -29.20
C GLN A 245 -38.27 34.00 -30.37
N ALA A 246 -37.58 35.12 -30.21
CA ALA A 246 -37.63 36.18 -31.21
C ALA A 246 -36.80 35.86 -32.46
N ASN A 247 -35.71 35.11 -32.36
CA ASN A 247 -34.87 34.94 -33.55
C ASN A 247 -34.82 33.52 -34.12
N VAL A 248 -35.59 32.60 -33.54
CA VAL A 248 -35.42 31.19 -33.88
C VAL A 248 -35.72 30.95 -35.36
N GLU A 249 -36.73 31.64 -35.89
CA GLU A 249 -37.06 31.56 -37.31
C GLU A 249 -35.84 31.89 -38.18
N GLU A 250 -35.22 33.04 -37.89
CA GLU A 250 -33.99 33.45 -38.55
C GLU A 250 -32.84 32.45 -38.36
N MET A 251 -32.74 31.89 -37.15
CA MET A 251 -31.65 30.95 -36.82
C MET A 251 -31.70 29.65 -37.61
N LYS A 252 -32.85 29.30 -38.18
CA LYS A 252 -32.95 28.12 -39.05
C LYS A 252 -31.99 28.17 -40.24
N LYS A 253 -31.65 29.38 -40.66
CA LYS A 253 -30.74 29.54 -41.81
C LYS A 253 -29.31 29.81 -41.38
N SER A 254 -28.99 29.56 -40.11
CA SER A 254 -27.66 29.79 -39.58
C SER A 254 -26.58 28.97 -40.30
N ASP A 255 -25.38 29.54 -40.39
CA ASP A 255 -24.24 28.85 -40.97
C ASP A 255 -23.63 27.85 -40.00
N ASN A 256 -23.95 28.03 -38.71
CA ASN A 256 -23.45 27.15 -37.65
C ASN A 256 -24.11 25.78 -37.77
N PRO A 257 -23.30 24.74 -38.06
CA PRO A 257 -23.90 23.39 -38.21
C PRO A 257 -24.57 22.91 -36.92
N ASP A 258 -24.08 23.29 -35.75
CA ASP A 258 -24.75 22.90 -34.51
C ASP A 258 -26.19 23.40 -34.45
N ILE A 259 -26.35 24.67 -34.82
CA ILE A 259 -27.64 25.34 -34.81
C ILE A 259 -28.55 24.76 -35.90
N LYS A 260 -28.01 24.62 -37.11
CA LYS A 260 -28.76 23.99 -38.20
C LYS A 260 -29.26 22.61 -37.76
N ARG A 261 -28.40 21.84 -37.11
CA ARG A 261 -28.78 20.49 -36.67
C ARG A 261 -29.85 20.54 -35.57
N LEU A 262 -29.68 21.43 -34.60
CA LEU A 262 -30.63 21.57 -33.51
C LEU A 262 -32.04 21.91 -34.02
N LEU A 263 -32.10 22.78 -35.02
CA LEU A 263 -33.36 23.35 -35.46
C LEU A 263 -33.96 22.57 -36.63
N GLY A 264 -33.39 21.40 -36.94
CA GLY A 264 -33.94 20.52 -37.96
C GLY A 264 -33.77 20.99 -39.39
N ALA A 265 -32.73 21.79 -39.62
CA ALA A 265 -32.50 22.36 -40.94
C ALA A 265 -31.47 21.54 -41.73
N GLU A 266 -30.82 20.58 -41.08
CA GLU A 266 -29.83 19.75 -41.79
C GLU A 266 -30.54 18.79 -42.72
N ALA A 267 -29.81 18.55 -43.81
N ALA A 267 -30.03 18.52 -43.92
CA ALA A 267 -30.04 17.54 -44.80
CA ALA A 267 -30.87 17.90 -44.99
C ALA A 267 -30.08 16.16 -44.17
C ALA A 267 -31.78 16.66 -44.63
N ASP A 268 -31.14 15.50 -44.58
CA ASP A 268 -31.64 14.20 -44.13
C ASP A 268 -31.52 13.89 -42.64
N THR A 269 -31.67 14.89 -41.79
CA THR A 269 -31.59 14.65 -40.36
C THR A 269 -32.76 13.80 -39.89
N LYS A 270 -32.48 12.92 -38.93
CA LYS A 270 -33.52 12.04 -38.41
C LYS A 270 -33.68 12.22 -36.90
N ILE A 271 -33.18 13.33 -36.36
CA ILE A 271 -33.12 13.50 -34.90
C ILE A 271 -34.51 13.60 -34.32
N GLY A 272 -35.30 14.52 -34.86
CA GLY A 272 -36.67 14.66 -34.39
C GLY A 272 -37.52 13.43 -34.58
N THR A 273 -37.39 12.77 -35.73
CA THR A 273 -38.25 11.62 -36.00
C THR A 273 -37.80 10.38 -35.19
N ASP A 274 -36.50 10.24 -34.90
CA ASP A 274 -36.06 9.17 -34.00
C ASP A 274 -36.59 9.38 -32.57
N LEU A 275 -36.86 10.63 -32.21
CA LEU A 275 -37.38 10.98 -30.89
C LEU A 275 -38.89 10.76 -30.85
N GLY A 276 -39.49 10.58 -32.02
CA GLY A 276 -40.93 10.44 -32.13
C GLY A 276 -41.65 11.74 -32.42
N LEU A 277 -40.90 12.78 -32.77
CA LEU A 277 -41.48 14.09 -33.01
C LEU A 277 -41.27 14.51 -34.47
N ASP A 278 -41.56 15.75 -34.79
CA ASP A 278 -41.29 16.26 -36.14
C ASP A 278 -39.86 16.79 -36.22
N LYS A 279 -39.39 17.03 -37.44
CA LYS A 279 -38.03 17.48 -37.69
C LYS A 279 -37.72 18.80 -36.95
N ASP A 280 -38.70 19.71 -36.93
CA ASP A 280 -38.49 21.02 -36.33
C ASP A 280 -39.01 21.10 -34.89
N TRP A 281 -38.99 19.99 -34.18
CA TRP A 281 -39.45 19.98 -32.79
C TRP A 281 -38.82 21.08 -31.93
N VAL A 282 -37.54 21.39 -32.14
CA VAL A 282 -36.91 22.43 -31.29
C VAL A 282 -37.41 23.82 -31.69
N VAL A 283 -37.63 24.04 -32.97
CA VAL A 283 -38.24 25.32 -33.39
C VAL A 283 -39.58 25.50 -32.67
N LYS A 284 -40.37 24.44 -32.60
CA LYS A 284 -41.68 24.49 -31.95
C LYS A 284 -41.56 24.85 -30.47
N ILE A 285 -40.62 24.20 -29.78
CA ILE A 285 -40.35 24.49 -28.38
C ILE A 285 -40.03 25.98 -28.22
N ILE A 286 -39.05 26.47 -28.97
CA ILE A 286 -38.55 27.80 -28.73
C ILE A 286 -39.59 28.87 -29.13
N LYS A 287 -40.34 28.63 -30.20
CA LYS A 287 -41.46 29.54 -30.52
C LYS A 287 -42.52 29.54 -29.43
N GLY A 288 -42.77 28.37 -28.84
CA GLY A 288 -43.75 28.25 -27.77
C GLY A 288 -43.41 28.97 -26.47
N VAL A 289 -42.17 28.79 -26.00
CA VAL A 289 -41.83 29.29 -24.65
C VAL A 289 -40.51 30.05 -24.56
N GLY A 290 -39.77 30.16 -25.66
CA GLY A 290 -38.40 30.68 -25.61
C GLY A 290 -37.40 29.68 -25.06
N ASN A 291 -36.14 30.08 -24.92
CA ASN A 291 -35.13 29.17 -24.40
C ASN A 291 -35.14 29.15 -22.85
N TYR A 292 -34.25 28.36 -22.26
CA TYR A 292 -34.22 28.19 -20.83
C TYR A 292 -34.09 29.53 -20.10
N GLY A 293 -33.20 30.39 -20.57
CA GLY A 293 -32.96 31.67 -19.91
C GLY A 293 -34.18 32.58 -19.98
N GLU A 294 -34.91 32.49 -21.08
CA GLU A 294 -36.10 33.30 -21.24
C GLU A 294 -37.19 32.86 -20.27
N ILE A 295 -37.32 31.55 -20.10
CA ILE A 295 -38.29 30.98 -19.16
C ILE A 295 -37.90 31.44 -17.76
N PHE A 296 -36.61 31.34 -17.45
CA PHE A 296 -36.11 31.74 -16.13
C PHE A 296 -36.44 33.22 -15.87
N GLU A 297 -36.07 34.07 -16.81
CA GLU A 297 -36.15 35.51 -16.56
C GLU A 297 -37.58 35.98 -16.42
N ARG A 298 -38.50 35.44 -17.23
CA ARG A 298 -39.87 35.98 -17.20
C ARG A 298 -40.62 35.54 -15.93
N ASN A 299 -40.21 34.41 -15.35
CA ASN A 299 -40.97 33.82 -14.26
C ASN A 299 -40.38 34.04 -12.87
N ILE A 300 -39.06 33.92 -12.77
CA ILE A 300 -38.43 33.96 -11.44
C ILE A 300 -37.22 34.87 -11.36
N GLY A 301 -36.78 35.40 -12.52
CA GLY A 301 -35.58 36.21 -12.60
C GLY A 301 -35.86 37.70 -12.71
N SER A 302 -35.07 38.40 -13.54
CA SER A 302 -35.15 39.86 -13.61
C SER A 302 -36.46 40.40 -14.22
N GLY A 303 -37.17 39.55 -14.97
CA GLY A 303 -38.46 39.93 -15.52
C GLY A 303 -39.65 39.59 -14.63
N SER A 304 -39.33 39.25 -13.38
CA SER A 304 -40.34 38.85 -12.41
C SER A 304 -40.18 39.61 -11.10
N PRO A 305 -41.20 39.55 -10.22
CA PRO A 305 -41.04 40.19 -8.90
C PRO A 305 -40.16 39.38 -7.96
N LEU A 306 -39.77 38.18 -8.36
CA LEU A 306 -38.93 37.35 -7.51
C LEU A 306 -37.47 37.76 -7.54
N LYS A 307 -36.97 38.16 -8.71
CA LYS A 307 -35.59 38.61 -8.88
C LYS A 307 -34.55 37.60 -8.38
N ILE A 308 -34.76 36.32 -8.64
CA ILE A 308 -33.78 35.29 -8.28
C ILE A 308 -32.62 35.32 -9.27
N ALA A 309 -31.39 35.35 -8.75
CA ALA A 309 -30.20 35.32 -9.60
C ALA A 309 -30.05 33.94 -10.27
N ARG A 310 -29.49 33.91 -11.47
CA ARG A 310 -29.32 32.62 -12.15
C ARG A 310 -28.53 31.64 -11.28
N GLY A 311 -27.41 32.10 -10.72
CA GLY A 311 -26.63 31.28 -9.80
C GLY A 311 -26.27 29.92 -10.34
N LEU A 312 -26.61 28.87 -9.58
CA LEU A 312 -26.37 27.49 -9.98
C LEU A 312 -27.07 27.13 -11.28
N ASN A 313 -28.13 27.86 -11.60
CA ASN A 313 -28.88 27.56 -12.81
C ASN A 313 -28.46 28.41 -13.99
N ALA A 314 -27.30 29.05 -13.89
CA ALA A 314 -26.64 29.59 -15.09
C ALA A 314 -26.18 28.44 -16.00
N GLN A 315 -25.93 28.77 -17.26
CA GLN A 315 -25.29 27.82 -18.17
C GLN A 315 -23.96 27.33 -17.63
N TRP A 316 -23.62 26.09 -17.97
CA TRP A 316 -22.38 25.44 -17.54
C TRP A 316 -21.15 26.23 -17.90
N ASN A 317 -21.16 26.92 -19.03
CA ASN A 317 -19.97 27.64 -19.44
C ASN A 317 -19.99 29.08 -18.95
N LYS A 318 -20.96 29.40 -18.10
CA LYS A 318 -21.00 30.70 -17.44
C LYS A 318 -21.08 30.55 -15.94
N GLY A 319 -20.54 29.43 -15.43
CA GLY A 319 -20.39 29.25 -14.00
C GLY A 319 -21.47 28.40 -13.34
N GLY A 320 -22.51 28.08 -14.10
CA GLY A 320 -23.63 27.32 -13.57
C GLY A 320 -23.51 25.81 -13.76
N LEU A 321 -24.58 25.10 -13.45
CA LEU A 321 -24.62 23.64 -13.53
C LEU A 321 -25.46 23.16 -14.68
N GLN A 322 -26.17 24.08 -15.36
CA GLN A 322 -27.10 23.67 -16.41
C GLN A 322 -26.35 23.36 -17.71
N TYR A 323 -26.38 22.09 -18.11
CA TYR A 323 -25.52 21.61 -19.19
C TYR A 323 -26.38 20.89 -20.20
N GLY A 324 -26.55 21.50 -21.37
CA GLY A 324 -27.30 20.88 -22.45
C GLY A 324 -26.55 19.75 -23.13
N ILE A 325 -27.01 18.53 -22.93
CA ILE A 325 -26.40 17.35 -23.56
C ILE A 325 -26.54 17.55 -25.07
N PRO A 326 -25.51 17.17 -25.86
CA PRO A 326 -25.52 17.56 -27.27
C PRO A 326 -26.60 16.89 -28.12
N VAL A 327 -27.20 17.69 -28.99
CA VAL A 327 -28.17 17.21 -29.96
C VAL A 327 -27.38 16.85 -31.21
N ARG A 328 -26.91 15.60 -31.21
CA ARG A 328 -25.84 15.09 -32.07
C ARG A 328 -26.15 13.62 -32.38
N HIS B 5 -12.69 -66.17 11.94
CA HIS B 5 -13.05 -64.94 12.65
C HIS B 5 -12.06 -63.80 12.36
N HIS B 6 -11.08 -64.06 11.50
CA HIS B 6 -10.10 -63.05 11.12
C HIS B 6 -10.79 -61.92 10.33
N HIS B 7 -10.41 -60.68 10.62
CA HIS B 7 -11.07 -59.53 10.02
C HIS B 7 -10.13 -58.68 9.17
N HIS B 8 -10.71 -58.02 8.18
CA HIS B 8 -9.99 -57.06 7.34
C HIS B 8 -9.33 -55.94 8.13
N ALA B 9 -8.46 -55.18 7.45
CA ALA B 9 -8.03 -53.85 7.88
C ALA B 9 -7.87 -53.63 9.39
N ASP B 10 -7.19 -54.57 10.05
CA ASP B 10 -6.84 -54.40 11.45
C ASP B 10 -5.36 -54.67 11.62
N THR B 11 -4.57 -53.63 11.37
CA THR B 11 -3.13 -53.75 11.36
C THR B 11 -2.57 -54.00 12.77
N LEU B 12 -3.13 -53.34 13.77
CA LEU B 12 -2.64 -53.55 15.13
C LEU B 12 -2.80 -55.03 15.50
N SER B 13 -3.96 -55.61 15.22
CA SER B 13 -4.17 -57.03 15.59
C SER B 13 -3.20 -57.94 14.84
N ASP B 14 -2.96 -57.65 13.57
CA ASP B 14 -2.03 -58.44 12.78
C ASP B 14 -0.61 -58.33 13.32
N VAL B 15 -0.21 -57.11 13.67
CA VAL B 15 1.14 -56.86 14.16
C VAL B 15 1.29 -57.63 15.47
N LYS B 16 0.32 -57.51 16.36
CA LYS B 16 0.36 -58.22 17.63
C LYS B 16 0.46 -59.73 17.39
N ALA B 17 -0.31 -60.23 16.42
CA ALA B 17 -0.39 -61.66 16.19
C ALA B 17 0.94 -62.22 15.67
N LYS B 18 1.59 -61.49 14.77
CA LYS B 18 2.84 -62.01 14.21
C LYS B 18 4.02 -61.73 15.15
N GLY B 19 3.82 -60.82 16.10
CA GLY B 19 4.80 -60.60 17.15
C GLY B 19 5.90 -59.58 16.90
N PHE B 20 5.79 -58.84 15.80
CA PHE B 20 6.78 -57.80 15.47
C PHE B 20 6.15 -56.81 14.50
N LEU B 21 6.82 -55.66 14.32
CA LEU B 21 6.40 -54.63 13.38
C LEU B 21 7.29 -54.72 12.15
N GLN B 22 6.67 -54.74 10.97
CA GLN B 22 7.41 -54.70 9.70
C GLN B 22 7.47 -53.26 9.17
N CYS B 23 8.67 -52.71 9.03
CA CYS B 23 8.79 -51.28 8.72
C CYS B 23 9.51 -51.02 7.42
N GLY B 24 8.94 -50.14 6.61
CA GLY B 24 9.59 -49.68 5.39
C GLY B 24 10.56 -48.56 5.76
N VAL B 25 11.84 -48.76 5.43
CA VAL B 25 12.87 -47.77 5.79
C VAL B 25 13.80 -47.55 4.61
N ASN B 26 14.80 -46.70 4.82
CA ASN B 26 15.73 -46.31 3.73
C ASN B 26 16.64 -47.47 3.35
N THR B 27 17.23 -47.42 2.16
CA THR B 27 18.23 -48.44 1.81
C THR B 27 19.53 -48.20 2.56
N GLY B 28 19.78 -46.93 2.90
CA GLY B 28 21.00 -46.54 3.59
C GLY B 28 21.26 -45.04 3.54
N LEU B 29 20.90 -44.34 4.61
CA LEU B 29 21.10 -42.89 4.69
C LEU B 29 21.58 -42.55 6.10
N LEU B 30 22.85 -42.13 6.21
CA LEU B 30 23.45 -41.91 7.53
C LEU B 30 22.66 -40.90 8.34
N GLY B 31 22.38 -41.25 9.60
CA GLY B 31 21.62 -40.37 10.47
C GLY B 31 20.13 -40.73 10.53
N PHE B 32 19.60 -41.23 9.42
CA PHE B 32 18.17 -41.52 9.33
C PHE B 32 17.81 -43.00 9.33
N ALA B 33 18.49 -43.81 8.51
CA ALA B 33 18.29 -45.27 8.55
C ALA B 33 19.42 -45.93 7.81
N SER B 34 20.27 -46.66 8.55
N SER B 34 20.28 -46.63 8.54
CA SER B 34 21.45 -47.26 7.95
CA SER B 34 21.42 -47.28 7.91
C SER B 34 21.80 -48.57 8.67
C SER B 34 21.77 -48.57 8.65
N PRO B 35 22.06 -49.64 7.89
CA PRO B 35 22.46 -50.93 8.48
C PRO B 35 23.97 -51.02 8.60
N ASN B 36 24.48 -51.61 9.67
CA ASN B 36 25.91 -51.87 9.71
C ASN B 36 26.21 -53.15 8.93
N ASP B 37 27.46 -53.61 9.04
CA ASP B 37 27.95 -54.83 8.41
C ASP B 37 27.13 -56.08 8.78
N LYS B 38 26.57 -56.09 9.98
CA LYS B 38 25.86 -57.27 10.49
C LYS B 38 24.36 -57.14 10.28
N GLY B 39 23.95 -56.05 9.65
CA GLY B 39 22.56 -55.82 9.37
C GLY B 39 21.79 -55.25 10.54
N GLU B 40 22.49 -54.64 11.50
CA GLU B 40 21.80 -53.92 12.57
C GLU B 40 21.52 -52.50 12.11
N TRP B 41 20.27 -52.08 12.28
CA TRP B 41 19.79 -50.78 11.82
C TRP B 41 19.83 -49.70 12.89
N SER B 42 20.15 -48.47 12.47
CA SER B 42 20.11 -47.34 13.38
C SER B 42 19.80 -46.06 12.62
N GLY B 43 19.40 -45.04 13.36
CA GLY B 43 19.06 -43.78 12.74
C GLY B 43 17.80 -43.20 13.35
N PHE B 44 17.51 -41.96 12.96
CA PHE B 44 16.36 -41.19 13.43
C PHE B 44 15.04 -41.87 13.10
N ASP B 45 14.87 -42.23 11.83
CA ASP B 45 13.65 -42.92 11.38
C ASP B 45 13.60 -44.37 11.92
N VAL B 46 14.75 -45.02 12.04
CA VAL B 46 14.80 -46.36 12.65
C VAL B 46 14.32 -46.29 14.10
N ASP B 47 14.75 -45.25 14.83
CA ASP B 47 14.32 -45.13 16.23
C ASP B 47 12.82 -44.86 16.31
N TYR B 48 12.26 -44.14 15.33
CA TYR B 48 10.81 -43.97 15.30
C TYR B 48 10.12 -45.33 15.11
N CYS B 49 10.67 -46.18 14.26
CA CYS B 49 10.12 -47.54 14.11
C CYS B 49 10.19 -48.28 15.45
N ARG B 50 11.33 -48.20 16.10
CA ARG B 50 11.49 -48.88 17.39
C ARG B 50 10.57 -48.27 18.46
N ALA B 51 10.20 -47.01 18.29
CA ALA B 51 9.27 -46.37 19.22
C ALA B 51 7.89 -47.02 19.13
N VAL B 52 7.43 -47.29 17.90
CA VAL B 52 6.14 -47.92 17.69
C VAL B 52 6.19 -49.36 18.22
N ALA B 53 7.27 -50.06 17.92
CA ALA B 53 7.45 -51.41 18.44
C ALA B 53 7.44 -51.44 19.98
N SER B 54 8.06 -50.44 20.60
CA SER B 54 8.10 -50.34 22.05
C SER B 54 6.69 -50.12 22.59
N ALA B 55 5.95 -49.23 21.93
CA ALA B 55 4.58 -48.93 22.35
C ALA B 55 3.70 -50.17 22.37
N ILE B 56 3.93 -51.08 21.43
CA ILE B 56 3.08 -52.26 21.25
C ILE B 56 3.56 -53.46 22.07
N PHE B 57 4.86 -53.72 21.98
CA PHE B 57 5.46 -54.92 22.56
C PHE B 57 6.30 -54.67 23.80
N GLY B 58 6.59 -53.41 24.13
CA GLY B 58 7.50 -53.13 25.22
C GLY B 58 8.93 -53.56 24.91
N ASP B 59 9.27 -53.62 23.64
CA ASP B 59 10.58 -54.13 23.23
C ASP B 59 10.95 -53.49 21.88
N PRO B 60 11.97 -52.60 21.88
CA PRO B 60 12.31 -51.88 20.64
C PRO B 60 12.96 -52.76 19.58
N THR B 61 13.27 -54.03 19.89
CA THR B 61 13.85 -54.90 18.88
C THR B 61 12.77 -55.74 18.18
N LYS B 62 11.51 -55.59 18.57
CA LYS B 62 10.44 -56.35 17.92
C LYS B 62 10.05 -55.67 16.62
N VAL B 63 11.04 -55.55 15.75
CA VAL B 63 10.86 -54.87 14.48
C VAL B 63 11.69 -55.60 13.43
N LYS B 64 11.16 -55.69 12.20
CA LYS B 64 11.96 -56.15 11.06
C LYS B 64 11.95 -55.04 10.03
N PHE B 65 13.06 -54.86 9.34
CA PHE B 65 13.23 -53.73 8.44
C PHE B 65 13.27 -54.13 6.98
N THR B 66 12.50 -53.40 6.18
CA THR B 66 12.44 -53.56 4.74
C THR B 66 13.07 -52.32 4.09
N PRO B 67 14.31 -52.47 3.57
CA PRO B 67 14.92 -51.31 2.89
C PRO B 67 14.23 -51.03 1.57
N LEU B 68 13.92 -49.76 1.30
CA LEU B 68 13.16 -49.36 0.13
C LEU B 68 13.75 -48.17 -0.61
N ASN B 69 13.97 -48.36 -1.90
N ASN B 69 14.02 -48.33 -1.90
CA ASN B 69 14.37 -47.31 -2.83
CA ASN B 69 14.46 -47.17 -2.65
C ASN B 69 13.21 -46.31 -3.00
C ASN B 69 13.25 -46.29 -2.94
N ALA B 70 13.53 -45.10 -3.46
CA ALA B 70 12.52 -44.06 -3.58
C ALA B 70 11.36 -44.45 -4.46
N LYS B 71 11.60 -45.36 -5.42
CA LYS B 71 10.54 -45.77 -6.34
C LYS B 71 9.68 -46.92 -5.83
N GLU B 72 10.14 -47.67 -4.84
CA GLU B 72 9.38 -48.82 -4.40
C GLU B 72 8.70 -48.62 -3.06
N ARG B 73 9.00 -47.51 -2.37
CA ARG B 73 8.51 -47.34 -1.00
C ARG B 73 6.97 -47.31 -0.91
N PHE B 74 6.30 -46.68 -1.87
CA PHE B 74 4.85 -46.56 -1.72
C PHE B 74 4.14 -47.87 -2.04
N THR B 75 4.58 -48.59 -3.09
N THR B 75 4.58 -48.56 -3.08
CA THR B 75 3.93 -49.87 -3.41
CA THR B 75 3.98 -49.85 -3.42
C THR B 75 4.11 -50.87 -2.27
C THR B 75 4.10 -50.83 -2.25
N ALA B 76 5.24 -50.81 -1.56
CA ALA B 76 5.48 -51.73 -0.44
C ALA B 76 4.48 -51.52 0.69
N LEU B 77 4.15 -50.26 0.94
CA LEU B 77 3.18 -49.95 1.97
C LEU B 77 1.77 -50.26 1.45
N GLN B 78 1.46 -49.84 0.22
CA GLN B 78 0.14 -50.11 -0.36
C GLN B 78 -0.23 -51.58 -0.31
N SER B 79 0.74 -52.43 -0.60
CA SER B 79 0.48 -53.85 -0.78
C SER B 79 0.36 -54.60 0.53
N GLY B 80 0.73 -53.94 1.63
CA GLY B 80 0.71 -54.59 2.92
C GLY B 80 2.03 -55.27 3.26
N GLU B 81 3.01 -55.13 2.37
CA GLU B 81 4.30 -55.76 2.64
C GLU B 81 4.97 -55.14 3.88
N VAL B 82 4.80 -53.83 4.09
CA VAL B 82 5.20 -53.22 5.36
C VAL B 82 3.98 -52.62 6.05
N ASP B 83 4.06 -52.50 7.37
CA ASP B 83 2.97 -51.97 8.17
C ASP B 83 2.96 -50.43 8.27
N VAL B 84 4.12 -49.82 8.15
CA VAL B 84 4.28 -48.38 8.25
C VAL B 84 5.53 -48.02 7.47
N LEU B 85 5.56 -46.81 6.92
CA LEU B 85 6.71 -46.33 6.16
C LEU B 85 7.24 -45.09 6.86
N ILE B 86 8.46 -45.19 7.37
CA ILE B 86 9.12 -44.10 8.11
C ILE B 86 10.47 -43.97 7.43
N ARG B 87 10.55 -43.04 6.48
CA ARG B 87 11.64 -43.09 5.51
C ARG B 87 11.79 -41.76 4.76
N ASN B 88 12.09 -40.70 5.53
CA ASN B 88 12.33 -39.36 4.98
C ASN B 88 11.41 -39.03 3.80
N THR B 89 10.12 -39.30 4.00
CA THR B 89 9.12 -39.25 2.93
C THR B 89 8.18 -38.09 3.14
N THR B 90 8.19 -37.16 2.19
CA THR B 90 7.44 -35.91 2.30
C THR B 90 5.94 -36.12 2.14
N TRP B 91 5.20 -35.57 3.08
CA TRP B 91 3.75 -35.45 3.01
C TRP B 91 3.39 -34.40 1.97
N THR B 92 2.72 -34.82 0.90
CA THR B 92 2.19 -33.88 -0.09
C THR B 92 0.75 -34.20 -0.37
N ILE B 93 0.04 -33.28 -1.02
CA ILE B 93 -1.39 -33.54 -1.30
C ILE B 93 -1.55 -34.75 -2.21
N SER B 94 -0.71 -34.90 -3.22
CA SER B 94 -0.93 -35.99 -4.15
C SER B 94 -0.67 -37.37 -3.52
N ARG B 95 0.28 -37.45 -2.58
CA ARG B 95 0.53 -38.71 -1.89
C ARG B 95 -0.59 -39.02 -0.90
N ASP B 96 -1.24 -37.97 -0.41
CA ASP B 96 -2.31 -38.07 0.58
C ASP B 96 -3.64 -38.45 -0.09
N THR B 97 -3.78 -38.18 -1.39
CA THR B 97 -5.07 -38.41 -2.05
C THR B 97 -5.04 -39.53 -3.07
N SER B 98 -4.01 -39.55 -3.89
CA SER B 98 -4.02 -40.44 -5.06
C SER B 98 -3.37 -41.81 -4.80
N LEU B 99 -2.65 -41.94 -3.69
CA LEU B 99 -1.94 -43.19 -3.41
C LEU B 99 -2.65 -44.07 -2.38
N GLY B 100 -3.78 -43.59 -1.85
CA GLY B 100 -4.50 -44.36 -0.85
C GLY B 100 -3.76 -44.45 0.48
N LEU B 101 -2.97 -43.41 0.76
CA LEU B 101 -2.17 -43.32 1.98
C LEU B 101 -2.64 -42.19 2.89
N ASP B 102 -2.30 -42.30 4.17
CA ASP B 102 -2.50 -41.26 5.15
C ASP B 102 -1.19 -41.00 5.88
N PHE B 103 -1.14 -39.88 6.59
CA PHE B 103 0.06 -39.51 7.32
C PHE B 103 -0.29 -39.24 8.77
N ALA B 104 0.44 -39.88 9.68
CA ALA B 104 0.04 -39.87 11.08
C ALA B 104 0.76 -38.78 11.90
N GLY B 105 1.67 -38.07 11.27
CA GLY B 105 2.40 -37.02 11.96
C GLY B 105 3.63 -36.69 11.14
N ILE B 106 4.28 -35.58 11.50
CA ILE B 106 5.49 -35.11 10.84
C ILE B 106 6.63 -35.22 11.85
N ASN B 107 7.55 -36.15 11.64
CA ASN B 107 8.61 -36.33 12.64
C ASN B 107 9.85 -35.50 12.36
N TYR B 108 9.90 -34.91 11.17
CA TYR B 108 11.00 -34.02 10.83
C TYR B 108 10.61 -33.04 9.73
N TYR B 109 10.66 -31.74 10.03
CA TYR B 109 10.41 -30.71 9.03
C TYR B 109 11.71 -30.41 8.29
N ASP B 110 11.73 -30.63 6.99
CA ASP B 110 12.95 -30.31 6.23
C ASP B 110 12.57 -29.45 5.01
N GLY B 111 13.56 -29.21 4.16
CA GLY B 111 13.37 -28.44 2.94
C GLY B 111 14.46 -28.81 1.96
N GLN B 112 14.22 -28.62 0.66
CA GLN B 112 15.19 -29.07 -0.35
C GLN B 112 16.33 -28.07 -0.53
N GLY B 113 17.56 -28.58 -0.66
CA GLY B 113 18.70 -27.71 -0.90
C GLY B 113 19.68 -28.28 -1.90
N PHE B 114 20.80 -27.60 -2.05
CA PHE B 114 21.83 -27.97 -3.02
C PHE B 114 23.18 -28.06 -2.35
N MET B 115 24.01 -29.01 -2.80
CA MET B 115 25.35 -29.18 -2.25
C MET B 115 26.35 -29.19 -3.40
N ILE B 116 27.51 -28.57 -3.18
CA ILE B 116 28.56 -28.55 -4.20
C ILE B 116 29.89 -28.88 -3.57
N ASN B 117 30.84 -29.27 -4.41
CA ASN B 117 32.22 -29.42 -3.99
C ASN B 117 32.85 -28.05 -4.14
N SER B 118 33.13 -27.40 -3.02
CA SER B 118 33.64 -26.04 -3.07
C SER B 118 35.05 -25.95 -3.67
N LYS B 119 35.78 -27.06 -3.73
CA LYS B 119 37.11 -27.05 -4.33
C LYS B 119 37.02 -27.18 -5.85
N LYS B 120 35.98 -27.86 -6.32
CA LYS B 120 35.75 -27.99 -7.75
C LYS B 120 35.03 -26.74 -8.28
N LEU B 121 34.00 -26.30 -7.56
CA LEU B 121 33.23 -25.12 -7.94
C LEU B 121 33.56 -23.92 -7.06
N ALA B 122 34.75 -23.37 -7.22
CA ALA B 122 35.13 -22.18 -6.46
C ALA B 122 34.25 -20.99 -6.81
N GLY B 123 34.03 -20.11 -5.85
CA GLY B 123 33.28 -18.89 -6.11
C GLY B 123 31.77 -19.01 -6.09
N ILE B 124 31.28 -20.24 -5.95
CA ILE B 124 29.84 -20.44 -5.86
C ILE B 124 29.40 -20.50 -4.40
N ASN B 125 28.54 -19.56 -4.00
CA ASN B 125 27.99 -19.57 -2.65
C ASN B 125 26.47 -19.44 -2.65
N SER B 126 25.84 -19.52 -3.82
CA SER B 126 24.38 -19.43 -3.89
C SER B 126 23.82 -20.34 -4.98
N ALA B 127 22.69 -21.00 -4.71
CA ALA B 127 22.03 -21.82 -5.71
C ALA B 127 21.59 -21.00 -6.93
N LEU B 128 21.52 -19.67 -6.79
CA LEU B 128 21.14 -18.83 -7.92
C LEU B 128 22.29 -18.60 -8.90
N GLN B 129 23.43 -19.22 -8.60
CA GLN B 129 24.60 -19.18 -9.47
C GLN B 129 24.78 -20.50 -10.23
N LEU B 130 23.82 -21.42 -10.11
CA LEU B 130 23.88 -22.76 -10.72
C LEU B 130 23.34 -22.88 -12.16
N SER B 131 23.18 -21.76 -12.87
CA SER B 131 22.56 -21.84 -14.19
C SER B 131 23.44 -22.67 -15.10
N GLY B 132 22.86 -23.69 -15.72
CA GLY B 132 23.61 -24.53 -16.63
C GLY B 132 24.28 -25.72 -15.96
N ALA B 133 24.38 -25.68 -14.64
CA ALA B 133 25.08 -26.74 -13.91
C ALA B 133 24.36 -28.07 -14.04
N SER B 134 25.14 -29.16 -14.09
CA SER B 134 24.56 -30.49 -14.08
C SER B 134 24.29 -30.85 -12.64
N ILE B 135 23.05 -31.21 -12.35
CA ILE B 135 22.68 -31.45 -10.96
C ILE B 135 22.04 -32.82 -10.80
N CYS B 136 22.64 -33.67 -9.96
N CYS B 136 22.68 -33.64 -9.98
CA CYS B 136 22.08 -34.99 -9.81
CA CYS B 136 22.23 -35.01 -9.73
C CYS B 136 20.91 -34.98 -8.86
C CYS B 136 20.97 -35.03 -8.83
N VAL B 137 19.97 -35.86 -9.16
CA VAL B 137 18.74 -35.99 -8.39
C VAL B 137 18.20 -37.41 -8.58
N GLN B 138 17.48 -37.93 -7.60
CA GLN B 138 16.86 -39.25 -7.76
C GLN B 138 15.48 -39.20 -8.36
N ALA B 139 15.19 -40.17 -9.22
CA ALA B 139 13.85 -40.34 -9.76
C ALA B 139 12.90 -40.73 -8.64
N GLY B 140 11.61 -40.47 -8.84
CA GLY B 140 10.60 -40.86 -7.88
C GLY B 140 10.60 -40.07 -6.60
N THR B 141 11.02 -38.80 -6.68
CA THR B 141 11.06 -37.90 -5.53
C THR B 141 10.33 -36.56 -5.72
N THR B 142 9.96 -35.92 -4.62
CA THR B 142 9.52 -34.51 -4.70
C THR B 142 10.68 -33.65 -5.24
N THR B 143 11.87 -34.04 -4.86
CA THR B 143 13.10 -33.31 -5.17
C THR B 143 13.24 -32.98 -6.66
N GLU B 144 12.99 -33.99 -7.49
CA GLU B 144 13.09 -33.83 -8.92
C GLU B 144 12.10 -32.76 -9.40
N LEU B 145 10.87 -32.81 -8.90
CA LEU B 145 9.85 -31.87 -9.35
C LEU B 145 10.16 -30.45 -8.89
N ASN B 146 10.61 -30.30 -7.64
CA ASN B 146 10.85 -28.95 -7.13
C ASN B 146 12.02 -28.31 -7.86
N MET B 147 13.02 -29.09 -8.23
CA MET B 147 14.19 -28.46 -8.86
C MET B 147 13.79 -27.83 -10.20
N ALA B 148 13.01 -28.54 -10.99
CA ALA B 148 12.52 -27.98 -12.24
C ALA B 148 11.79 -26.63 -12.01
N ASP B 149 10.95 -26.58 -10.98
CA ASP B 149 10.23 -25.34 -10.66
C ASP B 149 11.16 -24.20 -10.32
N TYR B 150 12.18 -24.49 -9.51
CA TYR B 150 13.09 -23.46 -9.04
C TYR B 150 13.90 -22.88 -10.19
N PHE B 151 14.33 -23.74 -11.10
CA PHE B 151 15.11 -23.27 -12.25
C PHE B 151 14.22 -22.51 -13.23
N ARG B 152 13.00 -22.99 -13.41
CA ARG B 152 12.02 -22.29 -14.26
C ARG B 152 11.73 -20.89 -13.73
N ALA B 153 11.40 -20.81 -12.43
CA ALA B 153 11.02 -19.55 -11.80
C ALA B 153 12.16 -18.54 -11.82
N ASN B 154 13.38 -19.01 -11.69
CA ASN B 154 14.51 -18.09 -11.59
C ASN B 154 15.27 -17.95 -12.89
N LYS B 155 14.68 -18.48 -13.96
CA LYS B 155 15.24 -18.33 -15.30
C LYS B 155 16.69 -18.82 -15.38
N MET B 156 16.97 -19.95 -14.73
CA MET B 156 18.26 -20.62 -14.90
C MET B 156 18.17 -21.80 -15.82
N GLU B 157 19.22 -21.98 -16.62
CA GLU B 157 19.30 -23.13 -17.52
C GLU B 157 19.30 -24.42 -16.76
N TYR B 158 18.41 -25.33 -17.15
CA TYR B 158 18.08 -26.50 -16.37
C TYR B 158 18.68 -27.77 -16.98
N ASN B 159 19.62 -28.39 -16.27
CA ASN B 159 20.29 -29.62 -16.72
C ASN B 159 20.31 -30.68 -15.61
N PRO B 160 19.15 -31.26 -15.30
CA PRO B 160 19.07 -32.35 -14.33
C PRO B 160 19.80 -33.59 -14.85
N VAL B 161 20.34 -34.37 -13.92
CA VAL B 161 20.83 -35.69 -14.24
C VAL B 161 20.15 -36.64 -13.27
N VAL B 162 19.27 -37.48 -13.80
CA VAL B 162 18.36 -38.28 -12.97
C VAL B 162 18.88 -39.70 -12.76
N PHE B 163 18.93 -40.13 -11.51
CA PHE B 163 19.42 -41.48 -11.18
C PHE B 163 18.37 -42.34 -10.51
N GLU B 164 18.44 -43.65 -10.74
CA GLU B 164 17.45 -44.56 -10.17
C GLU B 164 17.79 -44.97 -8.76
N LYS B 165 19.08 -44.98 -8.43
CA LYS B 165 19.53 -45.45 -7.12
C LYS B 165 20.43 -44.41 -6.47
N ILE B 166 20.33 -44.30 -5.15
CA ILE B 166 21.12 -43.30 -4.43
C ILE B 166 22.63 -43.52 -4.63
N GLU B 167 23.08 -44.78 -4.68
CA GLU B 167 24.51 -45.05 -4.84
C GLU B 167 25.03 -44.48 -6.15
N GLU B 168 24.21 -44.57 -7.19
CA GLU B 168 24.56 -44.07 -8.52
C GLU B 168 24.67 -42.55 -8.50
N ALA B 169 23.75 -41.90 -7.79
CA ALA B 169 23.80 -40.45 -7.69
C ALA B 169 25.04 -40.02 -6.91
N ASN B 170 25.34 -40.74 -5.83
CA ASN B 170 26.49 -40.38 -5.01
C ASN B 170 27.76 -40.51 -5.81
N ALA B 171 27.88 -41.57 -6.59
CA ALA B 171 29.09 -41.82 -7.35
C ALA B 171 29.29 -40.75 -8.43
N ALA B 172 28.22 -40.37 -9.12
CA ALA B 172 28.31 -39.38 -10.17
C ALA B 172 28.71 -38.00 -9.64
N TYR B 173 28.14 -37.62 -8.51
CA TYR B 173 28.48 -36.37 -7.86
C TYR B 173 29.93 -36.39 -7.31
N ASP B 174 30.28 -37.46 -6.60
CA ASP B 174 31.58 -37.53 -5.92
C ASP B 174 32.72 -37.53 -6.93
N SER B 175 32.47 -38.08 -8.10
CA SER B 175 33.50 -38.18 -9.14
C SER B 175 33.66 -36.87 -9.89
N GLY B 176 32.76 -35.93 -9.64
CA GLY B 176 32.77 -34.67 -10.36
C GLY B 176 32.10 -34.69 -11.71
N ARG B 177 31.47 -35.80 -12.09
CA ARG B 177 30.67 -35.84 -13.31
C ARG B 177 29.46 -34.90 -13.27
N CYS B 178 28.84 -34.78 -12.09
CA CYS B 178 27.81 -33.78 -11.82
C CYS B 178 28.43 -32.60 -11.07
N ASP B 179 27.88 -31.40 -11.25
CA ASP B 179 28.36 -30.21 -10.54
C ASP B 179 27.74 -30.06 -9.16
N ALA B 180 26.53 -30.57 -9.01
CA ALA B 180 25.82 -30.40 -7.73
C ALA B 180 24.88 -31.56 -7.44
N TYR B 181 24.47 -31.64 -6.17
CA TYR B 181 23.63 -32.71 -5.66
C TYR B 181 22.43 -32.01 -5.06
N THR B 182 21.22 -32.49 -5.36
CA THR B 182 20.08 -31.92 -4.66
C THR B 182 19.25 -33.01 -3.99
N THR B 183 18.84 -32.72 -2.76
CA THR B 183 17.86 -33.50 -1.97
C THR B 183 17.52 -32.70 -0.71
N ASP B 184 16.81 -33.31 0.23
CA ASP B 184 16.47 -32.62 1.49
C ASP B 184 17.75 -32.26 2.23
N GLN B 185 17.73 -31.12 2.91
N GLN B 185 17.74 -31.11 2.91
CA GLN B 185 18.95 -30.61 3.54
CA GLN B 185 18.94 -30.61 3.56
C GLN B 185 19.51 -31.61 4.56
C GLN B 185 19.51 -31.62 4.54
N SER B 186 18.66 -32.24 5.35
CA SER B 186 19.16 -33.19 6.37
C SER B 186 19.77 -34.40 5.68
N SER B 187 19.27 -34.75 4.50
CA SER B 187 19.83 -35.86 3.73
C SER B 187 21.17 -35.47 3.10
N LEU B 188 21.32 -34.20 2.72
CA LEU B 188 22.62 -33.71 2.24
C LEU B 188 23.72 -33.90 3.30
N TYR B 189 23.39 -33.61 4.57
CA TYR B 189 24.32 -33.93 5.65
C TYR B 189 24.72 -35.40 5.64
N GLY B 190 23.74 -36.30 5.50
CA GLY B 190 24.00 -37.73 5.53
C GLY B 190 24.82 -38.22 4.34
N VAL B 191 24.44 -37.75 3.15
CA VAL B 191 25.17 -38.10 1.94
C VAL B 191 26.62 -37.62 2.02
N ARG B 192 26.81 -36.38 2.48
CA ARG B 192 28.13 -35.77 2.53
C ARG B 192 29.11 -36.62 3.35
N LEU B 193 28.60 -37.20 4.42
CA LEU B 193 29.43 -38.05 5.31
C LEU B 193 29.91 -39.34 4.63
N ALA B 194 29.23 -39.76 3.57
CA ALA B 194 29.59 -40.99 2.87
C ALA B 194 30.54 -40.74 1.69
N LEU B 195 30.85 -39.48 1.40
CA LEU B 195 31.68 -39.17 0.23
C LEU B 195 33.16 -39.29 0.56
N ALA B 196 34.01 -39.28 -0.48
CA ALA B 196 35.44 -39.50 -0.30
C ALA B 196 36.07 -38.45 0.63
N ASN B 197 35.74 -37.17 0.42
CA ASN B 197 36.28 -36.10 1.25
C ASN B 197 35.16 -35.19 1.72
N PRO B 198 34.47 -35.57 2.80
CA PRO B 198 33.29 -34.83 3.24
C PRO B 198 33.50 -33.32 3.41
N ASP B 199 34.68 -32.92 3.87
CA ASP B 199 34.94 -31.51 4.15
C ASP B 199 35.02 -30.63 2.91
N ASP B 200 35.18 -31.24 1.73
CA ASP B 200 35.16 -30.45 0.49
C ASP B 200 33.75 -29.96 0.11
N HIS B 201 32.72 -30.44 0.80
CA HIS B 201 31.36 -30.19 0.33
C HIS B 201 30.59 -29.18 1.17
N VAL B 202 29.94 -28.26 0.46
CA VAL B 202 29.25 -27.13 1.07
C VAL B 202 27.78 -27.21 0.72
N ILE B 203 26.92 -27.17 1.73
CA ILE B 203 25.48 -27.06 1.49
C ILE B 203 25.14 -25.59 1.29
N LEU B 204 24.67 -25.23 0.11
CA LEU B 204 24.33 -23.84 -0.19
C LEU B 204 23.13 -23.37 0.63
N PRO B 205 23.01 -22.05 0.85
CA PRO B 205 22.03 -21.48 1.79
C PRO B 205 20.56 -21.65 1.41
N GLU B 206 20.26 -21.64 0.12
CA GLU B 206 18.86 -21.61 -0.31
C GLU B 206 18.08 -22.87 0.03
N ILE B 207 16.86 -22.68 0.53
CA ILE B 207 15.93 -23.78 0.76
C ILE B 207 14.77 -23.55 -0.18
N ILE B 208 14.48 -24.51 -1.05
CA ILE B 208 13.58 -24.18 -2.14
C ILE B 208 12.21 -24.85 -2.04
N SER B 209 11.97 -25.58 -0.96
CA SER B 209 10.68 -26.27 -0.82
C SER B 209 10.40 -26.56 0.64
N LYS B 210 9.15 -26.89 0.93
CA LYS B 210 8.79 -27.51 2.21
C LYS B 210 8.77 -29.02 2.06
N GLU B 211 9.48 -29.72 2.95
CA GLU B 211 9.55 -31.19 2.91
C GLU B 211 9.26 -31.75 4.31
N PRO B 212 7.98 -31.72 4.72
CA PRO B 212 7.65 -32.35 5.99
C PRO B 212 7.71 -33.90 5.89
N PHE B 213 8.66 -34.51 6.58
CA PHE B 213 8.76 -35.98 6.58
C PHE B 213 7.59 -36.57 7.39
N GLY B 214 6.80 -37.45 6.76
CA GLY B 214 5.59 -37.97 7.40
C GLY B 214 5.65 -39.44 7.77
N LEU B 215 5.00 -39.79 8.87
CA LEU B 215 4.86 -41.18 9.27
C LEU B 215 3.72 -41.75 8.44
N THR B 216 4.04 -42.60 7.49
CA THR B 216 3.09 -42.92 6.42
C THR B 216 2.42 -44.28 6.60
N VAL B 217 1.09 -44.30 6.52
CA VAL B 217 0.31 -45.53 6.70
C VAL B 217 -0.70 -45.64 5.57
N ARG B 218 -1.32 -46.80 5.43
CA ARG B 218 -2.43 -46.96 4.47
C ARG B 218 -3.68 -46.26 5.00
N GLN B 219 -4.50 -45.72 4.10
CA GLN B 219 -5.88 -45.35 4.46
C GLN B 219 -6.66 -46.59 4.85
N GLY B 220 -7.78 -46.41 5.56
CA GLY B 220 -8.69 -47.52 5.81
C GLY B 220 -8.50 -48.25 7.13
N ASP B 221 -7.64 -47.73 7.99
CA ASP B 221 -7.44 -48.31 9.32
C ASP B 221 -7.08 -47.21 10.30
N ALA B 222 -8.09 -46.54 10.82
CA ALA B 222 -7.85 -45.37 11.66
C ALA B 222 -7.24 -45.77 12.99
N ARG B 223 -7.53 -46.98 13.45
CA ARG B 223 -6.98 -47.49 14.71
C ARG B 223 -5.45 -47.57 14.65
N TRP B 224 -4.95 -48.07 13.52
CA TRP B 224 -3.51 -48.17 13.31
C TRP B 224 -2.89 -46.79 13.18
N ALA B 225 -3.55 -45.91 12.43
CA ALA B 225 -3.06 -44.55 12.27
C ALA B 225 -2.95 -43.89 13.65
N ASP B 226 -3.94 -44.14 14.50
CA ASP B 226 -3.93 -43.58 15.87
C ASP B 226 -2.68 -44.05 16.64
N VAL B 227 -2.34 -45.34 16.52
CA VAL B 227 -1.18 -45.88 17.24
C VAL B 227 0.09 -45.17 16.79
N VAL B 228 0.27 -45.00 15.48
CA VAL B 228 1.49 -44.37 14.98
C VAL B 228 1.50 -42.87 15.36
N ARG B 229 0.36 -42.21 15.19
CA ARG B 229 0.23 -40.79 15.55
C ARG B 229 0.56 -40.56 17.02
N TRP B 230 -0.02 -41.38 17.88
CA TRP B 230 0.11 -41.10 19.29
C TRP B 230 1.46 -41.57 19.86
N THR B 231 2.12 -42.49 19.17
CA THR B 231 3.54 -42.76 19.46
C THR B 231 4.36 -41.49 19.24
N HIS B 232 4.18 -40.86 18.09
CA HIS B 232 4.88 -39.61 17.79
C HIS B 232 4.57 -38.52 18.81
N ASN B 233 3.30 -38.33 19.11
CA ASN B 233 2.95 -37.24 20.02
C ASN B 233 3.34 -37.54 21.46
N ALA B 234 3.42 -38.82 21.83
CA ALA B 234 3.98 -39.18 23.13
C ALA B 234 5.46 -38.80 23.23
N LEU B 235 6.21 -39.02 22.14
CA LEU B 235 7.62 -38.65 22.14
C LEU B 235 7.81 -37.14 22.36
N LEU B 236 6.94 -36.35 21.74
CA LEU B 236 7.00 -34.88 21.85
C LEU B 236 6.58 -34.43 23.24
N ASN B 237 5.44 -34.94 23.73
CA ASN B 237 4.99 -34.58 25.08
C ASN B 237 6.04 -34.98 26.13
N ALA B 238 6.65 -36.16 25.98
CA ALA B 238 7.66 -36.58 26.95
C ALA B 238 8.81 -35.57 27.01
N GLU B 239 9.29 -35.13 25.84
CA GLU B 239 10.39 -34.17 25.83
C GLU B 239 9.94 -32.85 26.49
N GLU B 240 8.73 -32.39 26.15
CA GLU B 240 8.24 -31.12 26.68
C GLU B 240 8.17 -31.14 28.19
N TYR B 241 7.86 -32.31 28.75
CA TYR B 241 7.68 -32.46 30.18
C TYR B 241 8.95 -32.94 30.90
N GLY B 242 10.06 -33.01 30.19
CA GLY B 242 11.32 -33.39 30.82
C GLY B 242 11.44 -34.86 31.17
N ILE B 243 10.71 -35.70 30.45
CA ILE B 243 10.72 -37.14 30.68
C ILE B 243 11.69 -37.83 29.72
N THR B 244 12.69 -38.50 30.29
CA THR B 244 13.79 -39.11 29.54
C THR B 244 13.85 -40.62 29.72
N GLN B 245 14.64 -41.26 28.87
CA GLN B 245 14.88 -42.69 29.00
C GLN B 245 15.36 -43.02 30.42
N ALA B 246 16.27 -42.19 30.92
CA ALA B 246 16.88 -42.42 32.23
C ALA B 246 15.92 -42.16 33.39
N ASN B 247 15.03 -41.18 33.29
CA ASN B 247 14.26 -40.81 34.47
C ASN B 247 12.79 -41.26 34.45
N VAL B 248 12.34 -41.88 33.36
CA VAL B 248 10.91 -42.13 33.20
C VAL B 248 10.34 -43.03 34.30
N GLU B 249 11.11 -43.97 34.81
CA GLU B 249 10.58 -44.85 35.87
C GLU B 249 10.29 -44.06 37.16
N GLU B 250 11.16 -43.13 37.52
CA GLU B 250 10.88 -42.25 38.66
C GLU B 250 9.77 -41.26 38.33
N MET B 251 9.73 -40.82 37.07
CA MET B 251 8.75 -39.81 36.68
C MET B 251 7.36 -40.39 36.79
N LYS B 252 7.24 -41.72 36.72
CA LYS B 252 5.98 -42.41 37.04
C LYS B 252 5.38 -41.96 38.36
N LYS B 253 6.23 -41.51 39.28
CA LYS B 253 5.80 -41.15 40.63
C LYS B 253 5.54 -39.66 40.78
N SER B 254 5.56 -38.94 39.67
CA SER B 254 5.38 -37.50 39.70
C SER B 254 4.00 -37.13 40.23
N ASP B 255 3.94 -36.01 40.95
CA ASP B 255 2.70 -35.42 41.41
C ASP B 255 2.10 -34.53 40.34
N ASN B 256 2.83 -34.33 39.25
CA ASN B 256 2.35 -33.50 38.16
C ASN B 256 1.26 -34.24 37.43
N PRO B 257 0.03 -33.71 37.47
CA PRO B 257 -1.12 -34.35 36.81
C PRO B 257 -0.85 -34.68 35.34
N ASP B 258 -0.15 -33.82 34.61
CA ASP B 258 0.05 -34.09 33.18
C ASP B 258 0.96 -35.28 32.99
N ILE B 259 2.00 -35.36 33.82
CA ILE B 259 2.98 -36.41 33.74
C ILE B 259 2.35 -37.73 34.21
N LYS B 260 1.62 -37.65 35.32
CA LYS B 260 0.96 -38.83 35.87
C LYS B 260 0.02 -39.45 34.82
N ARG B 261 -0.72 -38.60 34.10
CA ARG B 261 -1.64 -39.06 33.07
C ARG B 261 -0.91 -39.65 31.87
N LEU B 262 0.13 -38.97 31.43
CA LEU B 262 0.92 -39.43 30.28
C LEU B 262 1.47 -40.83 30.55
N LEU B 263 1.96 -41.05 31.76
CA LEU B 263 2.70 -42.27 32.04
C LEU B 263 1.81 -43.38 32.60
N GLY B 264 0.51 -43.17 32.52
CA GLY B 264 -0.46 -44.17 32.94
C GLY B 264 -0.43 -44.45 34.43
N ALA B 265 -0.07 -43.47 35.24
CA ALA B 265 0.05 -43.73 36.67
C ALA B 265 -1.26 -43.49 37.40
N GLU B 266 -2.28 -43.03 36.68
CA GLU B 266 -3.59 -42.80 37.30
C GLU B 266 -4.37 -44.07 37.59
N ALA B 267 -5.33 -43.91 38.50
CA ALA B 267 -6.38 -44.89 38.70
C ALA B 267 -7.43 -44.69 37.62
N ASP B 268 -7.89 -45.82 37.07
CA ASP B 268 -9.03 -45.84 36.16
C ASP B 268 -8.77 -45.03 34.89
N THR B 269 -7.51 -44.81 34.55
CA THR B 269 -7.22 -44.18 33.28
C THR B 269 -7.50 -45.19 32.17
N LYS B 270 -7.90 -44.69 31.01
CA LYS B 270 -8.27 -45.57 29.92
C LYS B 270 -7.55 -45.18 28.64
N ILE B 271 -6.58 -44.27 28.75
CA ILE B 271 -5.91 -43.75 27.54
C ILE B 271 -5.19 -44.83 26.76
N GLY B 272 -4.30 -45.56 27.42
CA GLY B 272 -3.55 -46.60 26.74
C GLY B 272 -4.45 -47.70 26.18
N THR B 273 -5.41 -48.16 26.98
CA THR B 273 -6.25 -49.26 26.53
C THR B 273 -7.22 -48.81 25.43
N ASP B 274 -7.63 -47.54 25.44
CA ASP B 274 -8.49 -47.04 24.35
C ASP B 274 -7.73 -46.97 23.05
N LEU B 275 -6.41 -46.82 23.16
CA LEU B 275 -5.55 -46.78 22.00
C LEU B 275 -5.29 -48.21 21.50
N GLY B 276 -5.60 -49.20 22.35
CA GLY B 276 -5.43 -50.60 22.02
C GLY B 276 -4.13 -51.17 22.55
N LEU B 277 -3.50 -50.41 23.44
CA LEU B 277 -2.23 -50.79 24.04
C LEU B 277 -2.42 -50.99 25.52
N ASP B 278 -1.32 -51.04 26.26
CA ASP B 278 -1.35 -51.13 27.71
C ASP B 278 -1.35 -49.74 28.34
N LYS B 279 -1.73 -49.68 29.62
CA LYS B 279 -1.88 -48.41 30.30
C LYS B 279 -0.53 -47.66 30.37
N ASP B 280 0.57 -48.41 30.40
CA ASP B 280 1.90 -47.77 30.50
C ASP B 280 2.62 -47.70 29.14
N TRP B 281 1.85 -47.61 28.08
CA TRP B 281 2.40 -47.56 26.73
C TRP B 281 3.50 -46.48 26.56
N VAL B 282 3.34 -45.32 27.21
CA VAL B 282 4.33 -44.25 27.05
C VAL B 282 5.62 -44.58 27.80
N VAL B 283 5.49 -45.20 28.97
CA VAL B 283 6.69 -45.66 29.68
C VAL B 283 7.48 -46.60 28.78
N LYS B 284 6.77 -47.55 28.16
CA LYS B 284 7.41 -48.47 27.23
C LYS B 284 8.13 -47.74 26.07
N ILE B 285 7.50 -46.71 25.50
CA ILE B 285 8.15 -45.95 24.42
C ILE B 285 9.44 -45.32 24.93
N ILE B 286 9.34 -44.59 26.04
CA ILE B 286 10.47 -43.80 26.52
C ILE B 286 11.59 -44.72 27.03
N LYS B 287 11.21 -45.84 27.62
CA LYS B 287 12.23 -46.81 28.01
C LYS B 287 12.93 -47.40 26.79
N GLY B 288 12.16 -47.60 25.72
CA GLY B 288 12.71 -48.18 24.52
C GLY B 288 13.69 -47.30 23.75
N VAL B 289 13.34 -46.02 23.58
CA VAL B 289 14.10 -45.14 22.67
C VAL B 289 14.34 -43.73 23.21
N GLY B 290 13.81 -43.40 24.37
CA GLY B 290 13.91 -42.04 24.88
C GLY B 290 12.89 -41.10 24.25
N ASN B 291 12.94 -39.81 24.60
CA ASN B 291 11.98 -38.84 24.08
C ASN B 291 12.47 -38.29 22.74
N TYR B 292 11.68 -37.40 22.13
CA TYR B 292 12.00 -36.87 20.80
C TYR B 292 13.40 -36.25 20.73
N GLY B 293 13.73 -35.46 21.74
CA GLY B 293 15.03 -34.80 21.76
C GLY B 293 16.17 -35.79 21.83
N GLU B 294 15.99 -36.86 22.59
CA GLU B 294 17.04 -37.87 22.73
C GLU B 294 17.26 -38.62 21.41
N ILE B 295 16.18 -38.92 20.72
CA ILE B 295 16.26 -39.52 19.39
C ILE B 295 16.98 -38.58 18.42
N PHE B 296 16.61 -37.30 18.46
CA PHE B 296 17.25 -36.30 17.62
C PHE B 296 18.75 -36.22 17.90
N GLU B 297 19.12 -36.03 19.17
CA GLU B 297 20.52 -35.81 19.50
C GLU B 297 21.41 -36.99 19.15
N ARG B 298 20.94 -38.21 19.37
CA ARG B 298 21.85 -39.35 19.16
C ARG B 298 22.03 -39.67 17.67
N ASN B 299 21.06 -39.32 16.83
CA ASN B 299 21.12 -39.71 15.42
C ASN B 299 21.56 -38.59 14.49
N ILE B 300 21.12 -37.37 14.76
CA ILE B 300 21.40 -36.31 13.79
C ILE B 300 21.89 -35.03 14.47
N GLY B 301 21.85 -35.00 15.80
CA GLY B 301 22.32 -33.84 16.56
C GLY B 301 23.73 -33.93 17.14
N SER B 302 23.93 -33.43 18.36
CA SER B 302 25.28 -33.34 18.95
C SER B 302 25.93 -34.69 19.26
N GLY B 303 25.11 -35.73 19.37
CA GLY B 303 25.59 -37.08 19.56
C GLY B 303 25.92 -37.82 18.29
N SER B 304 25.92 -37.10 17.17
CA SER B 304 26.12 -37.70 15.84
C SER B 304 27.14 -36.92 15.02
N PRO B 305 27.64 -37.54 13.92
CA PRO B 305 28.56 -36.77 13.07
C PRO B 305 27.88 -35.72 12.19
N LEU B 306 26.55 -35.70 12.19
CA LEU B 306 25.80 -34.73 11.39
C LEU B 306 25.72 -33.34 12.03
N LYS B 307 25.50 -33.27 13.33
CA LYS B 307 25.47 -31.99 14.05
C LYS B 307 24.46 -30.99 13.49
N ILE B 308 23.28 -31.48 13.18
CA ILE B 308 22.19 -30.64 12.71
C ILE B 308 21.53 -29.93 13.87
N ALA B 309 21.30 -28.62 13.76
CA ALA B 309 20.58 -27.87 14.80
C ALA B 309 19.09 -28.20 14.81
N ARG B 310 18.46 -28.13 15.99
CA ARG B 310 17.04 -28.45 16.10
C ARG B 310 16.21 -27.59 15.13
N GLY B 311 16.45 -26.28 15.09
CA GLY B 311 15.80 -25.42 14.10
C GLY B 311 14.28 -25.55 14.10
N LEU B 312 13.71 -25.88 12.95
CA LEU B 312 12.24 -26.06 12.85
C LEU B 312 11.77 -27.20 13.71
N ASN B 313 12.69 -28.10 14.07
CA ASN B 313 12.27 -29.28 14.82
C ASN B 313 12.51 -29.13 16.30
N ALA B 314 12.83 -27.90 16.72
CA ALA B 314 12.76 -27.58 18.16
C ALA B 314 11.30 -27.70 18.60
N GLN B 315 11.11 -27.88 19.90
CA GLN B 315 9.79 -27.78 20.52
C GLN B 315 9.11 -26.45 20.20
N TRP B 316 7.79 -26.50 20.14
CA TRP B 316 6.97 -25.35 19.80
C TRP B 316 7.20 -24.20 20.77
N ASN B 317 7.51 -24.51 22.02
CA ASN B 317 7.73 -23.44 22.99
C ASN B 317 9.23 -23.10 23.15
N LYS B 318 10.05 -23.57 22.22
CA LYS B 318 11.48 -23.23 22.19
C LYS B 318 11.84 -22.73 20.79
N GLY B 319 10.85 -22.23 20.07
CA GLY B 319 11.09 -21.57 18.80
C GLY B 319 10.93 -22.42 17.55
N GLY B 320 10.50 -23.67 17.73
CA GLY B 320 10.30 -24.58 16.61
C GLY B 320 8.85 -24.83 16.27
N LEU B 321 8.63 -25.88 15.49
CA LEU B 321 7.31 -26.24 15.01
C LEU B 321 6.75 -27.52 15.67
N GLN B 322 7.57 -28.24 16.43
CA GLN B 322 7.15 -29.55 16.90
C GLN B 322 6.24 -29.39 18.13
N TYR B 323 5.00 -29.85 17.98
CA TYR B 323 3.95 -29.61 18.98
C TYR B 323 3.27 -30.91 19.36
N GLY B 324 3.46 -31.36 20.60
CA GLY B 324 2.80 -32.58 21.05
C GLY B 324 1.34 -32.29 21.37
N ILE B 325 0.43 -32.89 20.60
CA ILE B 325 -1.00 -32.78 20.86
C ILE B 325 -1.26 -33.41 22.26
N PRO B 326 -2.16 -32.81 23.06
CA PRO B 326 -2.27 -33.22 24.46
C PRO B 326 -2.80 -34.65 24.67
N VAL B 327 -2.14 -35.37 25.57
CA VAL B 327 -2.60 -36.69 26.00
C VAL B 327 -3.57 -36.45 27.16
N ARG B 328 -4.82 -36.26 26.77
CA ARG B 328 -5.89 -35.71 27.59
C ARG B 328 -7.16 -36.44 27.21
N ALA C 9 11.92 17.39 -17.45
CA ALA C 9 11.40 17.30 -16.09
C ALA C 9 11.43 18.64 -15.37
N ASP C 10 10.27 19.06 -14.85
CA ASP C 10 10.15 20.24 -14.02
C ASP C 10 9.15 19.96 -12.90
N THR C 11 9.64 19.31 -11.84
CA THR C 11 8.79 18.91 -10.73
C THR C 11 8.34 20.11 -9.92
N LEU C 12 9.17 21.16 -9.86
CA LEU C 12 8.79 22.35 -9.13
C LEU C 12 7.56 22.99 -9.77
N SER C 13 7.56 23.03 -11.10
CA SER C 13 6.45 23.65 -11.82
C SER C 13 5.17 22.84 -11.62
N ASP C 14 5.29 21.51 -11.68
CA ASP C 14 4.14 20.62 -11.50
C ASP C 14 3.55 20.77 -10.10
N VAL C 15 4.44 20.85 -9.11
CA VAL C 15 4.03 20.97 -7.72
C VAL C 15 3.30 22.28 -7.50
N LYS C 16 3.83 23.37 -8.05
CA LYS C 16 3.17 24.65 -7.91
C LYS C 16 1.83 24.65 -8.62
N ALA C 17 1.76 23.94 -9.73
CA ALA C 17 0.55 23.91 -10.56
C ALA C 17 -0.57 23.14 -9.87
N LYS C 18 -0.25 22.04 -9.18
CA LYS C 18 -1.30 21.27 -8.52
C LYS C 18 -1.61 21.87 -7.16
N GLY C 19 -0.70 22.71 -6.66
CA GLY C 19 -0.93 23.47 -5.44
C GLY C 19 -0.58 22.79 -4.14
N PHE C 20 0.07 21.64 -4.22
CA PHE C 20 0.50 20.91 -3.03
C PHE C 20 1.67 20.01 -3.38
N LEU C 21 2.30 19.47 -2.34
CA LEU C 21 3.42 18.54 -2.49
C LEU C 21 2.95 17.12 -2.17
N GLN C 22 3.27 16.15 -3.02
CA GLN C 22 2.95 14.74 -2.72
C GLN C 22 4.17 14.01 -2.17
N CYS C 23 4.07 13.52 -0.94
CA CYS C 23 5.23 12.99 -0.25
C CYS C 23 5.10 11.51 0.04
N GLY C 24 6.16 10.77 -0.25
CA GLY C 24 6.21 9.38 0.16
C GLY C 24 6.74 9.28 1.58
N VAL C 25 5.93 8.71 2.49
CA VAL C 25 6.28 8.64 3.92
C VAL C 25 6.06 7.24 4.47
N ASN C 26 6.39 7.05 5.75
CA ASN C 26 6.22 5.75 6.40
C ASN C 26 4.75 5.31 6.48
N THR C 27 4.50 4.01 6.64
CA THR C 27 3.12 3.58 6.86
C THR C 27 2.68 3.90 8.28
N GLY C 28 3.65 4.06 9.18
CA GLY C 28 3.35 4.33 10.58
C GLY C 28 4.51 4.00 11.50
N LEU C 29 5.27 5.04 11.84
CA LEU C 29 6.44 4.91 12.68
C LEU C 29 6.48 6.11 13.62
N LEU C 30 6.17 5.88 14.89
CA LEU C 30 6.11 6.94 15.88
C LEU C 30 7.41 7.74 15.95
N GLY C 31 7.26 9.07 15.96
CA GLY C 31 8.42 9.96 15.97
C GLY C 31 8.81 10.44 14.59
N PHE C 32 8.56 9.64 13.57
CA PHE C 32 9.04 9.95 12.24
C PHE C 32 7.92 10.22 11.22
N ALA C 33 6.92 9.35 11.17
CA ALA C 33 5.73 9.58 10.35
C ALA C 33 4.60 8.67 10.79
N SER C 34 3.59 9.25 11.40
CA SER C 34 2.48 8.47 11.93
C SER C 34 1.19 9.26 11.77
N PRO C 35 0.11 8.60 11.34
CA PRO C 35 -1.17 9.29 11.34
C PRO C 35 -1.94 9.04 12.64
N ASN C 36 -2.65 10.04 13.15
CA ASN C 36 -3.51 9.82 14.31
C ASN C 36 -4.86 9.29 13.84
N ASP C 37 -5.82 9.20 14.76
CA ASP C 37 -7.12 8.62 14.45
C ASP C 37 -7.92 9.47 13.46
N LYS C 38 -7.57 10.75 13.37
CA LYS C 38 -8.27 11.68 12.49
C LYS C 38 -7.57 11.74 11.12
N GLY C 39 -6.53 10.94 10.96
CA GLY C 39 -5.77 10.90 9.73
C GLY C 39 -4.74 12.02 9.60
N GLU C 40 -4.46 12.73 10.69
CA GLU C 40 -3.49 13.83 10.65
C GLU C 40 -2.08 13.28 10.87
N TRP C 41 -1.15 13.68 10.01
CA TRP C 41 0.20 13.14 10.04
C TRP C 41 1.14 14.01 10.87
N SER C 42 2.05 13.36 11.57
CA SER C 42 3.08 14.09 12.32
C SER C 42 4.33 13.26 12.44
N GLY C 43 5.42 13.92 12.78
CA GLY C 43 6.71 13.25 12.89
C GLY C 43 7.84 14.04 12.27
N PHE C 44 9.07 13.59 12.54
CA PHE C 44 10.28 14.23 12.04
C PHE C 44 10.31 14.31 10.50
N ASP C 45 10.06 13.19 9.82
CA ASP C 45 10.08 13.19 8.36
C ASP C 45 8.86 13.94 7.82
N VAL C 46 7.74 13.84 8.53
CA VAL C 46 6.56 14.60 8.13
C VAL C 46 6.85 16.10 8.21
N ASP C 47 7.54 16.54 9.26
CA ASP C 47 7.86 17.97 9.37
C ASP C 47 8.81 18.40 8.26
N TYR C 48 9.69 17.51 7.82
CA TYR C 48 10.56 17.80 6.67
C TYR C 48 9.73 18.00 5.40
N CYS C 49 8.69 17.19 5.25
CA CYS C 49 7.77 17.33 4.14
C CYS C 49 7.08 18.69 4.22
N ARG C 50 6.63 19.04 5.43
CA ARG C 50 5.93 20.30 5.63
C ARG C 50 6.88 21.50 5.44
N ALA C 51 8.16 21.24 5.62
CA ALA C 51 9.16 22.30 5.45
C ALA C 51 9.24 22.69 3.97
N VAL C 52 9.27 21.69 3.10
CA VAL C 52 9.34 21.91 1.66
C VAL C 52 8.05 22.58 1.17
N ALA C 53 6.93 22.13 1.73
CA ALA C 53 5.65 22.74 1.37
C ALA C 53 5.63 24.21 1.78
N SER C 54 6.19 24.49 2.96
CA SER C 54 6.28 25.88 3.43
C SER C 54 7.17 26.72 2.52
N ALA C 55 8.31 26.15 2.10
CA ALA C 55 9.24 26.83 1.21
C ALA C 55 8.55 27.29 -0.08
N ILE C 56 7.66 26.45 -0.60
CA ILE C 56 7.03 26.68 -1.90
C ILE C 56 5.73 27.48 -1.78
N PHE C 57 4.90 27.11 -0.79
CA PHE C 57 3.54 27.64 -0.70
C PHE C 57 3.32 28.58 0.48
N GLY C 58 4.28 28.67 1.39
CA GLY C 58 4.09 29.45 2.61
C GLY C 58 3.02 28.86 3.53
N ASP C 59 2.74 27.58 3.37
CA ASP C 59 1.66 26.92 4.09
C ASP C 59 2.05 25.46 4.32
N PRO C 60 2.29 25.09 5.59
CA PRO C 60 2.76 23.73 5.90
C PRO C 60 1.70 22.64 5.71
N THR C 61 0.45 23.02 5.48
CA THR C 61 -0.60 22.04 5.25
C THR C 61 -0.77 21.66 3.78
N LYS C 62 -0.05 22.34 2.88
CA LYS C 62 -0.20 22.07 1.44
C LYS C 62 0.61 20.83 1.05
N VAL C 63 0.23 19.70 1.63
N VAL C 63 0.26 19.72 1.70
CA VAL C 63 0.95 18.45 1.45
CA VAL C 63 0.92 18.43 1.47
C VAL C 63 -0.03 17.26 1.49
C VAL C 63 -0.14 17.34 1.34
N LYS C 64 0.21 16.27 0.65
CA LYS C 64 -0.55 15.03 0.69
C LYS C 64 0.43 13.90 0.94
N PHE C 65 0.04 12.97 1.81
CA PHE C 65 0.94 11.90 2.24
C PHE C 65 0.59 10.56 1.63
N THR C 66 1.61 9.86 1.16
CA THR C 66 1.46 8.54 0.55
C THR C 66 2.23 7.55 1.40
N PRO C 67 1.52 6.76 2.20
CA PRO C 67 2.20 5.75 3.03
C PRO C 67 2.82 4.67 2.16
N LEU C 68 4.08 4.35 2.40
CA LEU C 68 4.80 3.36 1.61
C LEU C 68 5.54 2.34 2.48
N ASN C 69 5.37 1.06 2.17
CA ASN C 69 6.15 0.05 2.89
C ASN C 69 7.56 -0.02 2.31
N ALA C 70 8.40 -0.83 2.90
CA ALA C 70 9.81 -0.89 2.50
C ALA C 70 10.03 -1.33 1.04
N LYS C 71 9.16 -2.22 0.54
CA LYS C 71 9.37 -2.75 -0.81
C LYS C 71 8.86 -1.83 -1.91
N GLU C 72 7.87 -1.00 -1.61
CA GLU C 72 7.26 -0.22 -2.68
C GLU C 72 7.73 1.23 -2.72
N ARG C 73 8.53 1.64 -1.75
CA ARG C 73 8.88 3.06 -1.60
C ARG C 73 9.66 3.63 -2.80
N PHE C 74 10.57 2.85 -3.38
CA PHE C 74 11.37 3.39 -4.47
C PHE C 74 10.57 3.45 -5.76
N THR C 75 9.78 2.42 -6.04
CA THR C 75 8.99 2.40 -7.26
C THR C 75 7.98 3.56 -7.25
N ALA C 76 7.46 3.92 -6.07
CA ALA C 76 6.51 5.04 -6.01
C ALA C 76 7.16 6.38 -6.38
N LEU C 77 8.44 6.53 -6.03
CA LEU C 77 9.19 7.73 -6.43
C LEU C 77 9.58 7.66 -7.89
N GLN C 78 10.07 6.50 -8.35
CA GLN C 78 10.43 6.31 -9.76
C GLN C 78 9.28 6.61 -10.71
N SER C 79 8.08 6.18 -10.34
CA SER C 79 6.92 6.27 -11.22
C SER C 79 6.38 7.69 -11.29
N GLY C 80 6.78 8.51 -10.32
CA GLY C 80 6.27 9.86 -10.20
C GLY C 80 5.04 9.96 -9.32
N GLU C 81 4.65 8.85 -8.69
CA GLU C 81 3.52 8.87 -7.77
C GLU C 81 3.74 9.86 -6.62
N VAL C 82 4.97 9.94 -6.11
CA VAL C 82 5.31 10.94 -5.11
C VAL C 82 6.39 11.84 -5.70
N ASP C 83 6.43 13.09 -5.22
CA ASP C 83 7.41 14.07 -5.70
C ASP C 83 8.74 13.94 -4.97
N VAL C 84 8.70 13.40 -3.75
CA VAL C 84 9.89 13.25 -2.93
C VAL C 84 9.63 12.11 -1.95
N LEU C 85 10.68 11.42 -1.57
CA LEU C 85 10.60 10.37 -0.56
C LEU C 85 11.40 10.77 0.67
N ILE C 86 10.69 10.94 1.78
CA ILE C 86 11.32 11.30 3.05
C ILE C 86 10.78 10.30 4.04
N ARG C 87 11.56 9.25 4.29
CA ARG C 87 11.00 8.05 4.89
C ARG C 87 12.10 7.13 5.39
N ASN C 88 12.89 7.65 6.33
CA ASN C 88 13.92 6.91 7.04
C ASN C 88 14.65 5.94 6.10
N THR C 89 15.04 6.47 4.93
CA THR C 89 15.57 5.67 3.84
C THR C 89 17.06 5.94 3.65
N THR C 90 17.86 4.90 3.81
CA THR C 90 19.30 5.03 3.80
C THR C 90 19.89 5.31 2.41
N TRP C 91 20.79 6.29 2.36
CA TRP C 91 21.54 6.60 1.15
C TRP C 91 22.65 5.57 1.01
N THR C 92 22.66 4.79 -0.08
CA THR C 92 23.71 3.81 -0.33
C THR C 92 24.17 3.97 -1.77
N ILE C 93 25.31 3.39 -2.13
CA ILE C 93 25.76 3.55 -3.50
C ILE C 93 24.78 2.91 -4.48
N SER C 94 24.27 1.73 -4.15
CA SER C 94 23.44 1.01 -5.12
C SER C 94 22.13 1.76 -5.38
N ARG C 95 21.60 2.41 -4.34
CA ARG C 95 20.37 3.18 -4.51
C ARG C 95 20.64 4.50 -5.22
N ASP C 96 21.90 4.95 -5.21
CA ASP C 96 22.30 6.18 -5.89
C ASP C 96 22.58 5.96 -7.37
N THR C 97 23.00 4.75 -7.73
CA THR C 97 23.46 4.45 -9.08
C THR C 97 22.50 3.64 -9.93
N SER C 98 21.67 2.81 -9.31
CA SER C 98 20.97 1.79 -10.08
C SER C 98 19.44 1.97 -10.10
N LEU C 99 18.94 3.04 -9.51
CA LEU C 99 17.49 3.23 -9.41
C LEU C 99 16.99 4.51 -10.10
N GLY C 100 17.89 5.29 -10.69
CA GLY C 100 17.49 6.55 -11.30
C GLY C 100 17.10 7.61 -10.29
N LEU C 101 17.70 7.52 -9.11
CA LEU C 101 17.43 8.41 -7.98
C LEU C 101 18.67 9.17 -7.52
N ASP C 102 18.43 10.32 -6.89
CA ASP C 102 19.48 11.16 -6.29
C ASP C 102 19.05 11.50 -4.86
N PHE C 103 20.01 11.95 -4.04
CA PHE C 103 19.71 12.31 -2.67
C PHE C 103 20.08 13.77 -2.46
N ALA C 104 19.19 14.54 -1.83
CA ALA C 104 19.36 15.98 -1.76
C ALA C 104 19.97 16.39 -0.42
N GLY C 105 20.15 15.44 0.48
CA GLY C 105 20.65 15.75 1.80
C GLY C 105 20.43 14.60 2.75
N ILE C 106 21.06 14.68 3.92
CA ILE C 106 20.90 13.66 4.96
C ILE C 106 20.25 14.34 6.17
N ASN C 107 18.99 14.04 6.45
CA ASN C 107 18.32 14.77 7.51
C ASN C 107 18.47 14.07 8.87
N TYR C 108 19.02 12.87 8.86
CA TYR C 108 19.26 12.14 10.12
C TYR C 108 20.31 11.05 9.92
N TYR C 109 21.45 11.15 10.62
CA TYR C 109 22.45 10.09 10.58
C TYR C 109 22.09 9.01 11.62
N ASP C 110 21.85 7.79 11.17
CA ASP C 110 21.52 6.70 12.09
C ASP C 110 22.44 5.50 11.86
N GLY C 111 22.17 4.41 12.58
CA GLY C 111 22.87 3.16 12.37
C GLY C 111 21.97 2.02 12.83
N GLN C 112 22.23 0.80 12.38
CA GLN C 112 21.37 -0.33 12.72
C GLN C 112 21.66 -0.92 14.10
N GLY C 113 20.61 -1.27 14.83
CA GLY C 113 20.76 -1.91 16.13
C GLY C 113 19.76 -3.04 16.35
N PHE C 114 19.77 -3.56 17.58
CA PHE C 114 18.93 -4.71 17.96
C PHE C 114 18.20 -4.38 19.25
N MET C 115 16.98 -4.87 19.34
CA MET C 115 16.14 -4.69 20.51
C MET C 115 15.61 -6.04 21.01
N ILE C 116 15.60 -6.22 22.33
CA ILE C 116 15.07 -7.41 22.96
C ILE C 116 14.14 -7.03 24.10
N ASN C 117 13.33 -7.98 24.53
CA ASN C 117 12.48 -7.82 25.70
C ASN C 117 13.27 -8.36 26.89
N SER C 118 13.73 -7.48 27.78
CA SER C 118 14.65 -7.90 28.86
C SER C 118 13.97 -8.77 29.91
N LYS C 119 12.63 -8.76 29.96
CA LYS C 119 11.92 -9.68 30.84
C LYS C 119 11.99 -11.11 30.31
N LYS C 120 11.87 -11.28 29.00
CA LYS C 120 11.81 -12.62 28.43
C LYS C 120 13.20 -13.15 28.10
N LEU C 121 14.10 -12.24 27.72
CA LEU C 121 15.48 -12.61 27.45
C LEU C 121 16.38 -11.94 28.48
N ALA C 122 16.38 -12.47 29.70
CA ALA C 122 17.20 -11.91 30.75
C ALA C 122 18.68 -12.18 30.48
N GLY C 123 19.55 -11.32 30.97
CA GLY C 123 20.97 -11.59 30.89
C GLY C 123 21.65 -11.31 29.57
N ILE C 124 20.89 -10.80 28.61
CA ILE C 124 21.49 -10.36 27.35
C ILE C 124 21.70 -8.86 27.40
N ASN C 125 22.95 -8.42 27.25
CA ASN C 125 23.24 -7.00 27.20
C ASN C 125 24.08 -6.66 25.98
N SER C 126 24.24 -7.63 25.09
CA SER C 126 25.05 -7.40 23.87
C SER C 126 24.52 -8.14 22.66
N ALA C 127 24.53 -7.49 21.51
CA ALA C 127 24.16 -8.18 20.27
C ALA C 127 25.03 -9.42 20.01
N LEU C 128 26.23 -9.46 20.57
CA LEU C 128 27.12 -10.61 20.36
C LEU C 128 26.69 -11.85 21.13
N GLN C 129 25.59 -11.73 21.89
CA GLN C 129 25.01 -12.84 22.63
C GLN C 129 23.79 -13.42 21.94
N LEU C 130 23.53 -12.98 20.70
CA LEU C 130 22.29 -13.33 20.00
C LEU C 130 22.42 -14.52 19.05
N SER C 131 23.50 -15.29 19.16
CA SER C 131 23.61 -16.44 18.26
C SER C 131 22.41 -17.38 18.46
N GLY C 132 21.83 -17.82 17.35
CA GLY C 132 20.69 -18.72 17.42
C GLY C 132 19.35 -18.02 17.59
N ALA C 133 19.37 -16.73 17.91
CA ALA C 133 18.12 -16.03 18.19
C ALA C 133 17.32 -15.83 16.90
N SER C 134 16.00 -15.92 16.99
CA SER C 134 15.14 -15.50 15.89
C SER C 134 15.00 -13.99 15.88
N ILE C 135 15.27 -13.35 14.74
CA ILE C 135 15.31 -11.89 14.69
C ILE C 135 14.42 -11.39 13.57
N CYS C 136 13.44 -10.57 13.94
N CYS C 136 13.42 -10.60 13.91
CA CYS C 136 12.52 -9.95 13.01
CA CYS C 136 12.52 -10.13 12.87
C CYS C 136 13.22 -8.88 12.19
C CYS C 136 13.10 -8.90 12.20
N VAL C 137 12.97 -8.89 10.89
CA VAL C 137 13.53 -7.89 10.01
C VAL C 137 12.60 -7.75 8.82
N GLN C 138 12.58 -6.57 8.19
CA GLN C 138 11.80 -6.45 6.96
C GLN C 138 12.63 -6.70 5.73
N ALA C 139 12.00 -7.36 4.76
CA ALA C 139 12.57 -7.54 3.44
C ALA C 139 12.70 -6.19 2.76
N GLY C 140 13.62 -6.10 1.80
CA GLY C 140 13.76 -4.88 1.02
C GLY C 140 14.41 -3.73 1.77
N THR C 141 15.32 -4.07 2.68
CA THR C 141 15.98 -3.09 3.52
C THR C 141 17.49 -3.31 3.52
N THR C 142 18.23 -2.26 3.86
CA THR C 142 19.64 -2.42 4.17
C THR C 142 19.78 -3.35 5.39
N THR C 143 18.85 -3.18 6.32
CA THR C 143 18.80 -3.91 7.57
C THR C 143 18.98 -5.42 7.42
N GLU C 144 18.27 -6.03 6.48
CA GLU C 144 18.36 -7.47 6.29
C GLU C 144 19.79 -7.88 5.91
N LEU C 145 20.40 -7.08 5.04
CA LEU C 145 21.71 -7.39 4.50
C LEU C 145 22.82 -7.18 5.52
N ASN C 146 22.72 -6.09 6.27
CA ASN C 146 23.73 -5.78 7.27
C ASN C 146 23.72 -6.84 8.35
N MET C 147 22.51 -7.27 8.76
CA MET C 147 22.42 -8.29 9.79
C MET C 147 23.14 -9.57 9.40
N ALA C 148 22.92 -10.00 8.16
CA ALA C 148 23.57 -11.18 7.63
C ALA C 148 25.09 -10.99 7.68
N ASP C 149 25.56 -9.80 7.30
CA ASP C 149 27.01 -9.51 7.36
C ASP C 149 27.52 -9.62 8.79
N TYR C 150 26.80 -9.04 9.73
CA TYR C 150 27.24 -8.98 11.13
C TYR C 150 27.33 -10.38 11.77
N PHE C 151 26.33 -11.21 11.52
CA PHE C 151 26.34 -12.57 12.07
C PHE C 151 27.42 -13.44 11.43
N ARG C 152 27.65 -13.26 10.13
CA ARG C 152 28.75 -13.95 9.44
C ARG C 152 30.09 -13.55 10.03
N ALA C 153 30.29 -12.24 10.16
CA ALA C 153 31.58 -11.70 10.57
C ALA C 153 31.91 -12.15 11.98
N ASN C 154 30.89 -12.27 12.82
CA ASN C 154 31.12 -12.60 14.23
C ASN C 154 30.83 -14.06 14.54
N LYS C 155 30.71 -14.86 13.48
CA LYS C 155 30.54 -16.31 13.59
C LYS C 155 29.38 -16.69 14.51
N MET C 156 28.25 -16.02 14.33
CA MET C 156 27.03 -16.34 15.07
C MET C 156 26.01 -17.00 14.17
N GLU C 157 25.21 -17.91 14.74
CA GLU C 157 24.09 -18.52 14.02
C GLU C 157 22.88 -17.59 14.01
N TYR C 158 22.12 -17.69 12.94
CA TYR C 158 21.27 -16.60 12.50
C TYR C 158 19.93 -17.18 11.96
N ASN C 159 18.81 -16.90 12.63
CA ASN C 159 17.49 -17.19 12.05
C ASN C 159 16.73 -15.90 11.85
N PRO C 160 16.86 -15.31 10.67
CA PRO C 160 16.07 -14.13 10.33
C PRO C 160 14.59 -14.51 10.18
N VAL C 161 13.70 -13.72 10.75
CA VAL C 161 12.27 -13.89 10.52
C VAL C 161 11.85 -12.70 9.67
N VAL C 162 11.54 -12.97 8.41
CA VAL C 162 11.45 -11.89 7.43
C VAL C 162 10.01 -11.49 7.14
N PHE C 163 9.73 -10.18 7.27
CA PHE C 163 8.38 -9.64 7.10
C PHE C 163 8.31 -8.62 5.95
N GLU C 164 7.11 -8.41 5.42
CA GLU C 164 6.91 -7.32 4.46
C GLU C 164 6.12 -6.17 5.08
N LYS C 165 5.40 -6.44 6.16
CA LYS C 165 4.61 -5.40 6.84
C LYS C 165 5.20 -5.13 8.20
N ILE C 166 5.37 -3.85 8.53
CA ILE C 166 5.99 -3.51 9.82
C ILE C 166 5.06 -3.95 10.95
N GLU C 167 3.75 -3.85 10.76
CA GLU C 167 2.84 -4.22 11.84
C GLU C 167 2.93 -5.70 12.17
N GLU C 168 3.17 -6.54 11.17
CA GLU C 168 3.33 -7.98 11.42
C GLU C 168 4.63 -8.26 12.16
N ALA C 169 5.69 -7.54 11.80
CA ALA C 169 6.98 -7.73 12.44
C ALA C 169 6.87 -7.33 13.92
N ASN C 170 6.25 -6.17 14.13
CA ASN C 170 6.00 -5.67 15.48
C ASN C 170 5.21 -6.69 16.31
N ALA C 171 4.12 -7.22 15.74
CA ALA C 171 3.29 -8.18 16.48
C ALA C 171 4.02 -9.48 16.79
N ALA C 172 4.84 -9.97 15.85
CA ALA C 172 5.52 -11.25 16.08
C ALA C 172 6.56 -11.10 17.17
N TYR C 173 7.29 -10.00 17.13
CA TYR C 173 8.25 -9.67 18.19
C TYR C 173 7.54 -9.48 19.54
N ASP C 174 6.44 -8.73 19.53
CA ASP C 174 5.75 -8.42 20.79
C ASP C 174 5.13 -9.68 21.41
N SER C 175 4.77 -10.65 20.58
N SER C 175 4.77 -10.63 20.56
CA SER C 175 4.15 -11.86 21.07
CA SER C 175 4.15 -11.88 21.02
C SER C 175 5.16 -12.79 21.75
C SER C 175 5.16 -12.84 21.64
N GLY C 176 6.45 -12.49 21.59
CA GLY C 176 7.50 -13.33 22.12
C GLY C 176 7.80 -14.55 21.27
N ARG C 177 7.19 -14.63 20.09
CA ARG C 177 7.42 -15.76 19.19
C ARG C 177 8.75 -15.58 18.46
N CYS C 178 9.29 -14.36 18.50
N CYS C 178 9.31 -14.38 18.51
CA CYS C 178 10.64 -14.07 18.02
CA CYS C 178 10.71 -14.26 18.11
C CYS C 178 11.45 -13.44 19.16
C CYS C 178 11.46 -13.45 19.15
N ASP C 179 12.76 -13.64 19.15
CA ASP C 179 13.63 -13.17 20.22
C ASP C 179 14.04 -11.70 20.15
N ALA C 180 14.21 -11.19 18.93
CA ALA C 180 14.77 -9.86 18.80
C ALA C 180 14.21 -9.14 17.59
N TYR C 181 14.44 -7.83 17.55
CA TYR C 181 13.95 -6.98 16.47
C TYR C 181 15.15 -6.18 15.96
N THR C 182 15.33 -6.09 14.64
CA THR C 182 16.40 -5.23 14.14
C THR C 182 15.91 -4.20 13.12
N THR C 183 16.36 -2.97 13.29
CA THR C 183 16.15 -1.89 12.31
C THR C 183 17.05 -0.73 12.75
N ASP C 184 16.90 0.42 12.13
CA ASP C 184 17.66 1.61 12.52
C ASP C 184 17.41 1.97 13.98
N GLN C 185 18.44 2.44 14.68
CA GLN C 185 18.26 2.68 16.10
C GLN C 185 17.11 3.68 16.38
N SER C 186 17.00 4.75 15.60
CA SER C 186 15.95 5.73 15.88
C SER C 186 14.58 5.12 15.65
N SER C 187 14.49 4.20 14.71
CA SER C 187 13.22 3.51 14.43
C SER C 187 12.87 2.56 15.58
N LEU C 188 13.88 1.95 16.18
CA LEU C 188 13.64 1.07 17.31
C LEU C 188 12.96 1.82 18.46
N TYR C 189 13.35 3.08 18.67
CA TYR C 189 12.66 3.91 19.67
C TYR C 189 11.18 4.05 19.35
N GLY C 190 10.88 4.25 18.07
CA GLY C 190 9.51 4.42 17.64
C GLY C 190 8.69 3.14 17.72
N VAL C 191 9.29 2.03 17.28
CA VAL C 191 8.63 0.73 17.37
C VAL C 191 8.32 0.39 18.81
N ARG C 192 9.30 0.62 19.70
CA ARG C 192 9.14 0.30 21.12
C ARG C 192 7.90 0.98 21.74
N LEU C 193 7.66 2.22 21.37
CA LEU C 193 6.52 2.98 21.88
C LEU C 193 5.19 2.40 21.42
N ALA C 194 5.21 1.61 20.36
CA ALA C 194 3.97 1.01 19.85
C ALA C 194 3.67 -0.36 20.44
N LEU C 195 4.57 -0.89 21.28
CA LEU C 195 4.39 -2.23 21.81
C LEU C 195 3.51 -2.24 23.06
N ALA C 196 3.15 -3.44 23.53
CA ALA C 196 2.23 -3.59 24.66
C ALA C 196 2.79 -2.98 25.95
N ASN C 197 4.08 -3.18 26.18
CA ASN C 197 4.73 -2.69 27.39
C ASN C 197 6.09 -2.12 27.02
N PRO C 198 6.12 -0.88 26.52
CA PRO C 198 7.35 -0.30 25.98
C PRO C 198 8.53 -0.36 26.96
N ASP C 199 8.27 -0.24 28.26
CA ASP C 199 9.35 -0.22 29.26
C ASP C 199 10.13 -1.53 29.35
N ASP C 200 9.58 -2.62 28.80
CA ASP C 200 10.21 -3.92 28.93
C ASP C 200 11.30 -4.16 27.88
N HIS C 201 11.42 -3.23 26.95
CA HIS C 201 12.30 -3.44 25.81
C HIS C 201 13.58 -2.63 25.89
N VAL C 202 14.67 -3.27 25.51
CA VAL C 202 16.00 -2.69 25.63
C VAL C 202 16.65 -2.66 24.26
N ILE C 203 17.09 -1.47 23.86
CA ILE C 203 17.89 -1.34 22.65
C ILE C 203 19.32 -1.61 23.06
N LEU C 204 19.91 -2.64 22.47
CA LEU C 204 21.26 -3.05 22.84
C LEU C 204 22.27 -2.03 22.31
N PRO C 205 23.47 -1.97 22.90
CA PRO C 205 24.43 -0.90 22.59
C PRO C 205 24.98 -0.90 21.17
N GLU C 206 25.13 -2.07 20.57
CA GLU C 206 25.88 -2.19 19.32
C GLU C 206 25.20 -1.47 18.16
N ILE C 207 26.03 -0.82 17.35
CA ILE C 207 25.59 -0.20 16.11
C ILE C 207 26.38 -0.87 15.01
N ILE C 208 25.70 -1.50 14.06
CA ILE C 208 26.40 -2.39 13.15
C ILE C 208 26.49 -1.86 11.73
N SER C 209 26.00 -0.65 11.49
CA SER C 209 26.03 -0.10 10.14
C SER C 209 25.94 1.41 10.13
N LYS C 210 26.26 2.01 9.00
CA LYS C 210 25.94 3.42 8.75
C LYS C 210 24.61 3.48 8.00
N GLU C 211 23.67 4.25 8.55
CA GLU C 211 22.37 4.43 7.92
C GLU C 211 22.04 5.94 7.81
N PRO C 212 22.67 6.64 6.86
CA PRO C 212 22.30 8.05 6.65
C PRO C 212 20.94 8.20 5.95
N PHE C 213 19.94 8.77 6.64
CA PHE C 213 18.60 8.93 6.05
C PHE C 213 18.65 10.04 5.02
N GLY C 214 18.31 9.69 3.78
CA GLY C 214 18.40 10.61 2.67
C GLY C 214 17.09 11.21 2.20
N LEU C 215 17.13 12.49 1.83
CA LEU C 215 16.02 13.16 1.17
C LEU C 215 16.04 12.74 -0.31
N THR C 216 15.14 11.85 -0.70
CA THR C 216 15.33 11.12 -1.94
C THR C 216 14.46 11.68 -3.06
N VAL C 217 15.06 11.88 -4.23
CA VAL C 217 14.38 12.47 -5.39
C VAL C 217 14.76 11.72 -6.67
N ARG C 218 14.01 11.89 -7.74
CA ARG C 218 14.44 11.32 -9.00
C ARG C 218 15.64 12.10 -9.56
N GLN C 219 16.52 11.38 -10.25
CA GLN C 219 17.58 12.02 -11.04
C GLN C 219 16.97 12.85 -12.17
N GLY C 220 17.76 13.74 -12.76
CA GLY C 220 17.32 14.45 -13.95
C GLY C 220 16.48 15.69 -13.76
N ASP C 221 16.47 16.24 -12.54
CA ASP C 221 15.72 17.47 -12.27
C ASP C 221 16.44 18.24 -11.17
N ALA C 222 17.49 18.96 -11.57
CA ALA C 222 18.34 19.66 -10.62
C ALA C 222 17.59 20.80 -9.91
N ARG C 223 16.71 21.47 -10.63
CA ARG C 223 15.91 22.54 -10.04
C ARG C 223 15.12 22.01 -8.83
N TRP C 224 14.56 20.82 -8.97
CA TRP C 224 13.77 20.25 -7.89
C TRP C 224 14.66 19.77 -6.75
N ALA C 225 15.74 19.08 -7.10
CA ALA C 225 16.69 18.63 -6.10
C ALA C 225 17.19 19.84 -5.33
N ASP C 226 17.43 20.96 -6.02
CA ASP C 226 17.92 22.16 -5.35
C ASP C 226 16.94 22.62 -4.28
N VAL C 227 15.64 22.58 -4.60
CA VAL C 227 14.62 23.05 -3.67
C VAL C 227 14.63 22.19 -2.41
N VAL C 228 14.69 20.86 -2.57
CA VAL C 228 14.68 19.95 -1.42
C VAL C 228 15.98 20.11 -0.63
N ARG C 229 17.10 20.18 -1.35
CA ARG C 229 18.40 20.32 -0.69
C ARG C 229 18.46 21.60 0.12
N TRP C 230 18.00 22.70 -0.45
CA TRP C 230 18.20 23.98 0.21
C TRP C 230 17.15 24.23 1.29
N THR C 231 16.02 23.52 1.23
CA THR C 231 15.11 23.51 2.37
C THR C 231 15.83 22.92 3.59
N HIS C 232 16.47 21.78 3.38
CA HIS C 232 17.27 21.11 4.41
C HIS C 232 18.34 22.05 4.98
N ASN C 233 19.15 22.63 4.10
CA ASN C 233 20.26 23.44 4.58
C ASN C 233 19.76 24.76 5.17
N ALA C 234 18.58 25.22 4.77
CA ALA C 234 18.00 26.41 5.42
C ALA C 234 17.62 26.08 6.86
N LEU C 235 17.09 24.89 7.07
CA LEU C 235 16.72 24.43 8.41
C LEU C 235 17.94 24.39 9.33
N LEU C 236 19.05 23.89 8.78
CA LEU C 236 20.30 23.83 9.54
C LEU C 236 20.87 25.21 9.82
N ASN C 237 20.95 26.07 8.79
CA ASN C 237 21.49 27.42 8.99
C ASN C 237 20.64 28.20 9.99
N ALA C 238 19.32 28.00 9.96
CA ALA C 238 18.48 28.76 10.88
C ALA C 238 18.81 28.39 12.32
N GLU C 239 19.00 27.10 12.58
CA GLU C 239 19.31 26.66 13.93
C GLU C 239 20.65 27.22 14.37
N GLU C 240 21.61 27.17 13.45
CA GLU C 240 22.96 27.64 13.75
C GLU C 240 22.93 29.12 14.14
N TYR C 241 22.10 29.89 13.44
CA TYR C 241 22.04 31.34 13.65
C TYR C 241 21.01 31.75 14.70
N GLY C 242 20.38 30.77 15.33
CA GLY C 242 19.44 31.04 16.40
C GLY C 242 18.09 31.59 15.94
N ILE C 243 17.69 31.23 14.73
CA ILE C 243 16.41 31.67 14.18
C ILE C 243 15.37 30.59 14.40
N THR C 244 14.30 30.95 15.10
CA THR C 244 13.28 30.00 15.50
C THR C 244 11.91 30.36 14.96
N GLN C 245 10.98 29.43 15.10
CA GLN C 245 9.62 29.69 14.67
C GLN C 245 9.11 30.94 15.36
N ALA C 246 9.43 31.06 16.65
CA ALA C 246 8.93 32.17 17.46
C ALA C 246 9.56 33.53 17.13
N ASN C 247 10.83 33.56 16.74
CA ASN C 247 11.52 34.85 16.60
C ASN C 247 11.85 35.26 15.16
N VAL C 248 11.49 34.43 14.18
CA VAL C 248 11.94 34.68 12.81
C VAL C 248 11.39 36.01 12.26
N GLU C 249 10.17 36.39 12.64
CA GLU C 249 9.62 37.65 12.16
C GLU C 249 10.47 38.82 12.63
N GLU C 250 10.90 38.76 13.89
N GLU C 250 10.91 38.78 13.89
CA GLU C 250 11.75 39.79 14.49
CA GLU C 250 11.75 39.83 14.43
C GLU C 250 13.15 39.75 13.90
C GLU C 250 13.16 39.76 13.86
N MET C 251 13.64 38.54 13.62
CA MET C 251 14.98 38.34 13.08
C MET C 251 15.12 38.88 11.66
N LYS C 252 14.00 39.05 10.97
CA LYS C 252 14.00 39.67 9.65
C LYS C 252 14.59 41.09 9.69
N LYS C 253 14.52 41.73 10.86
CA LYS C 253 15.04 43.08 10.99
C LYS C 253 16.49 43.12 11.51
N SER C 254 17.11 41.96 11.66
CA SER C 254 18.47 41.88 12.18
C SER C 254 19.49 42.61 11.30
N ASP C 255 20.45 43.26 11.94
CA ASP C 255 21.56 43.86 11.21
C ASP C 255 22.69 42.87 10.95
N ASN C 256 22.57 41.66 11.46
CA ASN C 256 23.56 40.61 11.18
C ASN C 256 23.47 40.21 9.70
N PRO C 257 24.56 40.46 8.94
CA PRO C 257 24.53 40.22 7.50
C PRO C 257 24.15 38.80 7.10
N ASP C 258 24.59 37.79 7.86
CA ASP C 258 24.26 36.41 7.53
C ASP C 258 22.76 36.15 7.69
N ILE C 259 22.21 36.68 8.77
CA ILE C 259 20.79 36.54 9.07
C ILE C 259 19.97 37.35 8.08
N LYS C 260 20.43 38.56 7.79
CA LYS C 260 19.72 39.41 6.85
C LYS C 260 19.67 38.76 5.46
N ARG C 261 20.78 38.17 5.02
CA ARG C 261 20.82 37.45 3.75
C ARG C 261 19.92 36.19 3.75
N LEU C 262 19.98 35.43 4.83
CA LEU C 262 19.24 34.18 4.92
C LEU C 262 17.75 34.43 4.78
N LEU C 263 17.27 35.47 5.45
CA LEU C 263 15.84 35.74 5.57
C LEU C 263 15.32 36.64 4.45
N GLY C 264 16.18 36.91 3.47
CA GLY C 264 15.80 37.71 2.31
C GLY C 264 15.51 39.19 2.55
N ALA C 265 16.13 39.77 3.57
CA ALA C 265 15.91 41.18 3.90
C ALA C 265 16.96 42.06 3.23
N GLU C 266 17.93 41.41 2.61
CA GLU C 266 19.07 42.10 1.99
C GLU C 266 18.68 42.77 0.68
N ALA C 267 19.28 43.92 0.41
CA ALA C 267 18.99 44.68 -0.80
C ALA C 267 19.42 43.94 -2.06
N ASP C 268 18.52 43.90 -3.04
CA ASP C 268 18.79 43.33 -4.37
C ASP C 268 19.19 41.86 -4.35
N THR C 269 18.81 41.14 -3.31
CA THR C 269 19.15 39.73 -3.20
C THR C 269 18.38 38.90 -4.25
N LYS C 270 19.04 37.86 -4.76
CA LYS C 270 18.43 37.01 -5.79
C LYS C 270 18.42 35.53 -5.37
N ILE C 271 18.66 35.27 -4.09
CA ILE C 271 18.86 33.90 -3.64
C ILE C 271 17.60 33.07 -3.79
N GLY C 272 16.49 33.57 -3.24
CA GLY C 272 15.22 32.87 -3.31
C GLY C 272 14.69 32.73 -4.72
N THR C 273 14.72 33.81 -5.49
CA THR C 273 14.17 33.74 -6.84
C THR C 273 15.06 32.89 -7.76
N ASP C 274 16.37 32.83 -7.51
CA ASP C 274 17.23 31.93 -8.28
C ASP C 274 16.89 30.47 -7.97
N LEU C 275 16.41 30.24 -6.76
CA LEU C 275 16.01 28.91 -6.35
C LEU C 275 14.64 28.53 -6.93
N GLY C 276 13.95 29.52 -7.50
CA GLY C 276 12.63 29.30 -8.05
C GLY C 276 11.52 29.63 -7.07
N LEU C 277 11.90 30.20 -5.93
CA LEU C 277 10.94 30.54 -4.89
C LEU C 277 10.85 32.05 -4.66
N ASP C 278 10.27 32.47 -3.54
CA ASP C 278 10.17 33.89 -3.20
C ASP C 278 11.38 34.33 -2.37
N LYS C 279 11.57 35.64 -2.26
CA LYS C 279 12.72 36.17 -1.52
C LYS C 279 12.73 35.71 -0.06
N ASP C 280 11.55 35.52 0.53
CA ASP C 280 11.49 35.20 1.95
C ASP C 280 11.21 33.72 2.21
N TRP C 281 11.63 32.87 1.28
CA TRP C 281 11.43 31.43 1.37
C TRP C 281 11.85 30.82 2.70
N VAL C 282 12.95 31.32 3.29
CA VAL C 282 13.39 30.78 4.56
C VAL C 282 12.49 31.20 5.72
N VAL C 283 12.00 32.43 5.68
CA VAL C 283 11.01 32.90 6.66
C VAL C 283 9.78 32.01 6.63
N LYS C 284 9.36 31.65 5.42
CA LYS C 284 8.23 30.76 5.24
C LYS C 284 8.49 29.40 5.89
N ILE C 285 9.69 28.86 5.66
CA ILE C 285 10.03 27.54 6.20
C ILE C 285 9.98 27.55 7.72
N ILE C 286 10.61 28.55 8.33
CA ILE C 286 10.78 28.58 9.78
C ILE C 286 9.46 28.89 10.47
N LYS C 287 8.65 29.76 9.85
CA LYS C 287 7.29 29.98 10.38
C LYS C 287 6.46 28.70 10.30
N GLY C 288 6.68 27.91 9.25
CA GLY C 288 5.90 26.71 9.04
C GLY C 288 6.23 25.60 10.03
N VAL C 289 7.52 25.36 10.24
CA VAL C 289 7.94 24.20 11.03
C VAL C 289 9.03 24.48 12.07
N GLY C 290 9.53 25.70 12.12
CA GLY C 290 10.67 25.99 12.98
C GLY C 290 11.99 25.51 12.38
N ASN C 291 13.08 25.66 13.11
CA ASN C 291 14.37 25.24 12.55
C ASN C 291 14.65 23.74 12.79
N TYR C 292 15.82 23.26 12.36
CA TYR C 292 16.14 21.83 12.48
C TYR C 292 16.05 21.34 13.93
N GLY C 293 16.57 22.12 14.86
CA GLY C 293 16.60 21.72 16.27
C GLY C 293 15.21 21.60 16.87
N GLU C 294 14.33 22.50 16.43
CA GLU C 294 12.94 22.47 16.89
C GLU C 294 12.23 21.23 16.37
N ILE C 295 12.52 20.88 15.12
CA ILE C 295 11.92 19.69 14.50
C ILE C 295 12.41 18.47 15.23
N PHE C 296 13.72 18.41 15.49
CA PHE C 296 14.29 17.33 16.29
C PHE C 296 13.64 17.24 17.67
N GLU C 297 13.65 18.35 18.39
CA GLU C 297 13.17 18.36 19.77
C GLU C 297 11.72 17.88 19.93
N ARG C 298 10.82 18.38 19.09
CA ARG C 298 9.40 18.10 19.29
C ARG C 298 9.00 16.67 18.86
N ASN C 299 9.75 16.08 17.94
CA ASN C 299 9.36 14.81 17.35
C ASN C 299 10.09 13.62 17.96
N ILE C 300 11.39 13.74 18.16
CA ILE C 300 12.18 12.59 18.60
C ILE C 300 13.12 12.88 19.77
N GLY C 301 13.25 14.14 20.15
CA GLY C 301 14.19 14.56 21.18
C GLY C 301 13.57 14.80 22.54
N SER C 302 14.03 15.86 23.21
CA SER C 302 13.67 16.10 24.59
C SER C 302 12.22 16.52 24.72
N GLY C 303 11.60 16.90 23.61
CA GLY C 303 10.21 17.30 23.62
C GLY C 303 9.27 16.18 23.20
N SER C 304 9.76 14.95 23.21
CA SER C 304 9.01 13.82 22.68
C SER C 304 9.09 12.63 23.64
N PRO C 305 8.23 11.62 23.48
CA PRO C 305 8.37 10.37 24.24
C PRO C 305 9.61 9.53 23.86
N LEU C 306 10.22 9.81 22.71
CA LEU C 306 11.38 9.02 22.27
C LEU C 306 12.66 9.39 23.02
N LYS C 307 12.88 10.68 23.23
CA LYS C 307 14.02 11.16 24.01
C LYS C 307 15.35 10.68 23.45
N ILE C 308 15.47 10.70 22.13
CA ILE C 308 16.73 10.36 21.48
C ILE C 308 17.76 11.49 21.66
N ALA C 309 19.01 11.13 21.99
CA ALA C 309 20.09 12.12 22.11
C ALA C 309 20.38 12.79 20.76
N ARG C 310 20.74 14.09 20.76
CA ARG C 310 21.11 14.78 19.51
C ARG C 310 22.25 14.03 18.84
N GLY C 311 23.28 13.70 19.62
CA GLY C 311 24.37 12.86 19.14
C GLY C 311 24.96 13.31 17.82
N LEU C 312 24.97 12.41 16.85
CA LEU C 312 25.58 12.68 15.55
C LEU C 312 24.78 13.75 14.82
N ASN C 313 23.53 13.97 15.24
CA ASN C 313 22.71 14.95 14.56
C ASN C 313 22.72 16.31 15.25
N ALA C 314 23.64 16.50 16.18
CA ALA C 314 23.94 17.85 16.66
C ALA C 314 24.56 18.66 15.53
N GLN C 315 24.54 19.98 15.67
CA GLN C 315 25.21 20.88 14.73
C GLN C 315 26.70 20.60 14.63
N TRP C 316 27.24 20.84 13.44
CA TRP C 316 28.68 20.65 13.15
C TRP C 316 29.60 21.39 14.12
N ASN C 317 29.16 22.53 14.64
CA ASN C 317 30.02 23.31 15.55
C ASN C 317 29.66 23.04 17.00
N LYS C 318 28.90 21.97 17.23
CA LYS C 318 28.53 21.54 18.57
C LYS C 318 28.84 20.05 18.77
N GLY C 319 29.74 19.50 17.96
CA GLY C 319 30.12 18.10 18.11
C GLY C 319 29.37 17.07 17.28
N GLY C 320 28.46 17.51 16.41
CA GLY C 320 27.71 16.60 15.58
C GLY C 320 28.15 16.67 14.13
N LEU C 321 27.35 16.08 13.24
CA LEU C 321 27.69 16.01 11.82
C LEU C 321 26.84 16.95 10.97
N GLN C 322 25.80 17.56 11.55
CA GLN C 322 24.85 18.30 10.73
C GLN C 322 25.41 19.68 10.36
N TYR C 323 25.70 19.85 9.06
CA TYR C 323 26.41 21.02 8.54
C TYR C 323 25.58 21.75 7.49
N GLY C 324 25.15 22.96 7.82
CA GLY C 324 24.38 23.77 6.89
C GLY C 324 25.30 24.42 5.88
N ILE C 325 25.21 24.00 4.62
CA ILE C 325 26.02 24.61 3.56
C ILE C 325 25.59 26.07 3.49
N PRO C 326 26.54 26.99 3.23
CA PRO C 326 26.21 28.40 3.39
C PRO C 326 25.25 28.98 2.35
N VAL C 327 24.32 29.79 2.84
CA VAL C 327 23.40 30.53 1.98
C VAL C 327 24.07 31.85 1.60
N ARG C 328 24.81 31.79 0.50
CA ARG C 328 25.81 32.80 0.15
C ARG C 328 25.87 32.90 -1.37
N HIS D 8 -39.77 -7.92 -18.12
CA HIS D 8 -39.31 -8.90 -17.14
C HIS D 8 -37.79 -8.92 -17.05
N ALA D 9 -37.13 -8.00 -17.74
CA ALA D 9 -35.67 -7.88 -17.70
C ALA D 9 -35.20 -7.53 -16.29
N ASP D 10 -34.14 -8.21 -15.84
CA ASP D 10 -33.59 -8.02 -14.51
C ASP D 10 -32.09 -8.32 -14.54
N THR D 11 -31.31 -7.34 -14.98
CA THR D 11 -29.87 -7.50 -15.14
C THR D 11 -29.21 -7.66 -13.78
N LEU D 12 -29.69 -6.93 -12.77
CA LEU D 12 -29.12 -7.08 -11.45
C LEU D 12 -29.15 -8.54 -10.98
N SER D 13 -30.31 -9.19 -11.13
N SER D 13 -30.30 -9.19 -11.12
CA SER D 13 -30.45 -10.58 -10.71
CA SER D 13 -30.45 -10.59 -10.70
C SER D 13 -29.52 -11.51 -11.48
C SER D 13 -29.52 -11.52 -11.48
N ASP D 14 -29.41 -11.29 -12.78
CA ASP D 14 -28.55 -12.11 -13.63
C ASP D 14 -27.07 -11.92 -13.30
N VAL D 15 -26.70 -10.68 -13.00
CA VAL D 15 -25.34 -10.37 -12.58
C VAL D 15 -24.98 -11.09 -11.28
N LYS D 16 -25.87 -11.06 -10.29
CA LYS D 16 -25.60 -11.74 -9.04
C LYS D 16 -25.56 -13.25 -9.24
N ALA D 17 -26.45 -13.75 -10.09
CA ALA D 17 -26.49 -15.19 -10.38
C ALA D 17 -25.21 -15.69 -11.04
N LYS D 18 -24.64 -14.95 -11.99
CA LYS D 18 -23.43 -15.44 -12.65
C LYS D 18 -22.20 -15.14 -11.78
N GLY D 19 -22.35 -14.18 -10.87
CA GLY D 19 -21.35 -13.95 -9.84
C GLY D 19 -20.28 -12.94 -10.16
N PHE D 20 -20.48 -12.19 -11.23
CA PHE D 20 -19.55 -11.14 -11.63
C PHE D 20 -20.27 -10.18 -12.57
N LEU D 21 -19.63 -9.05 -12.83
CA LEU D 21 -20.15 -8.04 -13.74
C LEU D 21 -19.39 -8.09 -15.07
N GLN D 22 -20.10 -8.12 -16.19
CA GLN D 22 -19.44 -8.11 -17.50
C GLN D 22 -19.47 -6.68 -18.06
N CYS D 23 -18.30 -6.07 -18.24
CA CYS D 23 -18.23 -4.65 -18.66
C CYS D 23 -17.61 -4.40 -20.04
N GLY D 24 -18.24 -3.55 -20.83
CA GLY D 24 -17.62 -3.11 -22.06
C GLY D 24 -16.67 -1.95 -21.82
N VAL D 25 -15.40 -2.10 -22.19
CA VAL D 25 -14.39 -1.07 -21.97
C VAL D 25 -13.57 -0.84 -23.23
N ASN D 26 -12.62 0.10 -23.14
CA ASN D 26 -11.76 0.47 -24.26
C ASN D 26 -10.84 -0.68 -24.65
N THR D 27 -10.35 -0.69 -25.89
CA THR D 27 -9.32 -1.68 -26.24
C THR D 27 -7.98 -1.31 -25.59
N GLY D 28 -7.79 -0.03 -25.32
CA GLY D 28 -6.54 0.42 -24.73
C GLY D 28 -6.30 1.91 -24.83
N LEU D 29 -6.63 2.61 -23.76
CA LEU D 29 -6.49 4.07 -23.70
C LEU D 29 -5.94 4.44 -22.33
N LEU D 30 -4.69 4.93 -22.31
CA LEU D 30 -4.01 5.19 -21.04
C LEU D 30 -4.79 6.17 -20.20
N GLY D 31 -4.98 5.82 -18.93
CA GLY D 31 -5.69 6.69 -18.00
C GLY D 31 -7.14 6.32 -17.88
N PHE D 32 -7.70 5.76 -18.94
CA PHE D 32 -9.12 5.44 -18.93
C PHE D 32 -9.40 3.95 -18.88
N ALA D 33 -8.74 3.17 -19.73
CA ALA D 33 -8.91 1.71 -19.69
C ALA D 33 -7.82 1.05 -20.49
N SER D 34 -6.95 0.35 -19.79
CA SER D 34 -5.78 -0.25 -20.40
C SER D 34 -5.39 -1.52 -19.66
N PRO D 35 -5.12 -2.61 -20.41
CA PRO D 35 -4.67 -3.87 -19.82
C PRO D 35 -3.16 -3.96 -19.78
N ASN D 36 -2.60 -4.58 -18.75
CA ASN D 36 -1.17 -4.84 -18.72
C ASN D 36 -0.85 -6.08 -19.55
N ASP D 37 0.38 -6.57 -19.43
CA ASP D 37 0.80 -7.76 -20.17
C ASP D 37 0.04 -9.02 -19.75
N LYS D 38 -0.44 -9.03 -18.51
CA LYS D 38 -1.14 -10.19 -17.97
C LYS D 38 -2.66 -10.09 -18.16
N GLY D 39 -3.09 -9.00 -18.78
CA GLY D 39 -4.51 -8.81 -19.02
C GLY D 39 -5.26 -8.25 -17.83
N GLU D 40 -4.54 -7.67 -16.88
CA GLU D 40 -5.17 -6.96 -15.75
C GLU D 40 -5.49 -5.53 -16.16
N TRP D 41 -6.68 -5.05 -15.81
CA TRP D 41 -7.15 -3.77 -16.29
C TRP D 41 -7.06 -2.65 -15.24
N SER D 42 -6.72 -1.45 -15.70
CA SER D 42 -6.75 -0.28 -14.85
C SER D 42 -7.17 0.94 -15.67
N GLY D 43 -7.56 1.99 -14.97
CA GLY D 43 -8.03 3.22 -15.60
C GLY D 43 -9.25 3.85 -14.93
N PHE D 44 -9.59 5.06 -15.35
CA PHE D 44 -10.70 5.83 -14.79
C PHE D 44 -12.04 5.12 -15.04
N ASP D 45 -12.30 4.74 -16.28
CA ASP D 45 -13.53 4.02 -16.60
C ASP D 45 -13.47 2.61 -16.01
N VAL D 46 -12.29 1.98 -16.00
CA VAL D 46 -12.15 0.68 -15.36
C VAL D 46 -12.57 0.75 -13.89
N ASP D 47 -12.11 1.77 -13.17
CA ASP D 47 -12.46 1.87 -11.74
C ASP D 47 -13.97 2.07 -11.56
N TYR D 48 -14.62 2.73 -12.50
CA TYR D 48 -16.07 2.90 -12.45
C TYR D 48 -16.75 1.54 -12.54
N CYS D 49 -16.24 0.69 -13.42
CA CYS D 49 -16.73 -0.70 -13.52
C CYS D 49 -16.55 -1.43 -12.20
N ARG D 50 -15.36 -1.27 -11.62
CA ARG D 50 -15.07 -1.92 -10.35
C ARG D 50 -15.94 -1.35 -9.24
N ALA D 51 -16.35 -0.10 -9.38
CA ALA D 51 -17.23 0.52 -8.38
C ALA D 51 -18.60 -0.17 -8.37
N VAL D 52 -19.12 -0.47 -9.56
CA VAL D 52 -20.38 -1.17 -9.67
C VAL D 52 -20.24 -2.58 -9.11
N ALA D 53 -19.13 -3.25 -9.45
CA ALA D 53 -18.89 -4.57 -8.91
C ALA D 53 -18.81 -4.54 -7.39
N SER D 54 -18.22 -3.48 -6.83
CA SER D 54 -18.10 -3.39 -5.37
C SER D 54 -19.47 -3.17 -4.74
N ALA D 55 -20.27 -2.30 -5.35
CA ALA D 55 -21.64 -2.07 -4.89
C ALA D 55 -22.44 -3.37 -4.76
N ILE D 56 -22.20 -4.29 -5.67
CA ILE D 56 -23.02 -5.49 -5.78
C ILE D 56 -22.43 -6.64 -4.99
N PHE D 57 -21.12 -6.85 -5.14
CA PHE D 57 -20.46 -8.03 -4.61
C PHE D 57 -19.54 -7.74 -3.42
N GLY D 58 -19.27 -6.46 -3.16
CA GLY D 58 -18.32 -6.10 -2.12
C GLY D 58 -16.89 -6.51 -2.46
N ASP D 59 -16.63 -6.63 -3.76
CA ASP D 59 -15.34 -7.09 -4.26
C ASP D 59 -15.12 -6.48 -5.63
N PRO D 60 -14.17 -5.53 -5.75
CA PRO D 60 -13.94 -4.82 -7.02
C PRO D 60 -13.33 -5.70 -8.12
N THR D 61 -13.00 -6.96 -7.81
CA THR D 61 -12.40 -7.84 -8.80
C THR D 61 -13.42 -8.82 -9.37
N LYS D 62 -14.66 -8.73 -8.92
CA LYS D 62 -15.75 -9.57 -9.43
C LYS D 62 -16.30 -8.99 -10.73
N VAL D 63 -15.41 -8.87 -11.71
CA VAL D 63 -15.74 -8.21 -12.96
C VAL D 63 -14.93 -8.85 -14.07
N LYS D 64 -15.52 -8.96 -15.25
CA LYS D 64 -14.79 -9.38 -16.45
C LYS D 64 -14.90 -8.29 -17.50
N PHE D 65 -13.81 -8.06 -18.23
CA PHE D 65 -13.75 -6.94 -19.17
C PHE D 65 -13.78 -7.37 -20.63
N THR D 66 -14.65 -6.70 -21.40
CA THR D 66 -14.78 -6.93 -22.84
C THR D 66 -14.26 -5.70 -23.59
N PRO D 67 -13.03 -5.78 -24.12
CA PRO D 67 -12.52 -4.65 -24.91
C PRO D 67 -13.33 -4.47 -26.20
N LEU D 68 -13.68 -3.23 -26.50
CA LEU D 68 -14.54 -2.88 -27.63
C LEU D 68 -14.02 -1.66 -28.42
N ASN D 69 -13.88 -1.79 -29.73
CA ASN D 69 -13.50 -0.63 -30.53
C ASN D 69 -14.73 0.24 -30.75
N ALA D 70 -14.53 1.40 -31.38
CA ALA D 70 -15.57 2.42 -31.44
C ALA D 70 -16.82 1.92 -32.17
N LYS D 71 -16.61 0.96 -33.07
CA LYS D 71 -17.67 0.46 -33.92
C LYS D 71 -18.48 -0.72 -33.34
N GLU D 72 -17.91 -1.45 -32.40
CA GLU D 72 -18.62 -2.62 -31.90
C GLU D 72 -19.22 -2.39 -30.51
N ARG D 73 -18.93 -1.24 -29.91
CA ARG D 73 -19.31 -1.02 -28.51
C ARG D 73 -20.82 -1.03 -28.27
N PHE D 74 -21.61 -0.44 -29.17
CA PHE D 74 -23.05 -0.38 -28.89
C PHE D 74 -23.71 -1.76 -29.12
N THR D 75 -23.24 -2.47 -30.13
N THR D 75 -23.26 -2.49 -30.13
CA THR D 75 -23.79 -3.79 -30.47
CA THR D 75 -23.87 -3.79 -30.42
C THR D 75 -23.59 -4.74 -29.28
C THR D 75 -23.58 -4.78 -29.30
N ALA D 76 -22.40 -4.67 -28.68
CA ALA D 76 -22.05 -5.52 -27.55
C ALA D 76 -23.01 -5.30 -26.38
N LEU D 77 -23.44 -4.06 -26.18
CA LEU D 77 -24.38 -3.77 -25.10
C LEU D 77 -25.80 -4.17 -25.49
N GLN D 78 -26.20 -3.87 -26.73
CA GLN D 78 -27.54 -4.19 -27.19
C GLN D 78 -27.80 -5.69 -27.17
N SER D 79 -26.76 -6.46 -27.44
CA SER D 79 -26.91 -7.90 -27.61
C SER D 79 -26.98 -8.59 -26.25
N GLY D 80 -26.56 -7.89 -25.21
CA GLY D 80 -26.49 -8.48 -23.89
C GLY D 80 -25.13 -9.06 -23.56
N GLU D 81 -24.17 -8.91 -24.48
CA GLU D 81 -22.86 -9.49 -24.25
C GLU D 81 -22.19 -8.79 -23.07
N VAL D 82 -22.41 -7.48 -22.92
CA VAL D 82 -21.97 -6.78 -21.73
C VAL D 82 -23.18 -6.21 -20.99
N ASP D 83 -23.03 -6.05 -19.68
CA ASP D 83 -24.09 -5.57 -18.81
C ASP D 83 -24.10 -4.03 -18.74
N VAL D 84 -22.96 -3.42 -18.99
CA VAL D 84 -22.80 -1.96 -18.92
C VAL D 84 -21.63 -1.57 -19.83
N LEU D 85 -21.70 -0.37 -20.38
CA LEU D 85 -20.64 0.18 -21.23
C LEU D 85 -20.10 1.44 -20.58
N ILE D 86 -18.85 1.38 -20.16
CA ILE D 86 -18.21 2.53 -19.53
C ILE D 86 -16.91 2.72 -20.28
N ARG D 87 -16.93 3.61 -21.28
CA ARG D 87 -15.88 3.60 -22.28
C ARG D 87 -15.86 4.91 -23.05
N ASN D 88 -15.58 6.01 -22.35
CA ASN D 88 -15.39 7.33 -22.98
C ASN D 88 -16.38 7.55 -24.13
N THR D 89 -17.64 7.23 -23.86
CA THR D 89 -18.70 7.22 -24.86
C THR D 89 -19.67 8.37 -24.65
N THR D 90 -19.75 9.24 -25.65
CA THR D 90 -20.51 10.48 -25.50
C THR D 90 -22.03 10.24 -25.50
N TRP D 91 -22.71 10.80 -24.51
CA TRP D 91 -24.17 10.87 -24.48
C TRP D 91 -24.65 11.89 -25.51
N THR D 92 -25.40 11.42 -26.51
CA THR D 92 -26.01 12.30 -27.52
C THR D 92 -27.45 11.92 -27.68
N ILE D 93 -28.26 12.79 -28.28
CA ILE D 93 -29.66 12.44 -28.42
C ILE D 93 -29.87 11.19 -29.28
N SER D 94 -29.11 11.05 -30.37
N SER D 94 -29.11 11.06 -30.37
CA SER D 94 -29.32 9.93 -31.28
CA SER D 94 -29.28 9.94 -31.28
C SER D 94 -28.97 8.60 -30.59
C SER D 94 -28.98 8.61 -30.59
N ARG D 95 -27.97 8.62 -29.72
CA ARG D 95 -27.61 7.41 -28.99
C ARG D 95 -28.65 7.10 -27.90
N ASP D 96 -29.40 8.13 -27.50
CA ASP D 96 -30.42 8.00 -26.44
C ASP D 96 -31.77 7.52 -27.03
N THR D 97 -32.01 7.83 -28.30
CA THR D 97 -33.33 7.60 -28.87
C THR D 97 -33.41 6.47 -29.89
N SER D 98 -32.29 6.17 -30.55
CA SER D 98 -32.32 5.27 -31.69
C SER D 98 -31.64 3.91 -31.47
N LEU D 99 -31.09 3.67 -30.29
CA LEU D 99 -30.30 2.45 -30.08
C LEU D 99 -30.87 1.52 -29.01
N GLY D 100 -31.98 1.92 -28.37
CA GLY D 100 -32.53 1.15 -27.28
C GLY D 100 -31.66 1.23 -26.03
N LEU D 101 -30.95 2.35 -25.90
CA LEU D 101 -30.04 2.54 -24.78
C LEU D 101 -30.43 3.75 -23.92
N ASP D 102 -29.99 3.71 -22.66
CA ASP D 102 -30.14 4.85 -21.75
C ASP D 102 -28.79 5.17 -21.13
N PHE D 103 -28.72 6.30 -20.44
CA PHE D 103 -27.48 6.73 -19.80
C PHE D 103 -27.77 6.99 -18.34
N ALA D 104 -26.96 6.43 -17.46
CA ALA D 104 -27.24 6.47 -16.04
C ALA D 104 -26.56 7.66 -15.35
N GLY D 105 -25.72 8.38 -16.09
CA GLY D 105 -24.93 9.45 -15.49
C GLY D 105 -23.77 9.82 -16.40
N ILE D 106 -23.10 10.91 -16.07
CA ILE D 106 -21.98 11.42 -16.83
C ILE D 106 -20.77 11.39 -15.90
N ASN D 107 -19.81 10.50 -16.15
CA ASN D 107 -18.71 10.41 -15.22
C ASN D 107 -17.54 11.30 -15.63
N TYR D 108 -17.59 11.90 -16.81
CA TYR D 108 -16.54 12.81 -17.21
C TYR D 108 -17.04 13.72 -18.32
N TYR D 109 -17.10 15.02 -18.05
CA TYR D 109 -17.45 16.00 -19.09
C TYR D 109 -16.20 16.33 -19.89
N ASP D 110 -16.22 16.08 -21.20
CA ASP D 110 -15.07 16.38 -22.05
C ASP D 110 -15.52 17.20 -23.27
N GLY D 111 -14.57 17.51 -24.14
CA GLY D 111 -14.87 18.21 -25.39
C GLY D 111 -13.82 17.81 -26.40
N GLN D 112 -14.13 17.93 -27.69
CA GLN D 112 -13.19 17.52 -28.74
C GLN D 112 -12.10 18.56 -28.98
N GLY D 113 -10.86 18.08 -29.16
CA GLY D 113 -9.74 18.95 -29.45
C GLY D 113 -8.83 18.39 -30.52
N PHE D 114 -7.73 19.09 -30.78
CA PHE D 114 -6.74 18.74 -31.79
C PHE D 114 -5.33 18.72 -31.21
N MET D 115 -4.53 17.76 -31.64
CA MET D 115 -3.14 17.66 -31.19
C MET D 115 -2.19 17.66 -32.38
N ILE D 116 -1.07 18.36 -32.25
CA ILE D 116 -0.03 18.40 -33.28
C ILE D 116 1.33 18.14 -32.67
N ASN D 117 2.28 17.77 -33.53
CA ASN D 117 3.68 17.73 -33.13
C ASN D 117 4.24 19.11 -33.37
N SER D 118 4.50 19.84 -32.28
CA SER D 118 4.94 21.23 -32.38
C SER D 118 6.36 21.33 -32.92
N LYS D 119 7.08 20.22 -32.91
CA LYS D 119 8.42 20.20 -33.49
C LYS D 119 8.33 20.10 -35.02
N LYS D 120 7.36 19.34 -35.52
CA LYS D 120 7.16 19.23 -36.97
C LYS D 120 6.31 20.36 -37.52
N LEU D 121 5.32 20.78 -36.73
CA LEU D 121 4.44 21.86 -37.15
C LEU D 121 4.65 23.09 -36.27
N ALA D 122 5.85 23.66 -36.34
CA ALA D 122 6.11 24.90 -35.63
C ALA D 122 5.21 26.01 -36.15
N GLY D 123 5.02 27.05 -35.35
CA GLY D 123 4.23 28.18 -35.79
C GLY D 123 2.73 27.97 -35.75
N ILE D 124 2.30 26.77 -35.37
CA ILE D 124 0.86 26.50 -35.24
C ILE D 124 0.47 26.56 -33.77
N ASN D 125 -0.47 27.45 -33.44
CA ASN D 125 -0.94 27.57 -32.06
C ASN D 125 -2.45 27.63 -31.98
N SER D 126 -3.12 27.32 -33.08
CA SER D 126 -4.58 27.34 -33.08
C SER D 126 -5.14 26.34 -34.07
N ALA D 127 -6.26 25.71 -33.73
CA ALA D 127 -6.88 24.77 -34.66
C ALA D 127 -7.33 25.49 -35.92
N LEU D 128 -7.46 26.82 -35.85
CA LEU D 128 -7.91 27.58 -37.02
C LEU D 128 -6.77 27.72 -38.04
N GLN D 129 -5.59 27.23 -37.71
CA GLN D 129 -4.49 27.27 -38.67
C GLN D 129 -4.29 25.92 -39.34
N LEU D 130 -5.30 25.06 -39.23
CA LEU D 130 -5.18 23.69 -39.71
C LEU D 130 -5.81 23.44 -41.08
N SER D 131 -6.14 24.51 -41.82
CA SER D 131 -6.72 24.33 -43.14
C SER D 131 -5.79 23.48 -44.01
N GLY D 132 -6.34 22.43 -44.61
CA GLY D 132 -5.55 21.59 -45.48
C GLY D 132 -4.80 20.45 -44.80
N ALA D 133 -4.66 20.53 -43.48
CA ALA D 133 -3.90 19.52 -42.73
C ALA D 133 -4.57 18.15 -42.80
N SER D 134 -3.77 17.09 -42.86
N SER D 134 -3.77 17.09 -42.86
CA SER D 134 -4.31 15.74 -42.78
CA SER D 134 -4.29 15.73 -42.78
C SER D 134 -4.53 15.40 -41.31
C SER D 134 -4.52 15.40 -41.31
N ILE D 135 -5.76 15.09 -40.96
CA ILE D 135 -6.09 14.87 -39.55
C ILE D 135 -6.68 13.48 -39.33
N CYS D 136 -6.05 12.70 -38.47
N CYS D 136 -5.99 12.69 -38.52
CA CYS D 136 -6.54 11.36 -38.25
CA CYS D 136 -6.39 11.31 -38.25
C CYS D 136 -7.69 11.37 -37.27
C CYS D 136 -7.61 11.31 -37.27
N VAL D 137 -8.62 10.47 -37.52
CA VAL D 137 -9.82 10.37 -36.70
C VAL D 137 -10.35 8.94 -36.83
N GLN D 138 -11.04 8.45 -35.80
CA GLN D 138 -11.65 7.12 -35.91
C GLN D 138 -13.07 7.13 -36.43
N ALA D 139 -13.37 6.13 -37.25
CA ALA D 139 -14.75 5.90 -37.70
C ALA D 139 -15.63 5.50 -36.50
N GLY D 140 -16.93 5.74 -36.64
CA GLY D 140 -17.90 5.37 -35.63
C GLY D 140 -17.81 6.24 -34.38
N THR D 141 -17.40 7.50 -34.54
CA THR D 141 -17.32 8.43 -33.40
C THR D 141 -18.07 9.73 -33.63
N THR D 142 -18.44 10.39 -32.55
CA THR D 142 -18.91 11.78 -32.63
C THR D 142 -17.82 12.65 -33.26
N THR D 143 -16.58 12.34 -32.91
CA THR D 143 -15.39 13.05 -33.33
C THR D 143 -15.35 13.32 -34.82
N GLU D 144 -15.62 12.29 -35.61
CA GLU D 144 -15.53 12.39 -37.06
C GLU D 144 -16.57 13.39 -37.58
N LEU D 145 -17.78 13.35 -37.02
CA LEU D 145 -18.85 14.26 -37.47
C LEU D 145 -18.57 15.70 -37.05
N ASN D 146 -18.11 15.89 -35.81
CA ASN D 146 -17.85 17.25 -35.33
C ASN D 146 -16.73 17.91 -36.12
N MET D 147 -15.70 17.14 -36.51
CA MET D 147 -14.60 17.75 -37.25
C MET D 147 -15.08 18.27 -38.60
N ALA D 148 -15.88 17.48 -39.29
CA ALA D 148 -16.44 17.94 -40.55
C ALA D 148 -17.18 19.26 -40.33
N ASP D 149 -18.01 19.30 -39.27
CA ASP D 149 -18.80 20.51 -38.97
C ASP D 149 -17.88 21.72 -38.79
N TYR D 150 -16.82 21.52 -38.02
CA TYR D 150 -15.93 22.61 -37.65
C TYR D 150 -15.17 23.17 -38.86
N PHE D 151 -14.74 22.29 -39.74
CA PHE D 151 -13.99 22.74 -40.91
C PHE D 151 -14.91 23.41 -41.92
N ARG D 152 -16.14 22.90 -42.05
CA ARG D 152 -17.12 23.53 -42.93
C ARG D 152 -17.44 24.95 -42.44
N ALA D 153 -17.72 25.06 -41.15
CA ALA D 153 -18.16 26.32 -40.57
C ALA D 153 -17.08 27.37 -40.69
N ASN D 154 -15.84 26.94 -40.55
CA ASN D 154 -14.73 27.88 -40.55
C ASN D 154 -14.03 27.98 -41.88
N LYS D 155 -14.66 27.44 -42.92
CA LYS D 155 -14.15 27.56 -44.28
C LYS D 155 -12.71 27.06 -44.41
N MET D 156 -12.39 25.96 -43.73
CA MET D 156 -11.07 25.36 -43.83
C MET D 156 -11.09 24.13 -44.73
N GLU D 157 -10.01 23.94 -45.49
CA GLU D 157 -9.91 22.79 -46.38
C GLU D 157 -9.87 21.52 -45.54
N TYR D 158 -10.70 20.55 -45.89
CA TYR D 158 -10.97 19.39 -45.03
C TYR D 158 -10.31 18.12 -45.58
N ASN D 159 -9.36 17.58 -44.82
CA ASN D 159 -8.58 16.39 -45.21
C ASN D 159 -8.52 15.35 -44.10
N PRO D 160 -9.68 14.75 -43.77
CA PRO D 160 -9.70 13.69 -42.75
C PRO D 160 -9.00 12.44 -43.25
N VAL D 161 -8.39 11.70 -42.33
CA VAL D 161 -7.89 10.38 -42.62
C VAL D 161 -8.55 9.45 -41.61
N VAL D 162 -9.42 8.56 -42.07
CA VAL D 162 -10.27 7.80 -41.16
C VAL D 162 -9.75 6.39 -40.92
N PHE D 163 -9.70 6.01 -39.65
CA PHE D 163 -9.15 4.73 -39.23
C PHE D 163 -10.16 3.87 -38.50
N GLU D 164 -9.97 2.56 -38.59
CA GLU D 164 -10.88 1.63 -37.93
C GLU D 164 -10.43 1.26 -36.52
N LYS D 165 -9.15 1.38 -36.25
CA LYS D 165 -8.58 0.97 -34.97
C LYS D 165 -7.69 2.06 -34.40
N ILE D 166 -7.66 2.21 -33.09
CA ILE D 166 -6.91 3.32 -32.50
C ILE D 166 -5.41 3.15 -32.73
N GLU D 167 -4.93 1.91 -32.79
CA GLU D 167 -3.50 1.67 -32.96
C GLU D 167 -3.05 2.17 -34.32
N GLU D 168 -3.91 1.95 -35.32
CA GLU D 168 -3.69 2.43 -36.67
C GLU D 168 -3.63 3.96 -36.71
N ALA D 169 -4.59 4.61 -36.05
CA ALA D 169 -4.60 6.07 -35.98
C ALA D 169 -3.32 6.59 -35.31
N ASN D 170 -2.95 5.98 -34.18
CA ASN D 170 -1.79 6.43 -33.44
C ASN D 170 -0.53 6.33 -34.30
N ALA D 171 -0.39 5.24 -35.05
CA ALA D 171 0.85 5.02 -35.80
C ALA D 171 0.96 6.01 -36.96
N ALA D 172 -0.16 6.28 -37.62
CA ALA D 172 -0.18 7.17 -38.77
C ALA D 172 0.11 8.62 -38.37
N TYR D 173 -0.36 9.01 -37.19
CA TYR D 173 -0.08 10.33 -36.65
C TYR D 173 1.38 10.47 -36.24
N ASP D 174 1.88 9.49 -35.48
CA ASP D 174 3.22 9.57 -34.93
C ASP D 174 4.27 9.51 -36.03
N SER D 175 3.98 8.74 -37.07
CA SER D 175 4.93 8.56 -38.17
C SER D 175 5.02 9.82 -39.02
N GLY D 176 4.03 10.69 -38.87
CA GLY D 176 3.99 11.92 -39.64
C GLY D 176 3.15 11.83 -40.90
N ARG D 177 2.55 10.67 -41.13
CA ARG D 177 1.61 10.52 -42.24
C ARG D 177 0.41 11.47 -42.09
N CYS D 178 0.01 11.73 -40.84
CA CYS D 178 -1.03 12.71 -40.55
C CYS D 178 -0.44 13.92 -39.82
N ASP D 179 -0.96 15.11 -40.11
CA ASP D 179 -0.46 16.34 -39.51
C ASP D 179 -0.99 16.58 -38.10
N ALA D 180 -2.17 16.06 -37.82
CA ALA D 180 -2.84 16.29 -36.55
C ALA D 180 -3.71 15.09 -36.17
N TYR D 181 -4.09 15.06 -34.90
CA TYR D 181 -4.89 14.00 -34.33
C TYR D 181 -6.11 14.66 -33.69
N THR D 182 -7.31 14.14 -33.91
CA THR D 182 -8.45 14.69 -33.18
C THR D 182 -9.19 13.60 -32.42
N THR D 183 -9.56 13.93 -31.19
CA THR D 183 -10.44 13.12 -30.36
C THR D 183 -10.77 13.94 -29.11
N ASP D 184 -11.41 13.31 -28.12
CA ASP D 184 -11.72 14.01 -26.87
C ASP D 184 -10.45 14.47 -26.20
N GLN D 185 -10.51 15.61 -25.52
CA GLN D 185 -9.26 16.18 -25.01
C GLN D 185 -8.58 15.25 -24.01
N SER D 186 -9.36 14.61 -23.12
CA SER D 186 -8.76 13.72 -22.12
C SER D 186 -8.13 12.54 -22.81
N SER D 187 -8.67 12.17 -23.98
CA SER D 187 -8.13 11.04 -24.72
C SER D 187 -6.79 11.42 -25.37
N LEU D 188 -6.70 12.68 -25.82
CA LEU D 188 -5.45 13.17 -26.40
C LEU D 188 -4.30 13.09 -25.38
N TYR D 189 -4.59 13.37 -24.11
CA TYR D 189 -3.59 13.19 -23.05
C TYR D 189 -3.12 11.74 -23.01
N GLY D 190 -4.06 10.80 -23.14
CA GLY D 190 -3.72 9.39 -23.06
C GLY D 190 -2.96 8.88 -24.28
N VAL D 191 -3.44 9.28 -25.45
CA VAL D 191 -2.76 8.94 -26.70
C VAL D 191 -1.33 9.47 -26.68
N ARG D 192 -1.17 10.73 -26.29
CA ARG D 192 0.14 11.36 -26.29
C ARG D 192 1.18 10.55 -25.51
N LEU D 193 0.76 10.00 -24.37
CA LEU D 193 1.68 9.22 -23.53
C LEU D 193 2.13 7.91 -24.20
N ALA D 194 1.50 7.54 -25.30
CA ALA D 194 1.84 6.28 -25.97
C ALA D 194 2.72 6.51 -27.18
N LEU D 195 3.01 7.77 -27.46
CA LEU D 195 3.75 8.14 -28.66
C LEU D 195 5.25 8.05 -28.40
N ALA D 196 6.05 8.07 -29.46
CA ALA D 196 7.49 7.91 -29.33
C ALA D 196 8.11 9.01 -28.45
N ASN D 197 7.73 10.25 -28.70
CA ASN D 197 8.21 11.40 -27.91
C ASN D 197 7.06 12.29 -27.43
N PRO D 198 6.39 11.89 -26.35
CA PRO D 198 5.21 12.61 -25.84
C PRO D 198 5.41 14.11 -25.72
N ASP D 199 6.59 14.55 -25.28
CA ASP D 199 6.86 15.97 -25.03
C ASP D 199 6.81 16.89 -26.25
N ASP D 200 6.93 16.31 -27.44
CA ASP D 200 6.88 17.13 -28.65
C ASP D 200 5.45 17.45 -29.09
N HIS D 201 4.46 16.93 -28.37
CA HIS D 201 3.06 17.08 -28.80
C HIS D 201 2.27 18.08 -27.97
N VAL D 202 1.55 18.95 -28.67
CA VAL D 202 0.82 20.02 -28.06
C VAL D 202 -0.67 19.84 -28.34
N ILE D 203 -1.49 19.94 -27.31
CA ILE D 203 -2.94 20.00 -27.50
C ILE D 203 -3.32 21.46 -27.68
N LEU D 204 -3.92 21.77 -28.83
CA LEU D 204 -4.25 23.15 -29.16
C LEU D 204 -5.40 23.61 -28.28
N PRO D 205 -5.56 24.94 -28.14
CA PRO D 205 -6.53 25.45 -27.17
C PRO D 205 -8.00 25.17 -27.52
N GLU D 206 -8.33 25.08 -28.79
CA GLU D 206 -9.74 25.02 -29.20
C GLU D 206 -10.46 23.73 -28.74
N ILE D 207 -11.67 23.92 -28.22
CA ILE D 207 -12.56 22.82 -27.88
C ILE D 207 -13.80 22.98 -28.74
N ILE D 208 -14.08 22.01 -29.61
CA ILE D 208 -15.08 22.24 -30.64
C ILE D 208 -16.39 21.50 -30.43
N SER D 209 -16.55 20.83 -29.29
CA SER D 209 -17.78 20.08 -29.05
C SER D 209 -17.98 19.85 -27.57
N LYS D 210 -19.20 19.46 -27.21
CA LYS D 210 -19.49 18.90 -25.89
C LYS D 210 -19.44 17.38 -25.98
N GLU D 211 -18.66 16.76 -25.10
CA GLU D 211 -18.54 15.30 -25.09
C GLU D 211 -18.71 14.76 -23.68
N PRO D 212 -19.96 14.70 -23.21
CA PRO D 212 -20.18 14.12 -21.89
C PRO D 212 -20.11 12.59 -21.93
N PHE D 213 -19.13 12.00 -21.23
CA PHE D 213 -18.95 10.54 -21.22
C PHE D 213 -20.05 9.94 -20.35
N GLY D 214 -20.82 9.00 -20.90
CA GLY D 214 -21.99 8.47 -20.20
C GLY D 214 -21.89 7.02 -19.79
N LEU D 215 -22.46 6.71 -18.63
CA LEU D 215 -22.59 5.34 -18.15
C LEU D 215 -23.75 4.70 -18.88
N THR D 216 -23.45 3.80 -19.80
CA THR D 216 -24.42 3.43 -20.83
C THR D 216 -25.03 2.07 -20.55
N VAL D 217 -26.36 1.99 -20.52
CA VAL D 217 -27.08 0.73 -20.25
C VAL D 217 -28.19 0.56 -21.29
N ARG D 218 -28.76 -0.64 -21.33
CA ARG D 218 -29.93 -0.88 -22.17
C ARG D 218 -31.17 -0.20 -21.57
N GLN D 219 -32.06 0.29 -22.42
CA GLN D 219 -33.41 0.68 -21.99
C GLN D 219 -34.19 -0.52 -21.45
N GLY D 220 -35.26 -0.25 -20.71
CA GLY D 220 -36.16 -1.30 -20.27
C GLY D 220 -35.80 -2.07 -19.01
N ASP D 221 -34.81 -1.57 -18.26
CA ASP D 221 -34.45 -2.19 -16.99
C ASP D 221 -34.10 -1.08 -16.00
N ALA D 222 -35.13 -0.50 -15.38
CA ALA D 222 -34.95 0.65 -14.49
C ALA D 222 -34.13 0.29 -13.27
N ARG D 223 -34.33 -0.92 -12.75
CA ARG D 223 -33.61 -1.37 -11.57
C ARG D 223 -32.11 -1.38 -11.81
N TRP D 224 -31.70 -1.87 -12.99
CA TRP D 224 -30.29 -1.92 -13.35
C TRP D 224 -29.73 -0.51 -13.59
N ALA D 225 -30.48 0.35 -14.26
CA ALA D 225 -30.05 1.74 -14.46
C ALA D 225 -29.88 2.45 -13.11
N ASP D 226 -30.80 2.18 -12.18
CA ASP D 226 -30.69 2.76 -10.84
C ASP D 226 -29.38 2.37 -10.14
N VAL D 227 -28.99 1.10 -10.28
CA VAL D 227 -27.75 0.62 -9.64
C VAL D 227 -26.54 1.37 -10.19
N VAL D 228 -26.51 1.54 -11.51
CA VAL D 228 -25.36 2.18 -12.14
C VAL D 228 -25.37 3.66 -11.80
N ARG D 229 -26.55 4.27 -11.91
CA ARG D 229 -26.71 5.70 -11.58
C ARG D 229 -26.28 6.01 -10.15
N TRP D 230 -26.72 5.17 -9.24
CA TRP D 230 -26.50 5.51 -7.85
C TRP D 230 -25.13 5.08 -7.35
N THR D 231 -24.47 4.17 -8.05
CA THR D 231 -23.03 3.97 -7.84
C THR D 231 -22.29 5.28 -8.13
N HIS D 232 -22.55 5.86 -9.31
CA HIS D 232 -21.97 7.15 -9.69
C HIS D 232 -22.23 8.25 -8.67
N ASN D 233 -23.48 8.38 -8.25
CA ASN D 233 -23.82 9.49 -7.36
C ASN D 233 -23.29 9.24 -5.96
N ALA D 234 -23.16 7.97 -5.57
CA ALA D 234 -22.52 7.64 -4.31
C ALA D 234 -21.07 8.10 -4.34
N LEU D 235 -20.39 7.85 -5.46
CA LEU D 235 -18.99 8.28 -5.59
C LEU D 235 -18.87 9.80 -5.42
N LEU D 236 -19.80 10.53 -6.04
CA LEU D 236 -19.80 12.00 -5.93
C LEU D 236 -20.10 12.48 -4.52
N ASN D 237 -21.17 11.95 -3.91
CA ASN D 237 -21.54 12.35 -2.56
C ASN D 237 -20.41 12.08 -1.56
N ALA D 238 -19.77 10.92 -1.69
CA ALA D 238 -18.68 10.55 -0.79
C ALA D 238 -17.55 11.56 -0.87
N GLU D 239 -17.19 11.97 -2.09
CA GLU D 239 -16.13 12.97 -2.20
C GLU D 239 -16.58 14.27 -1.55
N GLU D 240 -17.80 14.70 -1.84
CA GLU D 240 -18.32 15.95 -1.26
C GLU D 240 -18.29 15.92 0.28
N TYR D 241 -18.49 14.74 0.87
CA TYR D 241 -18.54 14.63 2.32
C TYR D 241 -17.19 14.22 2.93
N GLY D 242 -16.14 14.18 2.11
CA GLY D 242 -14.80 13.86 2.61
C GLY D 242 -14.61 12.42 3.05
N ILE D 243 -15.39 11.52 2.44
CA ILE D 243 -15.30 10.09 2.72
C ILE D 243 -14.39 9.45 1.68
N THR D 244 -13.34 8.80 2.18
CA THR D 244 -12.29 8.25 1.33
C THR D 244 -12.14 6.77 1.57
N GLN D 245 -11.39 6.11 0.69
CA GLN D 245 -11.09 4.68 0.86
C GLN D 245 -10.46 4.42 2.22
N ALA D 246 -9.59 5.34 2.65
CA ALA D 246 -8.83 5.15 3.88
C ALA D 246 -9.66 5.40 5.13
N ASN D 247 -10.66 6.27 5.05
CA ASN D 247 -11.35 6.65 6.28
C ASN D 247 -12.80 6.18 6.38
N VAL D 248 -13.30 5.52 5.33
CA VAL D 248 -14.72 5.18 5.30
C VAL D 248 -15.15 4.28 6.47
N GLU D 249 -14.27 3.39 6.92
CA GLU D 249 -14.65 2.52 8.03
C GLU D 249 -14.85 3.36 9.28
N GLU D 250 -14.01 4.38 9.46
CA GLU D 250 -14.18 5.32 10.55
C GLU D 250 -15.39 6.24 10.34
N MET D 251 -15.62 6.67 9.11
CA MET D 251 -16.72 7.58 8.84
C MET D 251 -18.07 6.92 9.10
N LYS D 252 -18.11 5.61 9.06
CA LYS D 252 -19.35 4.87 9.32
C LYS D 252 -19.89 5.18 10.72
N LYS D 253 -19.01 5.62 11.61
CA LYS D 253 -19.40 5.97 12.96
C LYS D 253 -19.66 7.47 13.13
N SER D 254 -19.74 8.19 12.01
CA SER D 254 -19.96 9.63 12.07
C SER D 254 -21.31 9.99 12.68
N ASP D 255 -21.37 11.14 13.35
CA ASP D 255 -22.62 11.66 13.89
C ASP D 255 -23.37 12.50 12.87
N ASN D 256 -22.69 12.89 11.79
CA ASN D 256 -23.30 13.67 10.72
C ASN D 256 -24.43 12.85 10.10
N PRO D 257 -25.68 13.37 10.14
CA PRO D 257 -26.79 12.58 9.61
C PRO D 257 -26.64 12.22 8.13
N ASP D 258 -26.17 13.14 7.31
CA ASP D 258 -25.99 12.85 5.88
C ASP D 258 -25.01 11.70 5.66
N ILE D 259 -23.94 11.66 6.46
CA ILE D 259 -22.91 10.65 6.31
C ILE D 259 -23.41 9.31 6.84
N LYS D 260 -24.08 9.36 7.98
CA LYS D 260 -24.66 8.16 8.59
C LYS D 260 -25.63 7.48 7.62
N ARG D 261 -26.46 8.30 6.96
CA ARG D 261 -27.44 7.80 6.02
C ARG D 261 -26.76 7.25 4.77
N LEU D 262 -25.78 8.00 4.25
CA LEU D 262 -25.02 7.56 3.07
C LEU D 262 -24.35 6.22 3.31
N LEU D 263 -23.73 6.05 4.48
CA LEU D 263 -22.94 4.86 4.73
C LEU D 263 -23.74 3.71 5.34
N GLY D 264 -25.06 3.85 5.38
CA GLY D 264 -25.93 2.79 5.85
C GLY D 264 -25.90 2.54 7.35
N ALA D 265 -25.53 3.57 8.12
CA ALA D 265 -25.41 3.42 9.57
C ALA D 265 -26.65 3.90 10.29
N GLU D 266 -27.61 4.47 9.57
CA GLU D 266 -28.85 4.90 10.17
C GLU D 266 -29.65 3.66 10.57
N ALA D 267 -30.54 3.81 11.55
CA ALA D 267 -31.36 2.69 12.01
C ALA D 267 -32.58 2.52 11.11
N ASP D 268 -32.87 1.27 10.74
CA ASP D 268 -34.01 0.94 9.89
C ASP D 268 -33.98 1.67 8.55
N THR D 269 -32.80 1.99 8.05
CA THR D 269 -32.69 2.61 6.73
C THR D 269 -32.99 1.56 5.66
N LYS D 270 -33.58 2.01 4.54
CA LYS D 270 -34.03 1.09 3.50
C LYS D 270 -33.42 1.46 2.14
N ILE D 271 -32.48 2.39 2.15
CA ILE D 271 -31.91 2.92 0.91
C ILE D 271 -31.24 1.85 0.07
N GLY D 272 -30.31 1.12 0.68
CA GLY D 272 -29.57 0.10 -0.05
C GLY D 272 -30.48 -1.01 -0.52
N THR D 273 -31.38 -1.46 0.34
CA THR D 273 -32.21 -2.62 0.00
C THR D 273 -33.30 -2.22 -1.03
N ASP D 274 -33.73 -0.97 -1.01
CA ASP D 274 -34.66 -0.51 -2.05
C ASP D 274 -33.95 -0.48 -3.39
N LEU D 275 -32.64 -0.32 -3.35
CA LEU D 275 -31.83 -0.30 -4.56
C LEU D 275 -31.53 -1.73 -5.04
N GLY D 276 -31.81 -2.72 -4.18
CA GLY D 276 -31.56 -4.11 -4.52
C GLY D 276 -30.23 -4.60 -3.98
N LEU D 277 -29.58 -3.75 -3.18
CA LEU D 277 -28.26 -4.06 -2.65
C LEU D 277 -28.33 -4.19 -1.13
N ASP D 278 -27.18 -4.22 -0.47
CA ASP D 278 -27.12 -4.32 0.99
C ASP D 278 -27.08 -2.94 1.62
N LYS D 279 -27.30 -2.86 2.92
CA LYS D 279 -27.41 -1.56 3.57
C LYS D 279 -26.10 -0.76 3.45
N ASP D 280 -24.98 -1.46 3.42
CA ASP D 280 -23.69 -0.78 3.38
C ASP D 280 -23.10 -0.70 1.98
N TRP D 281 -23.97 -0.59 0.96
CA TRP D 281 -23.50 -0.62 -0.43
C TRP D 281 -22.47 0.49 -0.73
N VAL D 282 -22.63 1.66 -0.11
CA VAL D 282 -21.68 2.74 -0.35
C VAL D 282 -20.33 2.48 0.33
N VAL D 283 -20.35 1.91 1.54
CA VAL D 283 -19.10 1.51 2.19
C VAL D 283 -18.37 0.51 1.28
N LYS D 284 -19.11 -0.41 0.67
CA LYS D 284 -18.50 -1.35 -0.26
C LYS D 284 -17.86 -0.65 -1.45
N ILE D 285 -18.55 0.35 -2.02
CA ILE D 285 -18.00 1.10 -3.14
C ILE D 285 -16.69 1.79 -2.73
N ILE D 286 -16.74 2.59 -1.66
CA ILE D 286 -15.59 3.40 -1.29
C ILE D 286 -14.39 2.52 -0.85
N LYS D 287 -14.67 1.43 -0.16
CA LYS D 287 -13.61 0.48 0.16
C LYS D 287 -12.98 -0.10 -1.10
N GLY D 288 -13.81 -0.35 -2.11
CA GLY D 288 -13.34 -0.98 -3.33
C GLY D 288 -12.50 -0.09 -4.23
N VAL D 289 -12.89 1.17 -4.37
CA VAL D 289 -12.26 2.05 -5.36
C VAL D 289 -12.01 3.48 -4.85
N GLY D 290 -12.48 3.79 -3.64
CA GLY D 290 -12.37 5.14 -3.12
C GLY D 290 -13.44 6.05 -3.72
N ASN D 291 -13.40 7.35 -3.41
CA ASN D 291 -14.45 8.25 -3.92
C ASN D 291 -14.12 8.77 -5.33
N TYR D 292 -15.00 9.59 -5.88
CA TYR D 292 -14.82 10.11 -7.24
C TYR D 292 -13.46 10.80 -7.43
N GLY D 293 -13.08 11.64 -6.46
CA GLY D 293 -11.84 12.38 -6.57
C GLY D 293 -10.64 11.47 -6.55
N GLU D 294 -10.74 10.40 -5.74
CA GLU D 294 -9.66 9.44 -5.67
C GLU D 294 -9.50 8.68 -6.98
N ILE D 295 -10.62 8.35 -7.64
CA ILE D 295 -10.58 7.69 -8.93
C ILE D 295 -9.98 8.63 -9.97
N PHE D 296 -10.38 9.89 -9.91
CA PHE D 296 -9.87 10.90 -10.83
C PHE D 296 -8.36 11.05 -10.68
N GLU D 297 -7.91 11.29 -9.45
CA GLU D 297 -6.51 11.59 -9.24
C GLU D 297 -5.54 10.47 -9.58
N ARG D 298 -5.88 9.23 -9.24
CA ARG D 298 -4.95 8.12 -9.42
C ARG D 298 -4.82 7.75 -10.90
N ASN D 299 -5.84 8.07 -11.69
CA ASN D 299 -5.88 7.64 -13.09
C ASN D 299 -5.53 8.73 -14.08
N ILE D 300 -6.10 9.92 -13.90
CA ILE D 300 -5.97 10.95 -14.92
C ILE D 300 -5.56 12.31 -14.34
N GLY D 301 -5.59 12.43 -13.03
CA GLY D 301 -5.24 13.69 -12.39
C GLY D 301 -3.78 13.85 -12.01
N SER D 302 -3.53 14.57 -10.92
CA SER D 302 -2.16 14.87 -10.51
C SER D 302 -1.43 13.64 -9.96
N GLY D 303 -2.17 12.58 -9.64
CA GLY D 303 -1.58 11.33 -9.21
C GLY D 303 -1.32 10.36 -10.36
N SER D 304 -1.31 10.90 -11.58
CA SER D 304 -1.10 10.10 -12.78
C SER D 304 -0.13 10.81 -13.74
N PRO D 305 0.33 10.10 -14.78
CA PRO D 305 1.15 10.82 -15.77
C PRO D 305 0.38 11.81 -16.66
N LEU D 306 -0.94 11.75 -16.67
CA LEU D 306 -1.72 12.63 -17.54
C LEU D 306 -1.82 14.06 -16.99
N LYS D 307 -1.97 14.19 -15.68
CA LYS D 307 -1.98 15.51 -15.01
C LYS D 307 -3.11 16.43 -15.51
N ILE D 308 -4.29 15.87 -15.73
CA ILE D 308 -5.47 16.65 -16.11
C ILE D 308 -6.07 17.39 -14.90
N ALA D 309 -6.37 18.67 -15.04
CA ALA D 309 -6.99 19.42 -13.95
C ALA D 309 -8.46 19.02 -13.85
N ARG D 310 -9.03 19.11 -12.65
CA ARG D 310 -10.45 18.74 -12.46
C ARG D 310 -11.36 19.50 -13.43
N GLY D 311 -11.18 20.82 -13.50
CA GLY D 311 -11.94 21.63 -14.43
C GLY D 311 -13.44 21.42 -14.33
N LEU D 312 -14.06 21.02 -15.42
CA LEU D 312 -15.50 20.79 -15.43
C LEU D 312 -15.88 19.66 -14.50
N ASN D 313 -14.92 18.78 -14.20
CA ASN D 313 -15.23 17.61 -13.40
C ASN D 313 -14.88 17.82 -11.94
N ALA D 314 -14.61 19.06 -11.56
CA ALA D 314 -14.56 19.40 -10.15
C ALA D 314 -15.99 19.28 -9.59
N GLN D 315 -16.07 19.11 -8.28
CA GLN D 315 -17.35 19.16 -7.59
C GLN D 315 -18.10 20.46 -7.89
N TRP D 316 -19.41 20.36 -7.87
CA TRP D 316 -20.31 21.48 -8.12
C TRP D 316 -20.04 22.68 -7.21
N ASN D 317 -19.65 22.41 -5.97
CA ASN D 317 -19.41 23.49 -5.02
C ASN D 317 -17.94 23.86 -4.95
N LYS D 318 -17.17 23.40 -5.93
CA LYS D 318 -15.78 23.80 -6.09
C LYS D 318 -15.53 24.28 -7.52
N GLY D 319 -16.60 24.71 -8.20
CA GLY D 319 -16.47 25.38 -9.49
C GLY D 319 -16.67 24.48 -10.70
N GLY D 320 -17.01 23.22 -10.47
CA GLY D 320 -17.25 22.29 -11.56
C GLY D 320 -18.70 21.96 -11.79
N LEU D 321 -18.92 20.88 -12.54
CA LEU D 321 -20.28 20.45 -12.93
C LEU D 321 -20.73 19.17 -12.23
N GLN D 322 -19.85 18.52 -11.47
CA GLN D 322 -20.20 17.20 -10.96
C GLN D 322 -21.02 17.32 -9.70
N TYR D 323 -22.25 16.87 -9.78
CA TYR D 323 -23.23 17.12 -8.72
C TYR D 323 -23.85 15.81 -8.26
N GLY D 324 -23.55 15.39 -7.04
CA GLY D 324 -24.10 14.16 -6.54
C GLY D 324 -25.54 14.38 -6.11
N ILE D 325 -26.46 13.67 -6.75
CA ILE D 325 -27.88 13.77 -6.41
C ILE D 325 -28.03 13.21 -5.01
N PRO D 326 -28.89 13.82 -4.17
CA PRO D 326 -28.90 13.43 -2.76
C PRO D 326 -29.34 12.00 -2.48
N VAL D 327 -28.60 11.35 -1.59
CA VAL D 327 -28.94 10.02 -1.10
C VAL D 327 -29.86 10.26 0.09
N ARG D 328 -31.16 10.37 -0.22
CA ARG D 328 -32.14 10.96 0.68
C ARG D 328 -33.46 10.24 0.53
N ALA E 9 -18.95 -43.89 4.44
CA ALA E 9 -17.69 -44.07 3.72
C ALA E 9 -17.71 -43.37 2.36
N ASP E 10 -18.69 -42.49 2.14
CA ASP E 10 -18.60 -41.53 1.04
C ASP E 10 -19.38 -40.26 1.31
N THR E 11 -18.91 -39.55 2.32
CA THR E 11 -19.47 -38.26 2.73
C THR E 11 -19.42 -37.21 1.62
N LEU E 12 -18.32 -37.16 0.87
CA LEU E 12 -18.21 -36.17 -0.21
C LEU E 12 -19.33 -36.33 -1.24
N SER E 13 -19.63 -37.57 -1.64
CA SER E 13 -20.72 -37.78 -2.59
C SER E 13 -22.05 -37.37 -2.01
N ASP E 14 -22.24 -37.66 -0.72
CA ASP E 14 -23.49 -37.31 -0.05
C ASP E 14 -23.67 -35.80 -0.02
N VAL E 15 -22.60 -35.10 0.33
CA VAL E 15 -22.62 -33.64 0.40
C VAL E 15 -22.93 -33.02 -0.96
N LYS E 16 -22.25 -33.48 -2.01
CA LYS E 16 -22.53 -32.99 -3.36
C LYS E 16 -23.97 -33.27 -3.76
N ALA E 17 -24.48 -34.44 -3.40
CA ALA E 17 -25.82 -34.83 -3.77
C ALA E 17 -26.87 -33.93 -3.11
N LYS E 18 -26.69 -33.59 -1.84
CA LYS E 18 -27.71 -32.75 -1.18
C LYS E 18 -27.53 -31.27 -1.53
N GLY E 19 -26.33 -30.87 -1.95
CA GLY E 19 -26.13 -29.52 -2.46
C GLY E 19 -25.69 -28.49 -1.44
N PHE E 20 -25.36 -28.97 -0.24
CA PHE E 20 -24.89 -28.10 0.83
C PHE E 20 -24.09 -28.96 1.78
N LEU E 21 -23.29 -28.27 2.59
CA LEU E 21 -22.49 -28.87 3.65
C LEU E 21 -23.15 -28.56 4.98
N GLN E 22 -23.31 -29.57 5.83
CA GLN E 22 -23.92 -29.34 7.15
C GLN E 22 -22.83 -29.36 8.22
N CYS E 23 -22.72 -28.26 8.95
CA CYS E 23 -21.60 -28.06 9.89
C CYS E 23 -22.05 -27.86 11.31
N GLY E 24 -21.36 -28.54 12.22
CA GLY E 24 -21.58 -28.32 13.62
C GLY E 24 -20.74 -27.14 14.08
N VAL E 25 -21.41 -26.13 14.66
CA VAL E 25 -20.74 -24.92 15.13
C VAL E 25 -21.21 -24.53 16.53
N ASN E 26 -20.67 -23.41 17.02
CA ASN E 26 -20.97 -22.94 18.37
C ASN E 26 -22.40 -22.43 18.50
N THR E 27 -22.95 -22.43 19.72
CA THR E 27 -24.27 -21.84 19.91
C THR E 27 -24.19 -20.31 19.82
N GLY E 28 -23.01 -19.76 20.09
CA GLY E 28 -22.81 -18.33 20.01
C GLY E 28 -21.59 -17.87 20.77
N LEU E 29 -20.53 -17.58 20.02
CA LEU E 29 -19.25 -17.16 20.59
C LEU E 29 -18.66 -16.11 19.67
N LEU E 30 -18.64 -14.86 20.12
CA LEU E 30 -18.24 -13.74 19.26
C LEU E 30 -16.84 -13.94 18.70
N GLY E 31 -16.68 -13.69 17.41
CA GLY E 31 -15.41 -13.87 16.74
C GLY E 31 -15.24 -15.25 16.11
N PHE E 32 -15.90 -16.26 16.68
CA PHE E 32 -15.71 -17.61 16.21
C PHE E 32 -16.92 -18.17 15.48
N ALA E 33 -18.11 -18.00 16.07
CA ALA E 33 -19.34 -18.44 15.43
C ALA E 33 -20.52 -17.84 16.15
N SER E 34 -21.16 -16.87 15.52
CA SER E 34 -22.32 -16.20 16.12
C SER E 34 -23.35 -15.87 15.04
N PRO E 35 -24.64 -16.09 15.34
CA PRO E 35 -25.70 -15.69 14.41
C PRO E 35 -26.22 -14.26 14.66
N ASN E 36 -26.65 -13.59 13.60
N ASN E 36 -26.66 -13.59 13.61
CA ASN E 36 -27.27 -12.26 13.75
CA ASN E 36 -27.27 -12.27 13.74
C ASN E 36 -28.78 -12.40 13.96
C ASN E 36 -28.77 -12.40 13.96
N ASP E 37 -29.49 -11.29 13.84
CA ASP E 37 -30.94 -11.26 14.04
C ASP E 37 -31.69 -12.12 13.02
N LYS E 38 -31.08 -12.33 11.86
CA LYS E 38 -31.70 -13.12 10.79
C LYS E 38 -31.22 -14.58 10.80
N GLY E 39 -30.42 -14.95 11.79
CA GLY E 39 -29.94 -16.32 11.88
C GLY E 39 -28.82 -16.59 10.88
N GLU E 40 -28.21 -15.51 10.38
CA GLU E 40 -27.03 -15.59 9.50
C GLU E 40 -25.75 -15.60 10.32
N TRP E 41 -24.85 -16.50 9.95
CA TRP E 41 -23.70 -16.81 10.78
C TRP E 41 -22.40 -16.13 10.33
N SER E 42 -21.57 -15.72 11.29
CA SER E 42 -20.23 -15.24 10.97
C SER E 42 -19.24 -15.68 12.04
N GLY E 43 -17.95 -15.57 11.74
CA GLY E 43 -16.92 -15.96 12.68
C GLY E 43 -15.79 -16.72 12.01
N PHE E 44 -14.72 -16.94 12.75
CA PHE E 44 -13.52 -17.62 12.29
C PHE E 44 -13.85 -19.08 11.88
N ASP E 45 -14.52 -19.79 12.76
CA ASP E 45 -14.89 -21.18 12.49
C ASP E 45 -15.99 -21.25 11.42
N VAL E 46 -16.89 -20.28 11.43
CA VAL E 46 -17.93 -20.15 10.40
C VAL E 46 -17.27 -20.02 9.02
N ASP E 47 -16.26 -19.17 8.94
CA ASP E 47 -15.58 -18.96 7.65
C ASP E 47 -14.84 -20.23 7.19
N TYR E 48 -14.34 -21.03 8.14
CA TYR E 48 -13.73 -22.31 7.80
C TYR E 48 -14.78 -23.23 7.19
N CYS E 49 -15.99 -23.22 7.76
CA CYS E 49 -17.10 -23.98 7.17
C CYS E 49 -17.35 -23.51 5.74
N ARG E 50 -17.39 -22.19 5.56
CA ARG E 50 -17.64 -21.62 4.24
C ARG E 50 -16.48 -21.94 3.27
N ALA E 51 -15.26 -22.08 3.79
CA ALA E 51 -14.12 -22.43 2.94
C ALA E 51 -14.33 -23.81 2.32
N VAL E 52 -14.78 -24.77 3.14
CA VAL E 52 -15.04 -26.12 2.63
C VAL E 52 -16.19 -26.09 1.62
N ALA E 53 -17.25 -25.34 1.92
CA ALA E 53 -18.34 -25.21 0.96
C ALA E 53 -17.86 -24.60 -0.35
N SER E 54 -16.96 -23.62 -0.23
CA SER E 54 -16.41 -22.95 -1.43
C SER E 54 -15.60 -23.96 -2.25
N ALA E 55 -14.85 -24.80 -1.56
CA ALA E 55 -14.03 -25.83 -2.21
C ALA E 55 -14.89 -26.80 -3.02
N ILE E 56 -16.07 -27.11 -2.49
CA ILE E 56 -16.92 -28.14 -3.10
C ILE E 56 -17.86 -27.54 -4.13
N PHE E 57 -18.50 -26.43 -3.75
CA PHE E 57 -19.59 -25.84 -4.50
C PHE E 57 -19.25 -24.52 -5.22
N GLY E 58 -18.12 -23.91 -4.87
CA GLY E 58 -17.78 -22.61 -5.43
C GLY E 58 -18.70 -21.52 -4.93
N ASP E 59 -19.25 -21.72 -3.73
CA ASP E 59 -20.28 -20.85 -3.17
C ASP E 59 -20.23 -20.98 -1.65
N PRO E 60 -19.75 -19.92 -0.98
CA PRO E 60 -19.62 -19.99 0.48
C PRO E 60 -20.96 -19.96 1.22
N THR E 61 -22.07 -19.73 0.53
CA THR E 61 -23.37 -19.71 1.24
C THR E 61 -24.00 -21.09 1.30
N LYS E 62 -23.37 -22.09 0.68
CA LYS E 62 -23.97 -23.42 0.65
C LYS E 62 -23.61 -24.21 1.91
N VAL E 63 -23.97 -23.64 3.05
CA VAL E 63 -23.71 -24.24 4.37
C VAL E 63 -25.00 -24.18 5.17
N LYS E 64 -25.28 -25.25 5.89
CA LYS E 64 -26.37 -25.24 6.86
C LYS E 64 -25.70 -25.35 8.22
N PHE E 65 -25.95 -24.39 9.10
CA PHE E 65 -25.26 -24.35 10.40
C PHE E 65 -26.10 -24.98 11.50
N THR E 66 -25.49 -25.88 12.26
CA THR E 66 -26.13 -26.54 13.39
C THR E 66 -25.42 -26.14 14.69
N PRO E 67 -26.06 -25.31 15.51
CA PRO E 67 -25.41 -24.91 16.77
C PRO E 67 -25.41 -26.05 17.77
N LEU E 68 -24.29 -26.23 18.46
CA LEU E 68 -24.11 -27.37 19.36
C LEU E 68 -23.44 -26.92 20.63
N ASN E 69 -23.99 -27.33 21.77
CA ASN E 69 -23.35 -26.98 23.03
C ASN E 69 -22.22 -27.98 23.33
N ALA E 70 -21.48 -27.78 24.41
CA ALA E 70 -20.28 -28.57 24.64
C ALA E 70 -20.54 -30.07 24.84
N LYS E 71 -21.72 -30.42 25.38
CA LYS E 71 -22.06 -31.84 25.60
C LYS E 71 -22.58 -32.58 24.40
N GLU E 72 -23.23 -31.86 23.49
CA GLU E 72 -23.88 -32.55 22.40
C GLU E 72 -23.08 -32.55 21.10
N ARG E 73 -21.98 -31.80 21.05
CA ARG E 73 -21.25 -31.59 19.78
C ARG E 73 -20.70 -32.89 19.15
N PHE E 74 -20.20 -33.81 19.97
CA PHE E 74 -19.62 -35.02 19.41
C PHE E 74 -20.70 -35.99 18.91
N THR E 75 -21.79 -36.12 19.68
N THR E 75 -21.80 -36.12 19.67
CA THR E 75 -22.90 -36.99 19.30
CA THR E 75 -22.87 -37.03 19.28
C THR E 75 -23.43 -36.62 17.92
C THR E 75 -23.51 -36.62 17.95
N ALA E 76 -23.51 -35.32 17.66
CA ALA E 76 -24.07 -34.83 16.41
C ALA E 76 -23.20 -35.22 15.23
N LEU E 77 -21.88 -35.22 15.44
CA LEU E 77 -20.99 -35.63 14.36
C LEU E 77 -20.98 -37.16 14.24
N GLN E 78 -20.98 -37.87 15.38
CA GLN E 78 -20.97 -39.33 15.33
C GLN E 78 -22.20 -39.90 14.63
N SER E 79 -23.33 -39.23 14.78
CA SER E 79 -24.61 -39.74 14.29
C SER E 79 -24.86 -39.39 12.83
N GLY E 80 -23.98 -38.54 12.28
CA GLY E 80 -24.09 -38.09 10.91
C GLY E 80 -24.97 -36.88 10.69
N GLU E 81 -25.54 -36.35 11.77
CA GLU E 81 -26.35 -35.12 11.70
C GLU E 81 -25.55 -33.98 11.06
N VAL E 82 -24.28 -33.86 11.41
CA VAL E 82 -23.40 -32.90 10.74
C VAL E 82 -22.27 -33.62 10.01
N ASP E 83 -21.76 -32.99 8.96
CA ASP E 83 -20.71 -33.57 8.11
C ASP E 83 -19.32 -33.31 8.68
N VAL E 84 -19.19 -32.23 9.46
CA VAL E 84 -17.91 -31.81 9.99
C VAL E 84 -18.23 -30.93 11.20
N LEU E 85 -17.34 -30.96 12.20
CA LEU E 85 -17.48 -30.15 13.40
C LEU E 85 -16.32 -29.18 13.47
N ILE E 86 -16.64 -27.89 13.35
CA ILE E 86 -15.62 -26.83 13.43
C ILE E 86 -16.11 -25.85 14.48
N ARG E 87 -15.61 -26.01 15.69
CA ARG E 87 -16.30 -25.43 16.84
C ARG E 87 -15.39 -25.41 18.06
N ASN E 88 -14.30 -24.64 17.93
CA ASN E 88 -13.32 -24.46 18.99
C ASN E 88 -13.14 -25.72 19.84
N THR E 89 -12.95 -26.85 19.16
CA THR E 89 -12.92 -28.17 19.82
C THR E 89 -11.50 -28.75 19.84
N THR E 90 -11.00 -28.99 21.06
CA THR E 90 -9.62 -29.40 21.25
C THR E 90 -9.36 -30.85 20.81
N TRP E 91 -8.33 -31.02 19.99
CA TRP E 91 -7.82 -32.34 19.64
C TRP E 91 -7.09 -32.95 20.84
N THR E 92 -7.60 -34.06 21.36
CA THR E 92 -6.92 -34.81 22.42
C THR E 92 -6.82 -36.28 22.05
N ILE E 93 -5.97 -37.04 22.73
CA ILE E 93 -5.89 -38.46 22.40
C ILE E 93 -7.23 -39.17 22.63
N SER E 94 -7.94 -38.85 23.72
N SER E 94 -7.94 -38.85 23.71
CA SER E 94 -9.16 -39.59 24.03
CA SER E 94 -9.15 -39.59 24.03
C SER E 94 -10.22 -39.34 22.97
C SER E 94 -10.24 -39.32 22.99
N ARG E 95 -10.27 -38.10 22.46
CA ARG E 95 -11.25 -37.74 21.43
C ARG E 95 -10.87 -38.36 20.08
N ASP E 96 -9.58 -38.63 19.91
CA ASP E 96 -9.06 -39.24 18.69
C ASP E 96 -9.21 -40.77 18.69
N THR E 97 -9.28 -41.39 19.86
CA THR E 97 -9.28 -42.86 19.94
C THR E 97 -10.56 -43.54 20.39
N SER E 98 -11.41 -42.83 21.12
CA SER E 98 -12.51 -43.49 21.81
C SER E 98 -13.88 -43.05 21.32
N LEU E 99 -13.91 -42.14 20.35
CA LEU E 99 -15.17 -41.54 19.91
C LEU E 99 -15.48 -41.84 18.46
N GLY E 100 -14.57 -42.53 17.78
CA GLY E 100 -14.77 -42.88 16.39
C GLY E 100 -14.55 -41.67 15.48
N LEU E 101 -13.73 -40.74 15.96
CA LEU E 101 -13.48 -39.48 15.26
C LEU E 101 -12.02 -39.31 14.86
N ASP E 102 -11.80 -38.45 13.87
CA ASP E 102 -10.47 -38.05 13.43
C ASP E 102 -10.40 -36.53 13.33
N PHE E 103 -9.19 -36.00 13.23
CA PHE E 103 -9.00 -34.55 13.12
C PHE E 103 -8.20 -34.26 11.86
N ALA E 104 -8.73 -33.40 11.00
CA ALA E 104 -8.12 -33.16 9.67
C ALA E 104 -7.11 -32.01 9.66
N GLY E 105 -6.96 -31.35 10.79
CA GLY E 105 -6.04 -30.22 10.89
C GLY E 105 -6.34 -29.37 12.11
N ILE E 106 -5.43 -28.46 12.41
CA ILE E 106 -5.59 -27.60 13.58
C ILE E 106 -5.74 -26.17 13.06
N ASN E 107 -6.92 -25.57 13.17
CA ASN E 107 -7.08 -24.25 12.54
C ASN E 107 -6.78 -23.11 13.52
N TYR E 108 -6.59 -23.44 14.79
CA TYR E 108 -6.25 -22.41 15.78
C TYR E 108 -5.62 -23.09 16.99
N TYR E 109 -4.33 -22.83 17.23
CA TYR E 109 -3.67 -23.29 18.44
C TYR E 109 -4.00 -22.36 19.63
N ASP E 110 -4.66 -22.87 20.66
CA ASP E 110 -5.00 -22.03 21.83
C ASP E 110 -4.50 -22.69 23.12
N GLY E 111 -4.86 -22.10 24.25
CA GLY E 111 -4.49 -22.62 25.55
C GLY E 111 -5.45 -22.06 26.58
N GLN E 112 -5.65 -22.77 27.68
CA GLN E 112 -6.67 -22.34 28.64
C GLN E 112 -6.19 -21.20 29.57
N GLY E 113 -7.06 -20.22 29.82
CA GLY E 113 -6.74 -19.12 30.70
C GLY E 113 -7.86 -18.78 31.66
N PHE E 114 -7.67 -17.69 32.40
CA PHE E 114 -8.63 -17.22 33.38
C PHE E 114 -8.89 -15.73 33.19
N MET E 115 -10.14 -15.32 33.42
CA MET E 115 -10.56 -13.93 33.26
C MET E 115 -11.18 -13.46 34.57
N ILE E 116 -10.89 -12.22 34.96
CA ILE E 116 -11.47 -11.64 36.17
C ILE E 116 -11.95 -10.23 35.86
N ASN E 117 -12.87 -9.74 36.68
CA ASN E 117 -13.31 -8.35 36.61
C ASN E 117 -12.40 -7.53 37.53
N SER E 118 -11.57 -6.67 36.94
CA SER E 118 -10.55 -5.96 37.69
C SER E 118 -11.14 -4.87 38.57
N LYS E 119 -12.36 -4.44 38.26
CA LYS E 119 -13.06 -3.47 39.10
C LYS E 119 -13.53 -4.15 40.39
N LYS E 120 -13.92 -5.41 40.28
CA LYS E 120 -14.39 -6.20 41.43
C LYS E 120 -13.26 -6.86 42.21
N LEU E 121 -12.25 -7.35 41.49
CA LEU E 121 -11.11 -8.04 42.10
C LEU E 121 -9.81 -7.28 41.89
N ALA E 122 -9.61 -6.26 42.71
CA ALA E 122 -8.38 -5.48 42.69
C ALA E 122 -7.22 -6.30 43.23
N GLY E 123 -6.03 -6.08 42.69
CA GLY E 123 -4.83 -6.70 43.20
C GLY E 123 -4.61 -8.14 42.78
N ILE E 124 -5.44 -8.64 41.86
CA ILE E 124 -5.23 -9.97 41.29
C ILE E 124 -4.59 -9.81 39.92
N ASN E 125 -3.37 -10.35 39.76
CA ASN E 125 -2.67 -10.26 38.50
C ASN E 125 -2.10 -11.61 38.07
N SER E 126 -2.49 -12.67 38.77
CA SER E 126 -2.05 -14.02 38.42
C SER E 126 -3.07 -15.07 38.84
N ALA E 127 -3.19 -16.14 38.05
CA ALA E 127 -4.11 -17.24 38.35
C ALA E 127 -3.74 -17.93 39.66
N LEU E 128 -2.48 -17.87 40.06
CA LEU E 128 -2.07 -18.50 41.31
C LEU E 128 -2.58 -17.75 42.55
N GLN E 129 -3.24 -16.61 42.33
CA GLN E 129 -3.86 -15.86 43.42
C GLN E 129 -5.36 -16.17 43.55
N LEU E 130 -5.82 -17.21 42.87
CA LEU E 130 -7.25 -17.50 42.80
C LEU E 130 -7.75 -18.52 43.84
N SER E 131 -6.92 -18.84 44.83
CA SER E 131 -7.34 -19.81 45.84
C SER E 131 -8.66 -19.37 46.47
N GLY E 132 -9.63 -20.29 46.54
CA GLY E 132 -10.93 -20.00 47.11
C GLY E 132 -11.95 -19.35 46.19
N ALA E 133 -11.53 -18.90 45.02
CA ALA E 133 -12.42 -18.23 44.08
C ALA E 133 -13.48 -19.17 43.54
N SER E 134 -14.67 -18.64 43.28
CA SER E 134 -15.68 -19.38 42.55
C SER E 134 -15.41 -19.17 41.08
N ILE E 135 -15.14 -20.25 40.37
CA ILE E 135 -14.74 -20.17 38.97
C ILE E 135 -15.72 -20.91 38.07
N CYS E 136 -16.31 -20.21 37.11
CA CYS E 136 -17.28 -20.86 36.25
C CYS E 136 -16.58 -21.56 35.08
N VAL E 137 -17.17 -22.68 34.70
CA VAL E 137 -16.63 -23.53 33.65
C VAL E 137 -17.78 -24.39 33.13
N GLN E 138 -17.70 -24.81 31.87
CA GLN E 138 -18.72 -25.71 31.35
C GLN E 138 -18.34 -27.17 31.50
N ALA E 139 -19.32 -28.00 31.83
CA ALA E 139 -19.16 -29.46 31.80
C ALA E 139 -18.83 -29.90 30.38
N GLY E 140 -18.35 -31.12 30.23
CA GLY E 140 -18.08 -31.68 28.92
C GLY E 140 -17.00 -30.96 28.14
N THR E 141 -16.03 -30.38 28.86
CA THR E 141 -14.92 -29.68 28.22
C THR E 141 -13.59 -30.19 28.74
N THR E 142 -12.52 -29.98 27.96
CA THR E 142 -11.18 -30.17 28.48
C THR E 142 -10.94 -29.22 29.64
N THR E 143 -11.52 -28.03 29.50
CA THR E 143 -11.40 -26.93 30.45
C THR E 143 -11.64 -27.35 31.91
N GLU E 144 -12.73 -28.05 32.16
CA GLU E 144 -13.06 -28.45 33.52
C GLU E 144 -11.98 -29.37 34.10
N LEU E 145 -11.47 -30.30 33.28
CA LEU E 145 -10.46 -31.25 33.72
C LEU E 145 -9.11 -30.56 33.95
N ASN E 146 -8.70 -29.67 33.03
CA ASN E 146 -7.42 -28.96 33.21
C ASN E 146 -7.43 -28.05 34.44
N MET E 147 -8.54 -27.35 34.68
CA MET E 147 -8.62 -26.51 35.88
C MET E 147 -8.44 -27.34 37.15
N ALA E 148 -9.10 -28.49 37.20
CA ALA E 148 -8.95 -29.40 38.33
C ALA E 148 -7.48 -29.78 38.51
N ASP E 149 -6.80 -30.10 37.41
CA ASP E 149 -5.38 -30.43 37.46
C ASP E 149 -4.54 -29.29 38.03
N TYR E 150 -4.78 -28.10 37.51
CA TYR E 150 -3.98 -26.93 37.83
C TYR E 150 -4.08 -26.56 39.29
N PHE E 151 -5.30 -26.57 39.81
CA PHE E 151 -5.51 -26.23 41.21
C PHE E 151 -4.96 -27.31 42.15
N ARG E 152 -5.03 -28.57 41.72
CA ARG E 152 -4.42 -29.65 42.50
C ARG E 152 -2.90 -29.53 42.54
N ALA E 153 -2.30 -29.30 41.38
CA ALA E 153 -0.85 -29.22 41.24
C ALA E 153 -0.29 -28.08 42.06
N ASN E 154 -1.03 -26.98 42.12
CA ASN E 154 -0.55 -25.80 42.83
C ASN E 154 -1.11 -25.71 44.23
N LYS E 155 -1.76 -26.78 44.68
CA LYS E 155 -2.26 -26.91 46.05
C LYS E 155 -3.13 -25.71 46.44
N MET E 156 -4.05 -25.36 45.54
CA MET E 156 -4.97 -24.25 45.75
C MET E 156 -6.40 -24.74 45.96
N GLU E 157 -7.07 -24.14 46.94
CA GLU E 157 -8.50 -24.30 47.18
C GLU E 157 -9.30 -23.67 46.06
N TYR E 158 -10.37 -24.31 45.61
CA TYR E 158 -11.31 -23.63 44.70
C TYR E 158 -12.71 -24.26 44.64
N ASN E 159 -13.69 -23.44 44.29
CA ASN E 159 -15.06 -23.88 44.04
C ASN E 159 -15.33 -23.76 42.56
N PRO E 160 -15.18 -24.87 41.82
CA PRO E 160 -15.67 -24.90 40.43
C PRO E 160 -17.18 -24.75 40.44
N VAL E 161 -17.71 -23.93 39.55
CA VAL E 161 -19.15 -23.81 39.42
C VAL E 161 -19.45 -24.26 38.00
N VAL E 162 -20.03 -25.45 37.88
CA VAL E 162 -20.12 -26.12 36.59
C VAL E 162 -21.45 -25.83 35.90
N PHE E 163 -21.39 -25.44 34.63
CA PHE E 163 -22.58 -25.08 33.89
C PHE E 163 -22.79 -25.94 32.65
N GLU E 164 -24.06 -26.06 32.27
CA GLU E 164 -24.50 -26.81 31.11
C GLU E 164 -24.68 -25.89 29.88
N LYS E 165 -24.91 -24.60 30.13
CA LYS E 165 -25.17 -23.65 29.04
C LYS E 165 -24.24 -22.43 29.16
N ILE E 166 -23.64 -22.00 28.04
CA ILE E 166 -22.69 -20.91 28.11
C ILE E 166 -23.38 -19.62 28.58
N GLU E 167 -24.66 -19.42 28.24
CA GLU E 167 -25.33 -18.18 28.67
C GLU E 167 -25.41 -18.10 30.19
N GLU E 168 -25.59 -19.25 30.84
CA GLU E 168 -25.69 -19.29 32.29
C GLU E 168 -24.34 -19.02 32.93
N ALA E 169 -23.30 -19.60 32.34
CA ALA E 169 -21.94 -19.31 32.76
C ALA E 169 -21.65 -17.81 32.65
N ASN E 170 -21.97 -17.25 31.50
CA ASN E 170 -21.69 -15.84 31.23
C ASN E 170 -22.40 -14.97 32.26
N ALA E 171 -23.66 -15.34 32.56
CA ALA E 171 -24.48 -14.57 33.47
C ALA E 171 -23.95 -14.63 34.90
N ALA E 172 -23.55 -15.83 35.34
CA ALA E 172 -23.06 -16.02 36.70
C ALA E 172 -21.73 -15.29 36.89
N TYR E 173 -20.91 -15.26 35.84
CA TYR E 173 -19.66 -14.53 35.94
C TYR E 173 -19.93 -13.03 35.98
N ASP E 174 -20.76 -12.55 35.06
CA ASP E 174 -20.98 -11.12 34.91
C ASP E 174 -21.64 -10.52 36.15
N SER E 175 -22.51 -11.30 36.80
CA SER E 175 -23.20 -10.83 38.00
C SER E 175 -22.29 -10.78 39.23
N GLY E 176 -21.12 -11.42 39.12
CA GLY E 176 -20.19 -11.50 40.23
C GLY E 176 -20.39 -12.73 41.10
N ARG E 177 -21.34 -13.57 40.74
CA ARG E 177 -21.54 -14.82 41.46
C ARG E 177 -20.26 -15.66 41.35
N CYS E 178 -19.69 -15.68 40.15
CA CYS E 178 -18.36 -16.25 39.96
C CYS E 178 -17.30 -15.16 39.88
N ASP E 179 -16.17 -15.40 40.55
CA ASP E 179 -15.05 -14.46 40.61
C ASP E 179 -14.17 -14.52 39.38
N ALA E 180 -14.21 -15.66 38.70
CA ALA E 180 -13.40 -15.86 37.52
C ALA E 180 -14.10 -16.77 36.52
N TYR E 181 -13.69 -16.62 35.25
CA TYR E 181 -14.20 -17.41 34.13
C TYR E 181 -13.00 -18.20 33.57
N THR E 182 -13.17 -19.48 33.27
CA THR E 182 -12.09 -20.19 32.57
C THR E 182 -12.60 -20.87 31.31
N THR E 183 -11.82 -20.71 30.24
CA THR E 183 -12.00 -21.40 28.96
C THR E 183 -10.76 -21.04 28.13
N ASP E 184 -10.76 -21.42 26.86
CA ASP E 184 -9.64 -21.12 25.97
C ASP E 184 -9.45 -19.61 25.86
N GLN E 185 -8.20 -19.17 25.73
CA GLN E 185 -7.94 -17.74 25.77
C GLN E 185 -8.69 -16.98 24.66
N SER E 186 -8.70 -17.51 23.44
CA SER E 186 -9.40 -16.79 22.38
C SER E 186 -10.90 -16.68 22.70
N SER E 187 -11.46 -17.66 23.40
CA SER E 187 -12.88 -17.64 23.75
C SER E 187 -13.14 -16.61 24.84
N LEU E 188 -12.18 -16.43 25.75
CA LEU E 188 -12.29 -15.37 26.75
C LEU E 188 -12.46 -14.01 26.08
N TYR E 189 -11.73 -13.78 24.99
CA TYR E 189 -11.85 -12.54 24.21
C TYR E 189 -13.28 -12.37 23.75
N GLY E 190 -13.87 -13.45 23.22
CA GLY E 190 -15.23 -13.40 22.70
C GLY E 190 -16.29 -13.22 23.76
N VAL E 191 -16.11 -13.93 24.89
CA VAL E 191 -17.06 -13.83 25.99
C VAL E 191 -17.06 -12.41 26.55
N ARG E 192 -15.87 -11.87 26.73
CA ARG E 192 -15.70 -10.54 27.29
C ARG E 192 -16.49 -9.47 26.52
N LEU E 193 -16.54 -9.61 25.20
CA LEU E 193 -17.26 -8.66 24.36
C LEU E 193 -18.78 -8.73 24.58
N ALA E 194 -19.26 -9.81 25.17
CA ALA E 194 -20.70 -9.96 25.40
C ALA E 194 -21.14 -9.54 26.79
N LEU E 195 -20.19 -9.09 27.62
CA LEU E 195 -20.50 -8.73 29.01
C LEU E 195 -20.97 -7.28 29.16
N ALA E 196 -21.55 -6.95 30.31
CA ALA E 196 -22.11 -5.62 30.53
C ALA E 196 -21.08 -4.53 30.33
N ASN E 197 -19.88 -4.74 30.85
CA ASN E 197 -18.80 -3.77 30.70
C ASN E 197 -17.47 -4.44 30.33
N PRO E 198 -17.28 -4.74 29.04
CA PRO E 198 -16.12 -5.51 28.56
C PRO E 198 -14.79 -4.95 29.06
N ASP E 199 -14.68 -3.63 29.18
CA ASP E 199 -13.42 -3.02 29.57
C ASP E 199 -12.99 -3.36 30.99
N ASP E 200 -13.93 -3.82 31.81
CA ASP E 200 -13.60 -4.10 33.20
C ASP E 200 -12.90 -5.45 33.36
N HIS E 201 -12.79 -6.22 32.28
CA HIS E 201 -12.34 -7.60 32.39
C HIS E 201 -10.92 -7.83 31.87
N VAL E 202 -10.15 -8.56 32.68
CA VAL E 202 -8.73 -8.76 32.45
C VAL E 202 -8.47 -10.24 32.28
N ILE E 203 -7.81 -10.63 31.19
CA ILE E 203 -7.36 -12.00 31.04
C ILE E 203 -5.99 -12.12 31.67
N LEU E 204 -5.89 -12.96 32.69
CA LEU E 204 -4.64 -13.14 33.43
C LEU E 204 -3.57 -13.77 32.55
N PRO E 205 -2.28 -13.62 32.94
CA PRO E 205 -1.22 -14.10 32.04
C PRO E 205 -1.11 -15.62 31.88
N GLU E 206 -1.51 -16.39 32.88
CA GLU E 206 -1.23 -17.82 32.88
C GLU E 206 -1.97 -18.60 31.81
N ILE E 207 -1.23 -19.43 31.08
CA ILE E 207 -1.83 -20.40 30.16
C ILE E 207 -1.55 -21.79 30.70
N ILE E 208 -2.60 -22.56 31.02
CA ILE E 208 -2.40 -23.79 31.78
C ILE E 208 -2.58 -25.09 31.00
N SER E 209 -2.77 -25.00 29.68
CA SER E 209 -2.94 -26.18 28.85
C SER E 209 -2.68 -25.90 27.38
N LYS E 210 -2.49 -26.95 26.59
CA LYS E 210 -2.52 -26.89 25.14
C LYS E 210 -3.92 -27.20 24.65
N GLU E 211 -4.47 -26.32 23.82
CA GLU E 211 -5.79 -26.55 23.29
C GLU E 211 -5.77 -26.33 21.77
N PRO E 212 -5.24 -27.31 21.02
CA PRO E 212 -5.26 -27.17 19.57
C PRO E 212 -6.67 -27.41 19.02
N PHE E 213 -7.31 -26.39 18.44
CA PHE E 213 -8.67 -26.55 17.91
C PHE E 213 -8.62 -27.36 16.62
N GLY E 214 -9.38 -28.45 16.55
CA GLY E 214 -9.28 -29.34 15.42
C GLY E 214 -10.49 -29.36 14.51
N LEU E 215 -10.24 -29.57 13.22
CA LEU E 215 -11.29 -29.77 12.24
C LEU E 215 -11.76 -31.22 12.34
N THR E 216 -12.96 -31.43 12.90
CA THR E 216 -13.27 -32.77 13.40
C THR E 216 -14.22 -33.50 12.47
N VAL E 217 -13.86 -34.75 12.17
CA VAL E 217 -14.63 -35.59 11.25
C VAL E 217 -14.77 -36.99 11.83
N ARG E 218 -15.65 -37.79 11.22
CA ARG E 218 -15.74 -39.18 11.61
C ARG E 218 -14.57 -39.97 11.03
N GLN E 219 -14.13 -40.99 11.77
CA GLN E 219 -13.23 -42.00 11.22
C GLN E 219 -13.91 -42.76 10.09
N GLY E 220 -13.13 -43.40 9.23
CA GLY E 220 -13.70 -44.34 8.27
C GLY E 220 -14.05 -43.73 6.92
N ASP E 221 -13.62 -42.50 6.72
CA ASP E 221 -13.81 -41.87 5.44
C ASP E 221 -12.62 -40.95 5.12
N ALA E 222 -11.52 -41.56 4.70
CA ALA E 222 -10.27 -40.82 4.50
C ALA E 222 -10.41 -39.76 3.40
N ARG E 223 -11.23 -40.05 2.40
CA ARG E 223 -11.45 -39.11 1.29
C ARG E 223 -12.11 -37.82 1.78
N TRP E 224 -13.07 -37.96 2.70
CA TRP E 224 -13.72 -36.78 3.28
C TRP E 224 -12.73 -36.02 4.15
N ALA E 225 -11.96 -36.73 4.97
CA ALA E 225 -10.94 -36.10 5.76
C ALA E 225 -9.95 -35.35 4.87
N ASP E 226 -9.60 -35.96 3.73
CA ASP E 226 -8.67 -35.32 2.78
C ASP E 226 -9.22 -33.94 2.36
N VAL E 227 -10.50 -33.87 2.03
CA VAL E 227 -11.11 -32.62 1.56
C VAL E 227 -11.04 -31.53 2.63
N VAL E 228 -11.41 -31.88 3.85
CA VAL E 228 -11.35 -30.89 4.93
C VAL E 228 -9.90 -30.46 5.21
N ARG E 229 -9.01 -31.44 5.28
CA ARG E 229 -7.57 -31.19 5.54
C ARG E 229 -6.97 -30.27 4.50
N TRP E 230 -7.28 -30.53 3.24
CA TRP E 230 -6.60 -29.77 2.19
C TRP E 230 -7.28 -28.42 1.91
N THR E 231 -8.55 -28.27 2.31
CA THR E 231 -9.12 -26.92 2.41
C THR E 231 -8.28 -26.07 3.39
N HIS E 232 -8.03 -26.62 4.58
CA HIS E 232 -7.22 -25.94 5.59
C HIS E 232 -5.80 -25.64 5.05
N ASN E 233 -5.17 -26.61 4.41
CA ASN E 233 -3.79 -26.39 4.01
C ASN E 233 -3.73 -25.48 2.79
N ALA E 234 -4.79 -25.45 2.00
CA ALA E 234 -4.86 -24.47 0.91
C ALA E 234 -4.91 -23.05 1.45
N LEU E 235 -5.68 -22.85 2.52
CA LEU E 235 -5.81 -21.52 3.11
C LEU E 235 -4.44 -21.04 3.60
N LEU E 236 -3.67 -21.95 4.18
CA LEU E 236 -2.34 -21.63 4.71
C LEU E 236 -1.34 -21.36 3.59
N ASN E 237 -1.31 -22.25 2.60
CA ASN E 237 -0.41 -22.05 1.46
C ASN E 237 -0.75 -20.76 0.72
N ALA E 238 -2.03 -20.47 0.57
CA ALA E 238 -2.43 -19.23 -0.10
C ALA E 238 -1.85 -18.00 0.62
N GLU E 239 -1.98 -17.93 1.94
CA GLU E 239 -1.41 -16.79 2.68
C GLU E 239 0.13 -16.75 2.54
N GLU E 240 0.77 -17.90 2.66
CA GLU E 240 2.23 -17.96 2.56
C GLU E 240 2.71 -17.41 1.22
N TYR E 241 1.96 -17.69 0.16
CA TYR E 241 2.35 -17.26 -1.19
C TYR E 241 1.80 -15.89 -1.57
N GLY E 242 1.15 -15.22 -0.63
CA GLY E 242 0.62 -13.88 -0.86
C GLY E 242 -0.60 -13.82 -1.76
N ILE E 243 -1.36 -14.91 -1.79
CA ILE E 243 -2.58 -15.00 -2.59
C ILE E 243 -3.76 -14.66 -1.72
N THR E 244 -4.50 -13.65 -2.15
CA THR E 244 -5.63 -13.09 -1.40
C THR E 244 -6.94 -13.12 -2.16
N GLN E 245 -8.05 -12.86 -1.46
CA GLN E 245 -9.34 -12.73 -2.13
C GLN E 245 -9.22 -11.72 -3.25
N ALA E 246 -8.46 -10.66 -3.00
CA ALA E 246 -8.34 -9.55 -3.93
C ALA E 246 -7.51 -9.86 -5.16
N ASN E 247 -6.51 -10.74 -5.04
CA ASN E 247 -5.62 -10.89 -6.20
C ASN E 247 -5.60 -12.30 -6.81
N VAL E 248 -6.47 -13.18 -6.33
CA VAL E 248 -6.35 -14.59 -6.72
C VAL E 248 -6.66 -14.77 -8.22
N GLU E 249 -7.57 -13.99 -8.79
CA GLU E 249 -7.82 -14.13 -10.23
C GLU E 249 -6.55 -13.77 -11.01
N GLU E 250 -5.90 -12.68 -10.59
CA GLU E 250 -4.63 -12.26 -11.19
C GLU E 250 -3.52 -13.30 -10.98
N MET E 251 -3.48 -13.91 -9.80
CA MET E 251 -2.43 -14.89 -9.48
C MET E 251 -2.52 -16.18 -10.30
N LYS E 252 -3.67 -16.45 -10.89
CA LYS E 252 -3.76 -17.53 -11.88
C LYS E 252 -2.72 -17.43 -12.99
N LYS E 253 -2.31 -16.21 -13.34
CA LYS E 253 -1.34 -16.04 -14.42
C LYS E 253 0.06 -15.80 -13.87
N SER E 254 0.26 -16.13 -12.60
CA SER E 254 1.59 -16.02 -11.98
C SER E 254 2.61 -16.87 -12.74
N ASP E 255 3.85 -16.39 -12.78
CA ASP E 255 4.93 -17.14 -13.40
C ASP E 255 5.55 -18.11 -12.42
N ASN E 256 5.20 -17.94 -11.14
CA ASN E 256 5.68 -18.81 -10.07
C ASN E 256 5.01 -20.19 -10.18
N PRO E 257 5.81 -21.23 -10.47
CA PRO E 257 5.22 -22.56 -10.63
C PRO E 257 4.48 -23.08 -9.40
N ASP E 258 4.91 -22.72 -8.18
CA ASP E 258 4.16 -23.13 -6.98
C ASP E 258 2.74 -22.58 -6.99
N ILE E 259 2.60 -21.34 -7.44
CA ILE E 259 1.31 -20.68 -7.42
C ILE E 259 0.43 -21.21 -8.56
N LYS E 260 1.03 -21.41 -9.74
CA LYS E 260 0.29 -21.98 -10.87
C LYS E 260 -0.24 -23.37 -10.48
N ARG E 261 0.58 -24.15 -9.78
CA ARG E 261 0.16 -25.47 -9.34
C ARG E 261 -0.97 -25.39 -8.32
N LEU E 262 -0.80 -24.53 -7.32
CA LEU E 262 -1.80 -24.36 -6.28
C LEU E 262 -3.16 -23.99 -6.87
N LEU E 263 -3.16 -23.09 -7.84
CA LEU E 263 -4.40 -22.50 -8.34
C LEU E 263 -4.96 -23.23 -9.57
N GLY E 264 -4.36 -24.37 -9.91
CA GLY E 264 -4.92 -25.20 -10.96
C GLY E 264 -4.69 -24.68 -12.36
N ALA E 265 -3.70 -23.80 -12.53
CA ALA E 265 -3.45 -23.14 -13.81
C ALA E 265 -2.73 -24.02 -14.84
N GLU E 266 -2.20 -25.16 -14.42
CA GLU E 266 -1.52 -26.05 -15.38
C GLU E 266 -2.47 -26.85 -16.27
N ALA E 267 -1.96 -27.21 -17.44
CA ALA E 267 -2.76 -27.91 -18.45
C ALA E 267 -3.26 -29.28 -18.01
N ASP E 268 -2.37 -30.10 -17.44
CA ASP E 268 -2.76 -31.47 -17.12
C ASP E 268 -2.61 -31.80 -15.63
N THR E 269 -2.80 -30.80 -14.77
CA THR E 269 -2.71 -31.07 -13.35
C THR E 269 -3.90 -31.89 -12.88
N LYS E 270 -3.65 -32.79 -11.95
CA LYS E 270 -4.67 -33.70 -11.43
C LYS E 270 -4.90 -33.50 -9.94
N ILE E 271 -4.35 -32.43 -9.36
CA ILE E 271 -4.39 -32.30 -7.91
C ILE E 271 -5.83 -32.15 -7.41
N GLY E 272 -6.57 -31.17 -7.92
CA GLY E 272 -7.95 -30.99 -7.51
C GLY E 272 -8.84 -32.19 -7.80
N THR E 273 -8.71 -32.79 -8.97
CA THR E 273 -9.60 -33.89 -9.31
C THR E 273 -9.27 -35.17 -8.53
N ASP E 274 -7.99 -35.41 -8.23
CA ASP E 274 -7.63 -36.52 -7.35
C ASP E 274 -8.21 -36.33 -5.93
N LEU E 275 -8.40 -35.07 -5.54
CA LEU E 275 -9.02 -34.77 -4.25
C LEU E 275 -10.55 -34.97 -4.32
N GLY E 276 -11.09 -35.08 -5.54
CA GLY E 276 -12.52 -35.27 -5.75
C GLY E 276 -13.28 -33.98 -5.99
N LEU E 277 -12.50 -32.92 -6.26
CA LEU E 277 -13.04 -31.58 -6.47
C LEU E 277 -12.74 -31.14 -7.91
N ASP E 278 -12.87 -29.85 -8.19
CA ASP E 278 -12.51 -29.31 -9.50
C ASP E 278 -11.06 -28.82 -9.52
N LYS E 279 -10.51 -28.63 -10.72
CA LYS E 279 -9.10 -28.30 -10.81
C LYS E 279 -8.79 -26.97 -10.13
N ASP E 280 -9.75 -26.05 -10.16
CA ASP E 280 -9.53 -24.72 -9.57
C ASP E 280 -10.11 -24.61 -8.16
N TRP E 281 -10.13 -25.73 -7.44
CA TRP E 281 -10.70 -25.73 -6.09
C TRP E 281 -10.11 -24.66 -5.17
N VAL E 282 -8.81 -24.36 -5.29
CA VAL E 282 -8.22 -23.36 -4.40
C VAL E 282 -8.66 -21.94 -4.79
N VAL E 283 -8.82 -21.70 -6.09
CA VAL E 283 -9.34 -20.41 -6.53
C VAL E 283 -10.72 -20.19 -5.89
N LYS E 284 -11.54 -21.24 -5.91
CA LYS E 284 -12.88 -21.17 -5.32
C LYS E 284 -12.82 -20.85 -3.83
N ILE E 285 -11.94 -21.54 -3.09
CA ILE E 285 -11.78 -21.25 -1.66
C ILE E 285 -11.42 -19.78 -1.42
N ILE E 286 -10.39 -19.30 -2.10
CA ILE E 286 -9.87 -17.96 -1.83
C ILE E 286 -10.85 -16.86 -2.26
N LYS E 287 -11.52 -17.05 -3.39
CA LYS E 287 -12.57 -16.10 -3.77
C LYS E 287 -13.72 -16.11 -2.77
N GLY E 288 -14.01 -17.27 -2.19
CA GLY E 288 -15.09 -17.37 -1.23
C GLY E 288 -14.83 -16.74 0.13
N VAL E 289 -13.63 -16.92 0.66
CA VAL E 289 -13.36 -16.47 2.05
C VAL E 289 -12.01 -15.80 2.26
N GLY E 290 -11.19 -15.70 1.21
CA GLY E 290 -9.83 -15.20 1.38
C GLY E 290 -8.91 -16.27 1.97
N ASN E 291 -7.64 -15.92 2.20
CA ASN E 291 -6.69 -16.88 2.75
C ASN E 291 -6.80 -16.95 4.28
N TYR E 292 -5.97 -17.77 4.92
CA TYR E 292 -6.04 -17.94 6.37
C TYR E 292 -5.94 -16.62 7.12
N GLY E 293 -5.00 -15.79 6.71
CA GLY E 293 -4.75 -14.49 7.34
C GLY E 293 -5.94 -13.57 7.23
N GLU E 294 -6.63 -13.63 6.09
CA GLU E 294 -7.79 -12.77 5.87
C GLU E 294 -8.94 -13.20 6.78
N ILE E 295 -9.11 -14.51 6.92
CA ILE E 295 -10.13 -15.07 7.82
C ILE E 295 -9.81 -14.65 9.26
N PHE E 296 -8.53 -14.75 9.63
CA PHE E 296 -8.09 -14.41 10.98
C PHE E 296 -8.37 -12.94 11.25
N GLU E 297 -7.91 -12.09 10.35
CA GLU E 297 -8.01 -10.65 10.59
C GLU E 297 -9.44 -10.11 10.68
N ARG E 298 -10.33 -10.59 9.83
CA ARG E 298 -11.69 -10.02 9.79
C ARG E 298 -12.51 -10.48 10.99
N ASN E 299 -12.14 -11.63 11.57
CA ASN E 299 -12.98 -12.25 12.61
C ASN E 299 -12.45 -12.06 14.02
N ILE E 300 -11.15 -12.24 14.21
CA ILE E 300 -10.62 -12.25 15.57
C ILE E 300 -9.39 -11.37 15.71
N GLY E 301 -8.87 -10.86 14.59
CA GLY E 301 -7.65 -10.07 14.60
C GLY E 301 -7.86 -8.56 14.54
N SER E 302 -6.99 -7.85 13.83
CA SER E 302 -7.00 -6.40 13.80
C SER E 302 -8.25 -5.83 13.12
N GLY E 303 -8.94 -6.63 12.30
CA GLY E 303 -10.14 -6.16 11.63
C GLY E 303 -11.41 -6.50 12.39
N SER E 304 -11.24 -6.82 13.67
CA SER E 304 -12.34 -7.26 14.51
C SER E 304 -12.24 -6.54 15.85
N PRO E 305 -13.32 -6.58 16.65
CA PRO E 305 -13.19 -5.98 17.98
C PRO E 305 -12.39 -6.82 18.99
N LEU E 306 -12.04 -8.07 18.66
CA LEU E 306 -11.28 -8.93 19.56
C LEU E 306 -9.80 -8.56 19.64
N LYS E 307 -9.21 -8.18 18.51
CA LYS E 307 -7.81 -7.71 18.47
C LYS E 307 -6.77 -8.72 18.98
N ILE E 308 -6.98 -10.01 18.67
CA ILE E 308 -6.06 -11.06 19.07
C ILE E 308 -4.85 -11.07 18.14
N ALA E 309 -3.64 -11.09 18.70
CA ALA E 309 -2.42 -11.17 17.90
C ALA E 309 -2.30 -12.53 17.23
N ARG E 310 -1.69 -12.58 16.04
CA ARG E 310 -1.47 -13.86 15.36
C ARG E 310 -0.72 -14.85 16.28
N GLY E 311 0.38 -14.42 16.89
CA GLY E 311 1.09 -15.27 17.86
C GLY E 311 1.42 -16.68 17.37
N LEU E 312 0.91 -17.69 18.08
CA LEU E 312 1.11 -19.10 17.69
C LEU E 312 0.49 -19.42 16.35
N ASN E 313 -0.50 -18.61 15.96
CA ASN E 313 -1.22 -18.89 14.73
C ASN E 313 -0.70 -18.05 13.57
N ALA E 314 0.44 -17.43 13.76
CA ALA E 314 1.19 -16.88 12.63
C ALA E 314 1.71 -18.01 11.73
N GLN E 315 2.05 -17.67 10.50
CA GLN E 315 2.72 -18.63 9.63
C GLN E 315 3.99 -19.19 10.30
N TRP E 316 4.28 -20.45 9.98
CA TRP E 316 5.46 -21.18 10.42
C TRP E 316 6.77 -20.42 10.21
N ASN E 317 6.86 -19.60 9.15
CA ASN E 317 8.10 -18.87 8.90
C ASN E 317 8.00 -17.41 9.35
N LYS E 318 7.02 -17.13 10.19
CA LYS E 318 6.85 -15.81 10.79
C LYS E 318 6.60 -15.92 12.28
N GLY E 319 7.18 -16.97 12.88
CA GLY E 319 7.14 -17.16 14.32
C GLY E 319 6.07 -18.09 14.84
N GLY E 320 5.13 -18.50 13.99
CA GLY E 320 4.00 -19.29 14.44
C GLY E 320 4.12 -20.79 14.15
N LEU E 321 2.99 -21.49 14.32
CA LEU E 321 2.95 -22.94 14.16
C LEU E 321 2.15 -23.36 12.93
N GLN E 322 1.57 -22.40 12.23
CA GLN E 322 0.66 -22.76 11.13
C GLN E 322 1.47 -23.05 9.88
N TYR E 323 1.46 -24.31 9.46
CA TYR E 323 2.38 -24.80 8.44
C TYR E 323 1.59 -25.46 7.34
N GLY E 324 1.53 -24.82 6.17
CA GLY E 324 0.81 -25.38 5.04
C GLY E 324 1.57 -26.54 4.40
N ILE E 325 1.03 -27.75 4.54
CA ILE E 325 1.64 -28.93 3.94
C ILE E 325 1.61 -28.69 2.43
N PRO E 326 2.67 -29.09 1.70
CA PRO E 326 2.78 -28.66 0.30
C PRO E 326 1.74 -29.25 -0.65
N VAL E 327 1.20 -28.37 -1.49
CA VAL E 327 0.34 -28.80 -2.62
C VAL E 327 1.27 -29.17 -3.76
N ARG E 328 1.68 -30.45 -3.77
CA ARG E 328 2.81 -30.95 -4.54
C ARG E 328 2.51 -32.39 -5.00
N HIS F 8 21.07 13.81 -22.68
CA HIS F 8 21.91 12.91 -23.47
C HIS F 8 23.39 13.08 -23.13
N ALA F 9 23.68 13.96 -22.18
CA ALA F 9 25.06 14.17 -21.73
C ALA F 9 25.59 12.90 -21.09
N ASP F 10 26.79 12.49 -21.49
CA ASP F 10 27.41 11.34 -20.89
C ASP F 10 28.90 11.60 -20.76
N THR F 11 29.28 12.30 -19.71
CA THR F 11 30.67 12.67 -19.51
C THR F 11 31.51 11.44 -19.24
N LEU F 12 30.97 10.43 -18.58
CA LEU F 12 31.78 9.25 -18.29
C LEU F 12 32.25 8.61 -19.60
N SER F 13 31.34 8.41 -20.54
CA SER F 13 31.71 7.83 -21.84
C SER F 13 32.67 8.73 -22.60
N ASP F 14 32.43 10.03 -22.57
CA ASP F 14 33.33 10.98 -23.21
C ASP F 14 34.73 10.91 -22.61
N VAL F 15 34.81 10.86 -21.29
CA VAL F 15 36.10 10.74 -20.63
C VAL F 15 36.76 9.43 -21.01
N LYS F 16 35.98 8.34 -20.99
CA LYS F 16 36.53 7.03 -21.35
C LYS F 16 37.05 7.02 -22.81
N ALA F 17 36.29 7.66 -23.71
CA ALA F 17 36.61 7.72 -25.14
C ALA F 17 37.95 8.44 -25.39
N LYS F 18 38.14 9.62 -24.80
CA LYS F 18 39.40 10.35 -25.00
C LYS F 18 40.58 9.75 -24.23
N GLY F 19 40.34 8.96 -23.19
CA GLY F 19 41.37 8.21 -22.50
C GLY F 19 42.07 8.87 -21.32
N PHE F 20 41.49 9.96 -20.85
CA PHE F 20 42.05 10.72 -19.73
C PHE F 20 40.98 11.67 -19.21
N LEU F 21 41.19 12.17 -17.99
CA LEU F 21 40.28 13.12 -17.37
C LEU F 21 40.83 14.54 -17.48
N GLN F 22 40.01 15.52 -17.86
CA GLN F 22 40.47 16.91 -17.90
C GLN F 22 39.98 17.67 -16.68
N CYS F 23 40.90 18.15 -15.86
CA CYS F 23 40.51 18.72 -14.58
C CYS F 23 40.80 20.20 -14.46
N GLY F 24 39.81 20.94 -13.98
CA GLY F 24 40.04 22.32 -13.61
C GLY F 24 40.63 22.40 -12.22
N VAL F 25 41.86 22.92 -12.12
CA VAL F 25 42.57 23.06 -10.87
C VAL F 25 43.11 24.48 -10.67
N ASN F 26 43.78 24.69 -9.55
CA ASN F 26 44.31 26.00 -9.19
C ASN F 26 45.43 26.45 -10.15
N THR F 27 45.67 27.75 -10.24
CA THR F 27 46.84 28.21 -11.02
C THR F 27 48.13 27.89 -10.29
N GLY F 28 48.05 27.78 -8.97
CA GLY F 28 49.24 27.54 -8.18
C GLY F 28 49.03 27.85 -6.70
N LEU F 29 48.75 26.81 -5.95
CA LEU F 29 48.51 26.95 -4.51
C LEU F 29 49.15 25.76 -3.79
N LEU F 30 50.24 26.02 -3.08
CA LEU F 30 51.00 24.95 -2.46
C LEU F 30 50.15 24.12 -1.51
N GLY F 31 50.29 22.80 -1.58
CA GLY F 31 49.48 21.91 -0.77
C GLY F 31 48.23 21.41 -1.46
N PHE F 32 47.69 22.22 -2.38
CA PHE F 32 46.40 21.90 -3.01
C PHE F 32 46.49 21.58 -4.49
N ALA F 33 47.17 22.44 -5.25
CA ALA F 33 47.40 22.20 -6.68
C ALA F 33 48.50 23.11 -7.17
N SER F 34 49.66 22.52 -7.47
N SER F 34 49.67 22.55 -7.45
CA SER F 34 50.82 23.28 -7.90
CA SER F 34 50.75 23.34 -8.00
C SER F 34 51.70 22.47 -8.85
C SER F 34 51.67 22.50 -8.86
N PRO F 35 52.16 23.09 -9.95
CA PRO F 35 53.14 22.44 -10.83
C PRO F 35 54.57 22.67 -10.36
N ASN F 36 55.42 21.66 -10.45
CA ASN F 36 56.84 21.86 -10.15
C ASN F 36 57.57 22.37 -11.38
N ASP F 37 58.90 22.42 -11.31
CA ASP F 37 59.74 22.94 -12.40
C ASP F 37 59.63 22.12 -13.68
N LYS F 38 59.19 20.87 -13.54
CA LYS F 38 59.07 19.96 -14.67
C LYS F 38 57.64 19.93 -15.21
N GLY F 39 56.78 20.76 -14.64
CA GLY F 39 55.38 20.82 -15.04
C GLY F 39 54.53 19.70 -14.46
N GLU F 40 55.05 18.99 -13.46
CA GLU F 40 54.32 17.90 -12.82
C GLU F 40 53.43 18.47 -11.71
N TRP F 41 52.19 18.02 -11.64
CA TRP F 41 51.25 18.57 -10.65
C TRP F 41 51.14 17.70 -9.41
N SER F 42 50.95 18.34 -8.26
CA SER F 42 50.75 17.62 -7.02
C SER F 42 49.90 18.48 -6.11
N GLY F 43 49.42 17.90 -5.02
CA GLY F 43 48.51 18.60 -4.12
C GLY F 43 47.28 17.78 -3.73
N PHE F 44 46.58 18.27 -2.71
CA PHE F 44 45.38 17.62 -2.20
C PHE F 44 44.30 17.50 -3.27
N ASP F 45 43.98 18.62 -3.91
CA ASP F 45 42.97 18.62 -4.95
C ASP F 45 43.46 17.85 -6.20
N VAL F 46 44.74 17.98 -6.51
CA VAL F 46 45.35 17.21 -7.60
C VAL F 46 45.18 15.70 -7.35
N ASP F 47 45.44 15.24 -6.13
CA ASP F 47 45.27 13.82 -5.82
C ASP F 47 43.82 13.38 -5.94
N TYR F 48 42.88 14.29 -5.65
CA TYR F 48 41.48 13.97 -5.85
C TYR F 48 41.22 13.73 -7.33
N CYS F 49 41.79 14.59 -8.17
CA CYS F 49 41.69 14.42 -9.63
C CYS F 49 42.24 13.06 -10.04
N ARG F 50 43.41 12.72 -9.52
CA ARG F 50 44.03 11.43 -9.84
C ARG F 50 43.22 10.24 -9.31
N ALA F 51 42.45 10.46 -8.24
CA ALA F 51 41.64 9.38 -7.68
C ALA F 51 40.53 9.02 -8.67
N VAL F 52 39.90 10.03 -9.27
CA VAL F 52 38.83 9.85 -10.26
C VAL F 52 39.43 9.18 -11.51
N ALA F 53 40.63 9.60 -11.88
CA ALA F 53 41.33 9.01 -13.02
C ALA F 53 41.63 7.54 -12.74
N SER F 54 41.98 7.25 -11.49
CA SER F 54 42.32 5.89 -11.11
C SER F 54 41.06 5.02 -11.15
N ALA F 55 39.93 5.62 -10.77
CA ALA F 55 38.68 4.87 -10.69
C ALA F 55 38.24 4.43 -12.09
N ILE F 56 38.59 5.23 -13.07
CA ILE F 56 38.11 5.01 -14.44
C ILE F 56 39.15 4.18 -15.20
N PHE F 57 40.39 4.62 -15.14
CA PHE F 57 41.46 4.05 -15.99
C PHE F 57 42.43 3.15 -15.27
N GLY F 58 42.37 3.12 -13.93
CA GLY F 58 43.30 2.32 -13.17
C GLY F 58 44.72 2.89 -13.22
N ASP F 59 44.83 4.18 -13.50
CA ASP F 59 46.12 4.82 -13.71
C ASP F 59 46.01 6.27 -13.27
N PRO F 60 46.74 6.65 -12.20
CA PRO F 60 46.60 8.04 -11.71
C PRO F 60 47.20 9.08 -12.65
N THR F 61 47.93 8.65 -13.69
CA THR F 61 48.54 9.61 -14.60
C THR F 61 47.64 9.98 -15.77
N LYS F 62 46.49 9.31 -15.92
CA LYS F 62 45.60 9.64 -17.03
C LYS F 62 44.76 10.86 -16.70
N VAL F 63 45.44 12.00 -16.58
N VAL F 63 45.47 11.98 -16.50
CA VAL F 63 44.79 13.24 -16.23
CA VAL F 63 44.84 13.27 -16.20
C VAL F 63 45.55 14.40 -16.88
C VAL F 63 45.55 14.36 -16.98
N LYS F 64 44.81 15.42 -17.28
CA LYS F 64 45.42 16.64 -17.80
C LYS F 64 44.83 17.77 -16.97
N PHE F 65 45.66 18.77 -16.68
CA PHE F 65 45.25 19.84 -15.80
C PHE F 65 45.09 21.18 -16.50
N THR F 66 43.97 21.83 -16.21
CA THR F 66 43.69 23.17 -16.70
C THR F 66 43.77 24.16 -15.53
N PRO F 67 44.86 24.96 -15.46
CA PRO F 67 44.90 25.94 -14.36
C PRO F 67 43.87 27.05 -14.56
N LEU F 68 43.16 27.42 -13.49
CA LEU F 68 42.07 28.39 -13.59
C LEU F 68 42.09 29.41 -12.46
N ASN F 69 42.07 30.70 -12.80
CA ASN F 69 41.97 31.71 -11.76
C ASN F 69 40.53 31.81 -11.23
N ALA F 70 40.32 32.66 -10.23
CA ALA F 70 39.05 32.69 -9.50
C ALA F 70 37.88 33.14 -10.39
N LYS F 71 38.18 33.99 -11.35
CA LYS F 71 37.10 34.50 -12.22
C LYS F 71 36.69 33.55 -13.35
N GLU F 72 37.59 32.68 -13.80
CA GLU F 72 37.31 31.86 -14.98
C GLU F 72 36.95 30.42 -14.68
N ARG F 73 37.04 30.01 -13.41
CA ARG F 73 36.90 28.59 -13.06
C ARG F 73 35.54 28.01 -13.40
N PHE F 74 34.48 28.79 -13.21
CA PHE F 74 33.14 28.27 -13.43
C PHE F 74 32.83 28.19 -14.92
N THR F 75 33.26 29.21 -15.68
N THR F 75 33.26 29.21 -15.67
CA THR F 75 33.04 29.21 -17.12
CA THR F 75 33.04 29.23 -17.12
C THR F 75 33.70 28.01 -17.79
C THR F 75 33.70 28.01 -17.78
N ALA F 76 34.89 27.64 -17.33
CA ALA F 76 35.63 26.51 -17.90
C ALA F 76 34.89 25.18 -17.71
N LEU F 77 34.21 25.02 -16.57
CA LEU F 77 33.36 23.86 -16.34
C LEU F 77 32.05 23.93 -17.11
N GLN F 78 31.40 25.09 -17.04
CA GLN F 78 30.15 25.29 -17.76
C GLN F 78 30.31 24.97 -19.24
N SER F 79 31.46 25.37 -19.82
CA SER F 79 31.66 25.28 -21.26
C SER F 79 31.98 23.87 -21.73
N GLY F 80 32.39 23.02 -20.79
CA GLY F 80 32.81 21.67 -21.13
C GLY F 80 34.30 21.57 -21.35
N GLU F 81 35.02 22.68 -21.21
CA GLU F 81 36.48 22.65 -21.33
C GLU F 81 37.11 21.70 -20.31
N VAL F 82 36.58 21.67 -19.08
CA VAL F 82 37.02 20.67 -18.11
C VAL F 82 35.84 19.78 -17.71
N ASP F 83 36.16 18.56 -17.32
CA ASP F 83 35.17 17.54 -16.95
C ASP F 83 34.72 17.66 -15.50
N VAL F 84 35.60 18.22 -14.67
CA VAL F 84 35.34 18.36 -13.23
C VAL F 84 36.20 19.52 -12.72
N LEU F 85 35.67 20.26 -11.74
CA LEU F 85 36.40 21.36 -11.11
C LEU F 85 36.67 20.98 -9.67
N ILE F 86 37.95 20.80 -9.34
CA ILE F 86 38.38 20.45 -8.00
C ILE F 86 39.46 21.46 -7.66
N ARG F 87 39.06 22.52 -6.98
CA ARG F 87 39.89 23.72 -6.92
C ARG F 87 39.45 24.64 -5.78
N ASN F 88 39.55 24.14 -4.54
CA ASN F 88 39.27 24.95 -3.33
C ASN F 88 38.09 25.89 -3.51
N THR F 89 37.02 25.35 -4.06
CA THR F 89 35.87 26.14 -4.48
C THR F 89 34.67 25.86 -3.59
N THR F 90 34.19 26.90 -2.93
CA THR F 90 33.15 26.78 -1.91
C THR F 90 31.78 26.49 -2.51
N TRP F 91 31.13 25.49 -1.96
CA TRP F 91 29.73 25.17 -2.28
C TRP F 91 28.83 26.21 -1.62
N THR F 92 28.07 26.98 -2.40
CA THR F 92 27.11 27.96 -1.86
C THR F 92 25.78 27.79 -2.57
N ILE F 93 24.71 28.36 -2.05
CA ILE F 93 23.42 28.18 -2.74
C ILE F 93 23.41 28.84 -4.12
N SER F 94 23.98 30.03 -4.25
N SER F 94 24.01 30.02 -4.25
CA SER F 94 23.99 30.73 -5.54
CA SER F 94 24.01 30.73 -5.53
C SER F 94 24.76 29.96 -6.60
C SER F 94 24.75 29.94 -6.60
N ARG F 95 25.87 29.33 -6.21
CA ARG F 95 26.64 28.52 -7.14
C ARG F 95 25.94 27.20 -7.50
N ASP F 96 25.02 26.77 -6.64
CA ASP F 96 24.26 25.51 -6.83
C ASP F 96 23.03 25.75 -7.72
N THR F 97 22.48 26.96 -7.64
CA THR F 97 21.19 27.23 -8.27
C THR F 97 21.29 28.04 -9.56
N SER F 98 22.31 28.89 -9.67
CA SER F 98 22.32 29.83 -10.79
C SER F 98 23.42 29.66 -11.85
N LEU F 99 24.21 28.60 -11.76
CA LEU F 99 25.33 28.44 -12.67
C LEU F 99 25.20 27.20 -13.55
N GLY F 100 24.13 26.44 -13.37
CA GLY F 100 23.99 25.16 -14.05
C GLY F 100 24.98 24.10 -13.56
N LEU F 101 25.36 24.23 -12.29
CA LEU F 101 26.34 23.33 -11.66
C LEU F 101 25.79 22.55 -10.49
N ASP F 102 26.36 21.38 -10.23
CA ASP F 102 26.06 20.62 -9.03
C ASP F 102 27.35 20.32 -8.26
N PHE F 103 27.19 19.85 -7.03
CA PHE F 103 28.36 19.48 -6.21
C PHE F 103 28.26 18.02 -5.77
N ALA F 104 29.36 17.27 -5.92
CA ALA F 104 29.31 15.82 -5.75
C ALA F 104 29.81 15.37 -4.37
N GLY F 105 30.31 16.32 -3.60
CA GLY F 105 30.80 16.00 -2.26
C GLY F 105 31.63 17.17 -1.78
N ILE F 106 32.01 17.11 -0.51
CA ILE F 106 32.83 18.15 0.12
C ILE F 106 34.14 17.49 0.53
N ASN F 107 35.23 17.80 -0.16
CA ASN F 107 36.46 17.08 0.16
C ASN F 107 37.29 17.78 1.23
N TYR F 108 36.89 18.98 1.61
CA TYR F 108 37.58 19.71 2.68
C TYR F 108 36.68 20.81 3.23
N TYR F 109 36.37 20.72 4.52
CA TYR F 109 35.57 21.74 5.20
C TYR F 109 36.50 22.85 5.69
N ASP F 110 36.40 24.05 5.12
CA ASP F 110 37.27 25.15 5.53
C ASP F 110 36.46 26.34 6.01
N GLY F 111 37.15 27.41 6.37
CA GLY F 111 36.54 28.64 6.81
C GLY F 111 37.50 29.79 6.51
N GLN F 112 36.98 31.01 6.36
CA GLN F 112 37.82 32.13 5.97
C GLN F 112 38.57 32.75 7.15
N GLY F 113 39.85 33.07 6.93
CA GLY F 113 40.67 33.69 7.94
C GLY F 113 41.52 34.86 7.46
N PHE F 114 42.38 35.36 8.34
CA PHE F 114 43.26 36.50 8.06
C PHE F 114 44.68 36.18 8.47
N MET F 115 45.62 36.64 7.66
CA MET F 115 47.05 36.46 7.93
C MET F 115 47.77 37.82 7.97
N ILE F 116 48.71 37.97 8.91
CA ILE F 116 49.49 39.20 9.06
C ILE F 116 50.97 38.84 9.18
N ASN F 117 51.82 39.83 8.90
CA ASN F 117 53.25 39.69 9.11
C ASN F 117 53.50 40.26 10.50
N SER F 118 53.78 39.39 11.47
CA SER F 118 53.88 39.82 12.86
C SER F 118 55.19 40.58 13.15
N LYS F 119 56.17 40.47 12.25
CA LYS F 119 57.38 41.31 12.37
C LYS F 119 57.07 42.74 11.97
N LYS F 120 56.14 42.92 11.05
CA LYS F 120 55.80 44.25 10.57
C LYS F 120 54.67 44.83 11.40
N LEU F 121 53.76 43.96 11.81
CA LEU F 121 52.61 44.38 12.59
C LEU F 121 52.55 43.60 13.89
N ALA F 122 53.23 44.11 14.91
CA ALA F 122 53.35 43.41 16.17
C ALA F 122 52.17 43.70 17.09
N GLY F 123 51.97 42.80 18.05
CA GLY F 123 50.93 42.99 19.04
C GLY F 123 49.52 42.71 18.55
N ILE F 124 49.38 42.17 17.35
CA ILE F 124 48.05 41.75 16.89
C ILE F 124 47.90 40.24 16.90
N ASN F 125 46.86 39.79 17.59
CA ASN F 125 46.59 38.38 17.74
C ASN F 125 45.12 38.07 17.45
N SER F 126 44.39 39.06 16.97
CA SER F 126 42.97 38.89 16.60
C SER F 126 42.53 39.69 15.38
N ALA F 127 41.68 39.11 14.55
CA ALA F 127 41.15 39.82 13.41
C ALA F 127 40.33 41.03 13.85
N LEU F 128 39.81 41.01 15.07
CA LEU F 128 39.04 42.15 15.57
C LEU F 128 39.92 43.39 15.85
N GLN F 129 41.24 43.22 15.73
CA GLN F 129 42.16 44.34 15.88
C GLN F 129 42.54 44.95 14.55
N LEU F 130 41.85 44.58 13.48
CA LEU F 130 42.26 45.00 12.14
C LEU F 130 41.56 46.25 11.60
N SER F 131 40.95 47.06 12.46
CA SER F 131 40.21 48.21 11.98
C SER F 131 41.15 49.18 11.27
N GLY F 132 40.77 49.61 10.07
CA GLY F 132 41.58 50.52 9.30
C GLY F 132 42.68 49.85 8.50
N ALA F 133 42.79 48.53 8.62
CA ALA F 133 43.85 47.79 7.93
C ALA F 133 43.55 47.65 6.44
N SER F 134 44.61 47.70 5.63
CA SER F 134 44.52 47.32 4.24
C SER F 134 44.58 45.80 4.15
N ILE F 135 43.61 45.19 3.49
CA ILE F 135 43.53 43.74 3.41
C ILE F 135 43.40 43.29 1.98
N CYS F 136 44.33 42.46 1.53
N CYS F 136 44.31 42.46 1.50
CA CYS F 136 44.29 41.89 0.18
CA CYS F 136 44.23 42.03 0.12
C CYS F 136 43.22 40.82 0.04
C CYS F 136 43.36 40.79 -0.06
N VAL F 137 42.56 40.80 -1.11
CA VAL F 137 41.60 39.75 -1.40
C VAL F 137 41.41 39.68 -2.91
N GLN F 138 41.02 38.50 -3.41
CA GLN F 138 40.76 38.36 -4.82
C GLN F 138 39.31 38.61 -5.17
N ALA F 139 39.11 39.23 -6.32
CA ALA F 139 37.77 39.36 -6.88
C ALA F 139 37.20 38.00 -7.27
N GLY F 140 35.88 37.91 -7.28
CA GLY F 140 35.24 36.70 -7.77
C GLY F 140 35.31 35.55 -6.77
N THR F 141 35.34 35.92 -5.51
CA THR F 141 35.40 34.95 -4.40
C THR F 141 34.31 35.18 -3.36
N THR F 142 33.94 34.11 -2.66
CA THR F 142 33.15 34.25 -1.45
C THR F 142 33.90 35.15 -0.47
N THR F 143 35.23 35.02 -0.49
CA THR F 143 36.11 35.73 0.42
C THR F 143 35.86 37.23 0.48
N GLU F 144 35.73 37.84 -0.70
CA GLU F 144 35.56 39.29 -0.74
C GLU F 144 34.24 39.71 -0.06
N LEU F 145 33.17 38.94 -0.29
CA LEU F 145 31.86 39.26 0.28
C LEU F 145 31.82 39.03 1.79
N ASN F 146 32.34 37.90 2.23
CA ASN F 146 32.35 37.56 3.65
C ASN F 146 33.14 38.59 4.46
N MET F 147 34.27 39.03 3.92
CA MET F 147 35.06 40.03 4.62
C MET F 147 34.24 41.29 4.87
N ALA F 148 33.53 41.74 3.85
CA ALA F 148 32.67 42.92 3.99
C ALA F 148 31.65 42.72 5.10
N ASP F 149 30.99 41.56 5.13
CA ASP F 149 30.00 41.25 6.15
C ASP F 149 30.62 41.33 7.54
N TYR F 150 31.79 40.72 7.70
CA TYR F 150 32.43 40.63 9.01
C TYR F 150 32.77 41.99 9.57
N PHE F 151 33.35 42.84 8.74
CA PHE F 151 33.75 44.15 9.20
C PHE F 151 32.53 45.03 9.46
N ARG F 152 31.50 44.88 8.64
CA ARG F 152 30.25 45.60 8.87
C ARG F 152 29.65 45.18 10.21
N ALA F 153 29.51 43.87 10.40
CA ALA F 153 28.93 43.29 11.61
C ALA F 153 29.64 43.76 12.88
N ASN F 154 30.95 43.88 12.81
CA ASN F 154 31.73 44.22 14.00
C ASN F 154 32.09 45.69 14.05
N LYS F 155 31.42 46.47 13.19
CA LYS F 155 31.54 47.93 13.13
C LYS F 155 33.00 48.39 13.01
N MET F 156 33.76 47.72 12.16
CA MET F 156 35.14 48.07 11.89
C MET F 156 35.31 48.71 10.50
N GLU F 157 36.09 49.79 10.42
CA GLU F 157 36.49 50.35 9.13
C GLU F 157 37.59 49.47 8.56
N TYR F 158 37.60 49.27 7.25
CA TYR F 158 38.71 48.57 6.62
C TYR F 158 38.90 49.01 5.18
N ASN F 159 40.07 48.70 4.63
CA ASN F 159 40.40 49.05 3.26
C ASN F 159 40.67 47.79 2.45
N PRO F 160 39.65 47.27 1.77
CA PRO F 160 39.88 46.10 0.91
C PRO F 160 40.81 46.46 -0.25
N VAL F 161 41.74 45.56 -0.58
CA VAL F 161 42.60 45.77 -1.74
C VAL F 161 42.36 44.58 -2.64
N VAL F 162 41.64 44.82 -3.74
CA VAL F 162 41.12 43.74 -4.56
C VAL F 162 42.03 43.46 -5.74
N PHE F 163 42.35 42.18 -5.93
CA PHE F 163 43.22 41.71 -7.00
C PHE F 163 42.53 40.70 -7.87
N GLU F 164 42.97 40.58 -9.12
CA GLU F 164 42.42 39.52 -9.95
C GLU F 164 43.40 38.36 -10.08
N LYS F 165 44.68 38.63 -9.87
CA LYS F 165 45.71 37.60 -9.95
C LYS F 165 46.24 37.30 -8.55
N ILE F 166 46.30 36.02 -8.20
CA ILE F 166 46.80 35.63 -6.87
C ILE F 166 48.27 36.05 -6.69
N GLU F 167 49.07 35.99 -7.76
CA GLU F 167 50.46 36.35 -7.61
C GLU F 167 50.59 37.83 -7.25
N GLU F 168 49.71 38.67 -7.80
CA GLU F 168 49.81 40.10 -7.48
C GLU F 168 49.38 40.37 -6.04
N ALA F 169 48.37 39.65 -5.57
CA ALA F 169 47.94 39.77 -4.18
C ALA F 169 49.07 39.34 -3.26
N ASN F 170 49.66 38.19 -3.55
CA ASN F 170 50.77 37.66 -2.75
C ASN F 170 51.89 38.66 -2.69
N ALA F 171 52.22 39.23 -3.84
CA ALA F 171 53.34 40.15 -3.90
C ALA F 171 53.03 41.46 -3.18
N ALA F 172 51.80 41.94 -3.30
CA ALA F 172 51.43 43.17 -2.59
C ALA F 172 51.54 42.98 -1.07
N TYR F 173 51.02 41.86 -0.61
CA TYR F 173 51.04 41.54 0.81
C TYR F 173 52.47 41.32 1.27
N ASP F 174 53.25 40.55 0.51
CA ASP F 174 54.63 40.29 0.93
C ASP F 174 55.50 41.57 1.03
N SER F 175 55.20 42.57 0.20
N SER F 175 55.18 42.56 0.19
CA SER F 175 55.98 43.81 0.22
CA SER F 175 55.91 43.84 0.17
C SER F 175 55.68 44.68 1.44
C SER F 175 55.65 44.69 1.41
N GLY F 176 54.63 44.32 2.17
CA GLY F 176 54.24 45.07 3.35
C GLY F 176 53.41 46.30 3.04
N ARG F 177 53.06 46.48 1.77
CA ARG F 177 52.28 47.64 1.38
C ARG F 177 50.78 47.39 1.64
N CYS F 178 50.44 46.15 1.97
CA CYS F 178 49.12 45.83 2.54
C CYS F 178 49.31 45.14 3.91
N ASP F 179 48.43 45.43 4.87
CA ASP F 179 48.58 44.92 6.24
C ASP F 179 48.21 43.45 6.45
N ALA F 180 47.27 42.93 5.66
CA ALA F 180 46.78 41.57 5.88
C ALA F 180 46.32 40.92 4.60
N TYR F 181 46.16 39.61 4.66
CA TYR F 181 45.77 38.80 3.53
C TYR F 181 44.56 37.98 3.96
N THR F 182 43.50 37.92 3.15
CA THR F 182 42.40 37.04 3.54
C THR F 182 42.03 36.06 2.44
N THR F 183 41.79 34.82 2.86
CA THR F 183 41.28 33.75 2.00
C THR F 183 40.94 32.60 2.93
N ASP F 184 40.64 31.43 2.37
CA ASP F 184 40.35 30.24 3.18
C ASP F 184 41.57 29.90 4.04
N GLN F 185 41.33 29.45 5.27
CA GLN F 185 42.44 29.17 6.17
C GLN F 185 43.46 28.20 5.58
N SER F 186 42.99 27.10 4.99
CA SER F 186 43.93 26.11 4.43
C SER F 186 44.74 26.77 3.32
N SER F 187 44.12 27.70 2.60
CA SER F 187 44.84 28.39 1.53
C SER F 187 45.90 29.36 2.07
N LEU F 188 45.63 29.94 3.22
CA LEU F 188 46.61 30.83 3.85
C LEU F 188 47.88 30.04 4.17
N TYR F 189 47.72 28.79 4.62
CA TYR F 189 48.90 27.96 4.85
C TYR F 189 49.72 27.84 3.58
N GLY F 190 49.04 27.65 2.45
CA GLY F 190 49.70 27.49 1.16
C GLY F 190 50.32 28.76 0.63
N VAL F 191 49.58 29.86 0.75
CA VAL F 191 50.12 31.17 0.34
C VAL F 191 51.38 31.50 1.15
N ARG F 192 51.32 31.26 2.46
CA ARG F 192 52.42 31.57 3.36
C ARG F 192 53.72 30.91 2.91
N LEU F 193 53.65 29.65 2.47
CA LEU F 193 54.87 28.94 2.07
C LEU F 193 55.49 29.53 0.79
N ALA F 194 54.73 30.37 0.08
CA ALA F 194 55.25 30.96 -1.17
C ALA F 194 55.91 32.34 -0.94
N LEU F 195 55.84 32.83 0.29
CA LEU F 195 56.30 34.17 0.59
C LEU F 195 57.81 34.18 0.88
N ALA F 196 58.38 35.37 0.97
CA ALA F 196 59.83 35.50 1.05
C ALA F 196 60.33 34.91 2.36
N ASN F 197 59.61 35.14 3.43
CA ASN F 197 59.94 34.60 4.76
C ASN F 197 58.72 34.03 5.45
N PRO F 198 58.36 32.78 5.12
CA PRO F 198 57.13 32.17 5.61
C PRO F 198 56.91 32.29 7.12
N ASP F 199 57.96 32.10 7.92
CA ASP F 199 57.72 32.04 9.36
C ASP F 199 57.48 33.41 10.00
N ASP F 200 57.58 34.48 9.23
CA ASP F 200 57.18 35.80 9.74
C ASP F 200 55.66 36.01 9.78
N HIS F 201 54.91 35.12 9.13
CA HIS F 201 53.48 35.32 8.97
C HIS F 201 52.62 34.47 9.92
N VAL F 202 51.60 35.11 10.46
CA VAL F 202 50.73 34.52 11.46
C VAL F 202 49.31 34.45 10.94
N ILE F 203 48.73 33.26 10.99
CA ILE F 203 47.33 33.09 10.65
C ILE F 203 46.52 33.31 11.91
N LEU F 204 45.75 34.39 11.93
CA LEU F 204 44.99 34.73 13.13
C LEU F 204 43.89 33.68 13.39
N PRO F 205 43.43 33.56 14.65
CA PRO F 205 42.54 32.46 15.05
C PRO F 205 41.14 32.49 14.44
N GLU F 206 40.63 33.70 14.19
CA GLU F 206 39.24 33.87 13.76
C GLU F 206 38.92 33.14 12.48
N ILE F 207 37.75 32.50 12.50
CA ILE F 207 37.15 31.93 11.31
C ILE F 207 35.82 32.63 11.11
N ILE F 208 35.65 33.28 9.96
CA ILE F 208 34.50 34.17 9.79
C ILE F 208 33.46 33.66 8.80
N SER F 209 33.61 32.44 8.31
CA SER F 209 32.68 31.92 7.32
C SER F 209 32.77 30.43 7.24
N LYS F 210 31.75 29.81 6.65
CA LYS F 210 31.82 28.41 6.24
C LYS F 210 32.27 28.35 4.79
N GLU F 211 33.32 27.59 4.53
CA GLU F 211 33.82 27.40 3.18
C GLU F 211 33.99 25.90 2.86
N PRO F 212 32.87 25.19 2.65
CA PRO F 212 32.99 23.79 2.25
C PRO F 212 33.47 23.65 0.80
N PHE F 213 34.67 23.12 0.60
CA PHE F 213 35.21 22.90 -0.75
C PHE F 213 34.46 21.76 -1.46
N GLY F 214 33.87 22.07 -2.61
CA GLY F 214 33.03 21.13 -3.32
C GLY F 214 33.62 20.55 -4.59
N LEU F 215 33.35 19.27 -4.81
CA LEU F 215 33.69 18.60 -6.05
C LEU F 215 32.64 19.01 -7.05
N THR F 216 33.02 19.88 -7.98
CA THR F 216 32.03 20.59 -8.78
C THR F 216 31.90 20.00 -10.17
N VAL F 217 30.66 19.72 -10.59
CA VAL F 217 30.36 19.14 -11.89
C VAL F 217 29.21 19.93 -12.53
N ARG F 218 28.98 19.70 -13.82
CA ARG F 218 27.80 20.25 -14.47
C ARG F 218 26.54 19.52 -14.01
N GLN F 219 25.43 20.25 -13.93
CA GLN F 219 24.13 19.62 -13.76
C GLN F 219 23.81 18.78 -14.99
N GLY F 220 22.84 17.87 -14.87
CA GLY F 220 22.33 17.17 -16.04
C GLY F 220 23.03 15.88 -16.49
N ASP F 221 23.85 15.31 -15.61
CA ASP F 221 24.58 14.08 -15.93
C ASP F 221 24.82 13.35 -14.62
N ALA F 222 23.81 12.61 -14.19
CA ALA F 222 23.84 12.00 -12.88
C ALA F 222 24.86 10.90 -12.82
N ARG F 223 25.10 10.22 -13.94
CA ARG F 223 26.07 9.13 -13.99
C ARG F 223 27.46 9.66 -13.66
N TRP F 224 27.79 10.82 -14.22
CA TRP F 224 29.11 11.43 -14.00
C TRP F 224 29.24 11.91 -12.56
N ALA F 225 28.19 12.57 -12.09
CA ALA F 225 28.20 13.06 -10.72
C ALA F 225 28.38 11.90 -9.75
N ASP F 226 27.73 10.76 -10.03
CA ASP F 226 27.88 9.55 -9.21
C ASP F 226 29.34 9.07 -9.16
N VAL F 227 30.04 9.13 -10.29
CA VAL F 227 31.43 8.66 -10.33
C VAL F 227 32.29 9.55 -9.44
N VAL F 228 32.10 10.86 -9.55
CA VAL F 228 32.89 11.79 -8.73
C VAL F 228 32.52 11.63 -7.26
N ARG F 229 31.22 11.60 -6.98
CA ARG F 229 30.72 11.44 -5.61
C ARG F 229 31.23 10.15 -4.95
N TRP F 230 31.16 9.04 -5.67
CA TRP F 230 31.54 7.78 -5.05
C TRP F 230 33.04 7.53 -5.04
N THR F 231 33.79 8.23 -5.89
CA THR F 231 35.25 8.23 -5.73
C THR F 231 35.56 8.84 -4.35
N HIS F 232 34.97 9.98 -4.06
CA HIS F 232 35.15 10.66 -2.76
C HIS F 232 34.73 9.76 -1.60
N ASN F 233 33.54 9.15 -1.69
CA ASN F 233 33.09 8.34 -0.56
C ASN F 233 33.85 7.03 -0.44
N ALA F 234 34.39 6.53 -1.56
CA ALA F 234 35.26 5.36 -1.48
C ALA F 234 36.53 5.71 -0.69
N LEU F 235 37.07 6.91 -0.95
CA LEU F 235 38.28 7.37 -0.24
C LEU F 235 38.01 7.42 1.27
N LEU F 236 36.85 7.94 1.64
CA LEU F 236 36.48 8.01 3.06
C LEU F 236 36.26 6.63 3.69
N ASN F 237 35.48 5.79 3.02
CA ASN F 237 35.26 4.45 3.53
C ASN F 237 36.55 3.67 3.67
N ALA F 238 37.45 3.83 2.70
CA ALA F 238 38.70 3.07 2.75
C ALA F 238 39.48 3.45 4.00
N GLU F 239 39.57 4.74 4.27
CA GLU F 239 40.26 5.18 5.50
C GLU F 239 39.57 4.63 6.73
N GLU F 240 38.24 4.69 6.75
CA GLU F 240 37.51 4.21 7.93
C GLU F 240 37.80 2.72 8.21
N TYR F 241 37.95 1.94 7.15
CA TYR F 241 38.17 0.49 7.30
C TYR F 241 39.64 0.11 7.35
N GLY F 242 40.52 1.10 7.36
CA GLY F 242 41.95 0.88 7.43
C GLY F 242 42.59 0.30 6.18
N ILE F 243 42.00 0.61 5.04
CA ILE F 243 42.51 0.13 3.76
C ILE F 243 43.39 1.23 3.18
N THR F 244 44.65 0.88 2.90
CA THR F 244 45.65 1.84 2.44
C THR F 244 46.25 1.44 1.11
N GLN F 245 46.98 2.37 0.50
CA GLN F 245 47.71 2.06 -0.72
C GLN F 245 48.59 0.83 -0.54
N ALA F 246 49.21 0.72 0.63
CA ALA F 246 50.17 -0.36 0.88
C ALA F 246 49.49 -1.72 1.10
N ASN F 247 48.29 -1.73 1.65
CA ASN F 247 47.68 -3.00 2.03
C ASN F 247 46.43 -3.41 1.24
N VAL F 248 46.02 -2.65 0.23
CA VAL F 248 44.72 -2.90 -0.39
C VAL F 248 44.69 -4.26 -1.17
N GLU F 249 45.78 -4.64 -1.79
CA GLU F 249 45.90 -5.96 -2.40
C GLU F 249 45.65 -7.09 -1.42
N GLU F 250 46.25 -6.99 -0.25
CA GLU F 250 46.02 -7.95 0.82
C GLU F 250 44.59 -7.85 1.35
N MET F 251 44.07 -6.63 1.52
CA MET F 251 42.70 -6.48 2.04
C MET F 251 41.65 -7.02 1.09
N LYS F 252 41.99 -7.13 -0.19
CA LYS F 252 41.14 -7.81 -1.17
C LYS F 252 40.75 -9.22 -0.72
N LYS F 253 41.55 -9.84 0.13
CA LYS F 253 41.30 -11.20 0.60
C LYS F 253 40.64 -11.21 1.97
N SER F 254 40.19 -10.05 2.45
CA SER F 254 39.58 -9.96 3.77
C SER F 254 38.28 -10.76 3.85
N ASP F 255 38.01 -11.33 5.02
CA ASP F 255 36.73 -12.00 5.30
C ASP F 255 35.69 -11.00 5.82
N ASN F 256 36.12 -9.79 6.13
CA ASN F 256 35.22 -8.74 6.62
C ASN F 256 34.25 -8.38 5.50
N PRO F 257 32.94 -8.62 5.73
CA PRO F 257 31.98 -8.42 4.64
C PRO F 257 31.99 -7.00 4.06
N ASP F 258 32.17 -5.99 4.91
CA ASP F 258 32.19 -4.60 4.45
C ASP F 258 33.37 -4.36 3.52
N ILE F 259 34.52 -4.88 3.90
CA ILE F 259 35.73 -4.72 3.12
C ILE F 259 35.67 -5.53 1.83
N LYS F 260 35.20 -6.77 1.95
CA LYS F 260 35.04 -7.63 0.78
C LYS F 260 34.13 -6.95 -0.25
N ARG F 261 33.01 -6.41 0.22
CA ARG F 261 32.10 -5.67 -0.65
C ARG F 261 32.71 -4.40 -1.24
N LEU F 262 33.37 -3.60 -0.41
CA LEU F 262 33.99 -2.36 -0.88
C LEU F 262 34.99 -2.63 -2.02
N LEU F 263 35.79 -3.68 -1.88
CA LEU F 263 36.91 -3.89 -2.80
C LEU F 263 36.52 -4.81 -3.99
N GLY F 264 35.22 -5.07 -4.12
CA GLY F 264 34.69 -5.84 -5.24
C GLY F 264 35.06 -7.31 -5.27
N ALA F 265 35.29 -7.93 -4.11
CA ALA F 265 35.69 -9.33 -4.05
C ALA F 265 34.52 -10.31 -3.93
N GLU F 266 33.31 -9.83 -3.65
CA GLU F 266 32.21 -10.76 -3.41
C GLU F 266 31.56 -11.29 -4.69
N ALA F 267 30.93 -12.46 -4.69
N ALA F 267 30.82 -12.37 -4.42
CA ALA F 267 30.74 -13.26 -5.94
CA ALA F 267 29.96 -13.10 -5.33
C ALA F 267 30.15 -12.62 -7.25
C ALA F 267 28.82 -12.26 -5.86
N ASP F 268 29.05 -11.89 -7.09
CA ASP F 268 28.13 -11.37 -8.10
C ASP F 268 27.84 -9.92 -7.85
N THR F 269 28.76 -9.24 -7.16
CA THR F 269 28.55 -7.84 -6.87
C THR F 269 28.42 -7.03 -8.15
N LYS F 270 27.49 -6.07 -8.12
CA LYS F 270 27.23 -5.20 -9.24
C LYS F 270 27.52 -3.75 -8.88
N ILE F 271 28.17 -3.52 -7.75
CA ILE F 271 28.38 -2.14 -7.29
C ILE F 271 29.17 -1.33 -8.30
N GLY F 272 30.36 -1.83 -8.66
CA GLY F 272 31.20 -1.13 -9.61
C GLY F 272 30.62 -0.97 -11.00
N THR F 273 30.04 -2.05 -11.53
CA THR F 273 29.51 -1.97 -12.88
C THR F 273 28.23 -1.13 -12.95
N ASP F 274 27.44 -1.10 -11.88
CA ASP F 274 26.29 -0.22 -11.81
C ASP F 274 26.75 1.23 -11.82
N LEU F 275 27.94 1.47 -11.28
CA LEU F 275 28.53 2.81 -11.25
C LEU F 275 29.10 3.17 -12.64
N GLY F 276 29.28 2.14 -13.48
CA GLY F 276 29.78 2.34 -14.83
C GLY F 276 31.27 2.06 -14.94
N LEU F 277 31.82 1.45 -13.89
CA LEU F 277 33.24 1.16 -13.79
C LEU F 277 33.46 -0.34 -13.70
N ASP F 278 34.64 -0.77 -13.26
CA ASP F 278 34.92 -2.19 -13.09
C ASP F 278 34.65 -2.59 -11.65
N LYS F 279 34.64 -3.89 -11.37
CA LYS F 279 34.24 -4.37 -10.04
C LYS F 279 35.26 -3.96 -8.97
N ASP F 280 36.51 -3.74 -9.36
CA ASP F 280 37.54 -3.41 -8.40
C ASP F 280 37.94 -1.94 -8.48
N TRP F 281 36.98 -1.10 -8.81
CA TRP F 281 37.18 0.35 -8.94
C TRP F 281 37.82 0.95 -7.68
N VAL F 282 37.43 0.47 -6.51
CA VAL F 282 37.99 1.01 -5.27
C VAL F 282 39.44 0.57 -5.09
N VAL F 283 39.73 -0.69 -5.44
CA VAL F 283 41.12 -1.14 -5.43
C VAL F 283 41.95 -0.23 -6.32
N LYS F 284 41.41 0.11 -7.49
CA LYS F 284 42.16 0.97 -8.40
C LYS F 284 42.42 2.34 -7.76
N ILE F 285 41.40 2.88 -7.11
CA ILE F 285 41.51 4.20 -6.50
C ILE F 285 42.59 4.17 -5.44
N ILE F 286 42.54 3.19 -4.56
CA ILE F 286 43.44 3.15 -3.41
C ILE F 286 44.87 2.86 -3.85
N LYS F 287 45.07 1.93 -4.78
CA LYS F 287 46.40 1.74 -5.38
C LYS F 287 46.96 3.03 -6.01
N GLY F 288 46.09 3.80 -6.64
CA GLY F 288 46.47 5.04 -7.31
C GLY F 288 46.95 6.14 -6.36
N VAL F 289 46.20 6.38 -5.28
CA VAL F 289 46.42 7.58 -4.46
C VAL F 289 46.33 7.35 -2.96
N GLY F 290 46.00 6.14 -2.53
CA GLY F 290 45.80 5.88 -1.11
C GLY F 290 44.42 6.35 -0.66
N ASN F 291 44.14 6.23 0.63
CA ASN F 291 42.83 6.67 1.12
C ASN F 291 42.81 8.17 1.49
N TYR F 292 41.66 8.66 1.94
CA TYR F 292 41.49 10.08 2.24
C TYR F 292 42.58 10.57 3.18
N GLY F 293 42.83 9.80 4.23
CA GLY F 293 43.82 10.18 5.24
C GLY F 293 45.21 10.25 4.65
N GLU F 294 45.52 9.34 3.72
CA GLU F 294 46.86 9.36 3.09
C GLU F 294 47.03 10.59 2.22
N ILE F 295 45.96 10.95 1.52
CA ILE F 295 45.93 12.16 0.70
C ILE F 295 46.09 13.40 1.59
N PHE F 296 45.32 13.45 2.67
CA PHE F 296 45.46 14.56 3.63
C PHE F 296 46.91 14.68 4.13
N GLU F 297 47.43 13.59 4.71
CA GLU F 297 48.76 13.62 5.32
C GLU F 297 49.89 14.07 4.38
N ARG F 298 49.91 13.52 3.16
CA ARG F 298 51.03 13.76 2.27
C ARG F 298 51.03 15.18 1.72
N ASN F 299 49.84 15.77 1.58
CA ASN F 299 49.74 17.06 0.92
C ASN F 299 49.64 18.26 1.87
N ILE F 300 48.86 18.13 2.94
CA ILE F 300 48.57 19.27 3.81
C ILE F 300 48.72 19.01 5.30
N GLY F 301 48.87 17.73 5.68
CA GLY F 301 48.98 17.36 7.08
C GLY F 301 50.39 17.04 7.55
N SER F 302 50.52 15.98 8.36
CA SER F 302 51.77 15.70 9.08
C SER F 302 52.92 15.31 8.18
N GLY F 303 52.64 14.86 6.96
CA GLY F 303 53.70 14.56 6.00
C GLY F 303 53.98 15.66 4.99
N SER F 304 53.58 16.89 5.32
CA SER F 304 53.73 18.04 4.42
C SER F 304 54.28 19.25 5.16
N PRO F 305 54.77 20.26 4.42
CA PRO F 305 55.24 21.46 5.12
C PRO F 305 54.09 22.35 5.63
N LEU F 306 52.85 22.09 5.20
CA LEU F 306 51.73 22.89 5.70
C LEU F 306 51.37 22.55 7.15
N LYS F 307 51.35 21.27 7.50
CA LYS F 307 51.05 20.82 8.87
C LYS F 307 49.72 21.34 9.39
N ILE F 308 48.69 21.27 8.55
CA ILE F 308 47.32 21.59 9.00
C ILE F 308 46.77 20.48 9.88
N ALA F 309 46.18 20.85 11.02
CA ALA F 309 45.48 19.90 11.88
C ALA F 309 44.35 19.19 11.13
N ARG F 310 44.12 17.89 11.41
CA ARG F 310 42.99 17.19 10.74
C ARG F 310 41.70 17.90 11.08
N GLY F 311 41.51 18.23 12.36
CA GLY F 311 40.40 19.07 12.77
C GLY F 311 39.05 18.58 12.29
N LEU F 312 38.30 19.46 11.63
CA LEU F 312 36.95 19.15 11.14
C LEU F 312 36.99 18.14 10.01
N ASN F 313 38.16 17.92 9.42
CA ASN F 313 38.24 16.94 8.36
C ASN F 313 38.70 15.57 8.85
N ALA F 314 38.69 15.39 10.17
CA ALA F 314 38.82 14.05 10.70
C ALA F 314 37.60 13.23 10.30
N GLN F 315 37.72 11.92 10.38
CA GLN F 315 36.57 11.03 10.20
C GLN F 315 35.44 11.33 11.19
N TRP F 316 34.22 11.06 10.73
CA TRP F 316 33.00 11.23 11.52
C TRP F 316 33.05 10.51 12.87
N ASN F 317 33.74 9.38 12.94
CA ASN F 317 33.80 8.58 14.17
C ASN F 317 35.07 8.87 14.95
N LYS F 318 35.77 9.92 14.53
CA LYS F 318 36.95 10.40 15.25
C LYS F 318 36.83 11.90 15.58
N GLY F 319 35.60 12.41 15.61
CA GLY F 319 35.36 13.79 15.99
C GLY F 319 35.35 14.85 14.90
N GLY F 320 35.43 14.42 13.64
CA GLY F 320 35.34 15.33 12.52
C GLY F 320 34.01 15.22 11.78
N LEU F 321 33.95 15.86 10.61
CA LEU F 321 32.73 15.91 9.79
C LEU F 321 32.74 14.95 8.58
N GLN F 322 33.90 14.35 8.28
CA GLN F 322 34.01 13.56 7.04
C GLN F 322 33.36 12.18 7.19
N TYR F 323 32.28 11.97 6.44
CA TYR F 323 31.42 10.79 6.62
C TYR F 323 31.24 10.07 5.30
N GLY F 324 31.80 8.86 5.22
CA GLY F 324 31.71 8.08 3.98
C GLY F 324 30.33 7.43 3.92
N ILE F 325 29.51 7.84 2.98
CA ILE F 325 28.21 7.20 2.78
C ILE F 325 28.46 5.72 2.43
N PRO F 326 27.61 4.79 2.90
CA PRO F 326 27.97 3.36 2.80
C PRO F 326 27.94 2.81 1.37
N VAL F 327 28.92 1.95 1.11
CA VAL F 327 29.04 1.25 -0.16
C VAL F 327 28.30 -0.06 0.07
N ARG F 328 27.00 0.01 -0.19
CA ARG F 328 26.03 -0.99 0.27
C ARG F 328 24.94 -1.14 -0.79
#